data_3SFU
#
_entry.id   3SFU
#
_cell.length_a   119.952
_cell.length_b   196.084
_cell.length_c   109.206
_cell.angle_alpha   90.00
_cell.angle_beta   114.12
_cell.angle_gamma   90.00
#
_symmetry.space_group_name_H-M   'C 1 2 1'
#
loop_
_entity.id
_entity.type
_entity.pdbx_description
1 polymer 'RNA polymerase'
2 non-polymer 1-(beta-D-ribofuranosyl)-1H-1,2,4-triazole-3-carboxamide
3 non-polymer 'SULFATE ION'
4 non-polymer 'MAGNESIUM ION'
5 non-polymer GLYCEROL
6 water water
#
_entity_poly.entity_id   1
_entity_poly.type   'polypeptide(L)'
_entity_poly.pdbx_seq_one_letter_code
;MLPRPSGTYAGLPIADYGDAPPLSTKTMFWRTSPEKLPPGAWEPAYLGSKDERVDGPSLQQVMRDQLKPYSEPRGLLPPQ
EILDAVCDAIENRLENTLEPQKPWTFKKACESLDKNTSSGYPYHKQKSKDWTGSAFIGDLGDQATHANNMYEMGKSMRPI
YTAALKDELVKPDKIYGKIKKRLLWGSDLGTMIRAARAFGPFCDALKETCIFNPIRVGMSMNEDGPFIFARHANFRYHMD
ADYTRWDSTQQRAILKRAGDIMVRLSPEPDLARVVMDDLLAPSLLDVGDYKIVVEEGLPSGCPCTTQLNSLAHWILTLCA
MVEVTRVDPDIVMQESEFSFYGDDEVVSTNLELDMVKYTMALRRYGLLPTRADKEEGPLERRQTLQGISFLRRAIVGDQF
GWYGRLDRASIDRQLLWTKGPNHQNPFETLPGHAQRPSQLMALLGEAAMHGEKYYRTVASRVSKEAAQSGIEMVVPRHRS
VLRWVRFGTMDAETPQERSAVFVNEDAAALEHHHHHH
;
_entity_poly.pdbx_strand_id   A,B,C
#
loop_
_chem_comp.id
_chem_comp.type
_chem_comp.name
_chem_comp.formula
GOL non-polymer GLYCEROL 'C3 H8 O3'
MG non-polymer 'MAGNESIUM ION' 'Mg 2'
RBV non-polymer 1-(beta-D-ribofuranosyl)-1H-1,2,4-triazole-3-carboxamide 'C8 H12 N4 O5'
SO4 non-polymer 'SULFATE ION' 'O4 S -2'
#
# COMPACT_ATOMS: atom_id res chain seq x y z
N LEU A 2 -19.37 -8.61 -47.53
CA LEU A 2 -18.46 -8.71 -46.40
C LEU A 2 -17.16 -7.92 -46.56
N PRO A 3 -17.23 -6.69 -47.11
CA PRO A 3 -16.04 -5.85 -47.14
C PRO A 3 -15.73 -5.22 -45.76
N ARG A 4 -16.44 -4.13 -45.45
CA ARG A 4 -16.36 -3.51 -44.12
C ARG A 4 -17.76 -3.13 -43.64
N PRO A 5 -17.96 -3.10 -42.32
CA PRO A 5 -19.28 -2.88 -41.72
C PRO A 5 -19.87 -1.50 -42.04
N SER A 6 -21.19 -1.42 -42.08
CA SER A 6 -21.94 -0.16 -42.16
C SER A 6 -23.38 -0.42 -41.75
N GLY A 7 -23.89 0.37 -40.81
CA GLY A 7 -25.21 0.16 -40.27
C GLY A 7 -25.19 -0.42 -38.86
N THR A 8 -26.31 -0.31 -38.16
CA THR A 8 -26.36 -0.70 -36.78
C THR A 8 -27.63 -1.49 -36.46
N TYR A 9 -27.47 -2.58 -35.72
CA TYR A 9 -28.62 -3.33 -35.27
C TYR A 9 -28.42 -3.72 -33.82
N ALA A 10 -29.39 -3.41 -32.99
CA ALA A 10 -29.29 -3.64 -31.54
C ALA A 10 -27.96 -3.12 -30.97
N GLY A 11 -27.53 -1.97 -31.44
CA GLY A 11 -26.36 -1.31 -30.91
C GLY A 11 -25.05 -1.87 -31.40
N LEU A 12 -25.11 -2.85 -32.31
CA LEU A 12 -23.91 -3.46 -32.86
C LEU A 12 -23.81 -3.29 -34.37
N PRO A 13 -22.58 -3.31 -34.90
CA PRO A 13 -22.37 -3.08 -36.35
C PRO A 13 -22.88 -4.23 -37.25
N ILE A 14 -23.57 -3.87 -38.33
CA ILE A 14 -24.01 -4.85 -39.31
C ILE A 14 -22.90 -5.08 -40.29
N ALA A 15 -22.58 -6.35 -40.52
CA ALA A 15 -21.51 -6.67 -41.45
C ALA A 15 -22.08 -7.29 -42.72
N ASP A 16 -23.27 -7.84 -42.61
CA ASP A 16 -23.82 -8.51 -43.77
C ASP A 16 -25.29 -8.82 -43.59
N TYR A 17 -25.97 -9.07 -44.70
CA TYR A 17 -27.33 -9.59 -44.67
C TYR A 17 -27.34 -10.93 -43.97
N GLY A 18 -28.47 -11.27 -43.36
CA GLY A 18 -28.58 -12.52 -42.61
C GLY A 18 -29.05 -13.68 -43.47
N ASP A 19 -28.78 -14.89 -42.99
CA ASP A 19 -29.22 -16.11 -43.68
C ASP A 19 -29.96 -17.06 -42.74
N ALA A 20 -30.08 -16.69 -41.47
CA ALA A 20 -30.65 -17.60 -40.49
C ALA A 20 -32.16 -17.78 -40.67
N PRO A 21 -32.64 -18.99 -40.38
CA PRO A 21 -34.08 -19.22 -40.39
C PRO A 21 -34.71 -18.39 -39.28
N PRO A 22 -36.03 -18.21 -39.33
CA PRO A 22 -36.70 -17.47 -38.26
C PRO A 22 -36.58 -18.20 -36.94
N LEU A 23 -36.53 -17.44 -35.85
CA LEU A 23 -36.58 -18.00 -34.51
C LEU A 23 -37.78 -18.95 -34.36
N SER A 24 -37.58 -20.01 -33.59
CA SER A 24 -38.63 -20.99 -33.36
C SER A 24 -39.78 -20.40 -32.54
N THR A 25 -41.00 -20.76 -32.90
CA THR A 25 -42.16 -20.33 -32.13
C THR A 25 -42.71 -21.49 -31.32
N LYS A 26 -41.95 -22.58 -31.26
CA LYS A 26 -42.44 -23.79 -30.61
C LYS A 26 -41.60 -24.25 -29.41
N THR A 27 -42.19 -25.11 -28.58
CA THR A 27 -41.49 -25.66 -27.44
C THR A 27 -41.53 -27.18 -27.54
N MET A 28 -40.59 -27.86 -26.87
CA MET A 28 -40.52 -29.31 -26.88
C MET A 28 -41.22 -29.89 -25.67
N PHE A 29 -41.66 -29.01 -24.78
CA PHE A 29 -42.31 -29.44 -23.56
C PHE A 29 -43.84 -29.61 -23.70
N TRP A 30 -44.34 -30.67 -23.09
CA TRP A 30 -45.77 -30.97 -23.08
C TRP A 30 -46.16 -31.25 -21.66
N ARG A 31 -47.37 -30.86 -21.28
CA ARG A 31 -47.85 -31.24 -19.95
C ARG A 31 -48.00 -32.75 -19.86
N THR A 32 -47.82 -33.29 -18.65
CA THR A 32 -48.00 -34.72 -18.46
C THR A 32 -49.44 -35.02 -18.06
N SER A 33 -50.20 -33.97 -17.73
CA SER A 33 -51.57 -34.16 -17.30
C SER A 33 -52.41 -32.93 -17.66
N PRO A 34 -53.71 -33.14 -17.91
CA PRO A 34 -54.58 -32.03 -18.30
C PRO A 34 -54.93 -31.15 -17.12
N GLU A 35 -54.72 -31.68 -15.91
CA GLU A 35 -54.99 -30.94 -14.69
C GLU A 35 -54.42 -29.53 -14.76
N LYS A 36 -54.88 -28.68 -13.85
CA LYS A 36 -54.41 -27.30 -13.82
C LYS A 36 -53.09 -27.23 -13.04
N LEU A 37 -52.14 -26.46 -13.57
CA LEU A 37 -50.88 -26.21 -12.92
C LEU A 37 -51.06 -25.54 -11.56
N PRO A 38 -50.24 -25.95 -10.59
CA PRO A 38 -50.18 -25.23 -9.32
C PRO A 38 -49.84 -23.79 -9.63
N PRO A 39 -50.29 -22.86 -8.76
CA PRO A 39 -49.98 -21.46 -8.99
C PRO A 39 -48.49 -21.19 -8.78
N GLY A 40 -47.90 -20.35 -9.65
CA GLY A 40 -46.49 -20.04 -9.57
C GLY A 40 -45.60 -21.04 -10.28
N ALA A 41 -46.22 -22.04 -10.92
CA ALA A 41 -45.50 -23.09 -11.64
C ALA A 41 -44.64 -22.54 -12.76
N TRP A 42 -43.48 -23.15 -12.97
CA TRP A 42 -42.69 -22.81 -14.14
C TRP A 42 -43.42 -23.23 -15.40
N GLU A 43 -43.08 -22.58 -16.51
CA GLU A 43 -43.65 -22.89 -17.82
C GLU A 43 -42.57 -22.68 -18.87
N PRO A 44 -42.75 -23.30 -20.03
CA PRO A 44 -41.81 -23.09 -21.14
C PRO A 44 -41.72 -21.60 -21.49
N ALA A 45 -40.53 -21.14 -21.86
CA ALA A 45 -40.31 -19.74 -22.19
C ALA A 45 -41.23 -19.28 -23.32
N TYR A 46 -41.36 -17.96 -23.41
CA TYR A 46 -42.18 -17.24 -24.38
C TYR A 46 -41.98 -17.70 -25.82
N LEU A 47 -43.08 -17.91 -26.54
CA LEU A 47 -43.03 -18.43 -27.90
C LEU A 47 -43.25 -17.34 -28.98
N GLY A 48 -43.39 -16.09 -28.55
CA GLY A 48 -43.49 -14.99 -29.48
C GLY A 48 -44.93 -14.59 -29.74
N SER A 49 -45.16 -13.98 -30.89
CA SER A 49 -46.47 -13.40 -31.22
C SER A 49 -47.61 -14.41 -31.26
N LYS A 50 -47.28 -15.67 -31.52
CA LYS A 50 -48.30 -16.70 -31.62
C LYS A 50 -48.62 -17.30 -30.25
N ASP A 51 -47.91 -16.86 -29.22
CA ASP A 51 -48.05 -17.45 -27.90
C ASP A 51 -49.36 -17.05 -27.21
N GLU A 52 -50.32 -17.96 -27.20
CA GLU A 52 -51.62 -17.73 -26.60
C GLU A 52 -51.62 -17.21 -25.17
N ARG A 53 -50.54 -17.44 -24.41
CA ARG A 53 -50.55 -17.15 -22.97
C ARG A 53 -50.42 -15.66 -22.63
N VAL A 54 -49.78 -14.89 -23.51
CA VAL A 54 -49.57 -13.47 -23.28
C VAL A 54 -49.43 -12.76 -24.60
N ASP A 55 -49.84 -11.50 -24.59
CA ASP A 55 -49.55 -10.59 -25.67
C ASP A 55 -48.22 -9.94 -25.32
N GLY A 56 -47.19 -10.24 -26.10
CA GLY A 56 -45.86 -9.72 -25.82
C GLY A 56 -45.17 -9.31 -27.10
N PRO A 57 -43.88 -8.96 -27.00
CA PRO A 57 -43.12 -8.49 -28.16
C PRO A 57 -42.74 -9.63 -29.08
N SER A 58 -42.12 -9.28 -30.19
CA SER A 58 -41.67 -10.26 -31.15
C SER A 58 -40.46 -11.00 -30.57
N LEU A 59 -40.25 -12.22 -31.01
CA LEU A 59 -39.05 -12.96 -30.66
C LEU A 59 -37.81 -12.15 -30.95
N GLN A 60 -37.79 -11.48 -32.10
CA GLN A 60 -36.64 -10.65 -32.48
C GLN A 60 -36.36 -9.55 -31.45
N GLN A 61 -37.41 -8.90 -30.95
CA GLN A 61 -37.23 -7.84 -29.97
C GLN A 61 -36.68 -8.47 -28.70
N VAL A 62 -37.19 -9.64 -28.34
CA VAL A 62 -36.66 -10.32 -27.16
C VAL A 62 -35.17 -10.59 -27.35
N MET A 63 -34.78 -10.98 -28.56
CA MET A 63 -33.38 -11.24 -28.82
C MET A 63 -32.56 -9.96 -28.78
N ARG A 64 -33.15 -8.88 -29.27
CA ARG A 64 -32.50 -7.58 -29.26
C ARG A 64 -32.07 -7.23 -27.83
N ASP A 65 -32.92 -7.53 -26.86
CA ASP A 65 -32.61 -7.25 -25.46
C ASP A 65 -31.41 -8.08 -24.99
N GLN A 66 -31.33 -9.33 -25.45
CA GLN A 66 -30.27 -10.24 -25.06
C GLN A 66 -28.91 -9.78 -25.57
N LEU A 67 -28.92 -8.98 -26.63
CA LEU A 67 -27.68 -8.51 -27.24
C LEU A 67 -27.12 -7.22 -26.61
N LYS A 68 -27.91 -6.57 -25.75
CA LYS A 68 -27.45 -5.32 -25.14
C LYS A 68 -26.09 -5.42 -24.41
N PRO A 69 -25.87 -6.48 -23.61
CA PRO A 69 -24.65 -6.55 -22.79
C PRO A 69 -23.38 -6.62 -23.63
N TYR A 70 -23.50 -7.05 -24.89
CA TYR A 70 -22.35 -7.17 -25.76
C TYR A 70 -21.78 -5.82 -26.20
N SER A 71 -22.55 -4.74 -26.03
CA SER A 71 -22.02 -3.40 -26.36
C SER A 71 -21.66 -2.58 -25.11
N GLU A 72 -22.01 -3.11 -23.94
CA GLU A 72 -21.50 -2.54 -22.70
C GLU A 72 -19.98 -2.51 -22.75
N PRO A 73 -19.39 -1.43 -22.21
CA PRO A 73 -17.93 -1.38 -22.06
C PRO A 73 -17.43 -2.54 -21.22
N ARG A 74 -16.25 -3.01 -21.55
CA ARG A 74 -15.66 -4.10 -20.81
C ARG A 74 -15.08 -3.67 -19.45
N GLY A 75 -14.90 -4.62 -18.56
CA GLY A 75 -14.22 -4.39 -17.29
C GLY A 75 -12.73 -4.27 -17.52
N LEU A 76 -11.99 -4.10 -16.44
CA LEU A 76 -10.55 -3.97 -16.55
C LEU A 76 -9.86 -5.33 -16.61
N LEU A 77 -8.74 -5.36 -17.31
CA LEU A 77 -7.84 -6.48 -17.24
C LEU A 77 -7.24 -6.54 -15.82
N PRO A 78 -7.15 -7.73 -15.24
CA PRO A 78 -6.38 -7.91 -14.00
C PRO A 78 -4.96 -7.40 -14.19
N PRO A 79 -4.29 -6.99 -13.11
CA PRO A 79 -2.96 -6.39 -13.26
C PRO A 79 -2.03 -7.34 -14.01
N GLN A 80 -1.28 -6.85 -14.99
CA GLN A 80 -0.54 -7.73 -15.90
C GLN A 80 0.30 -8.78 -15.21
N GLU A 81 0.94 -8.40 -14.11
CA GLU A 81 1.90 -9.30 -13.45
C GLU A 81 1.19 -10.50 -12.84
N ILE A 82 0.04 -10.25 -12.26
CA ILE A 82 -0.83 -11.29 -11.72
C ILE A 82 -1.36 -12.18 -12.83
N LEU A 83 -1.90 -11.56 -13.86
CA LEU A 83 -2.43 -12.31 -15.01
C LEU A 83 -1.40 -13.31 -15.57
N ASP A 84 -0.17 -12.86 -15.83
CA ASP A 84 0.91 -13.75 -16.30
C ASP A 84 1.21 -14.88 -15.31
N ALA A 85 1.24 -14.54 -14.02
CA ALA A 85 1.60 -15.55 -13.05
C ALA A 85 0.52 -16.62 -12.96
N VAL A 86 -0.75 -16.20 -12.95
CA VAL A 86 -1.80 -17.20 -12.83
C VAL A 86 -1.90 -18.07 -14.07
N CYS A 87 -1.82 -17.48 -15.26
CA CYS A 87 -1.80 -18.27 -16.49
C CYS A 87 -0.65 -19.28 -16.50
N ASP A 88 0.52 -18.86 -16.03
CA ASP A 88 1.67 -19.73 -16.02
C ASP A 88 1.42 -20.88 -15.06
N ALA A 89 0.90 -20.55 -13.88
CA ALA A 89 0.63 -21.58 -12.89
C ALA A 89 -0.41 -22.56 -13.43
N ILE A 90 -1.41 -22.03 -14.14
CA ILE A 90 -2.47 -22.85 -14.68
C ILE A 90 -1.96 -23.77 -15.79
N GLU A 91 -1.20 -23.21 -16.72
CA GLU A 91 -0.64 -24.01 -17.79
C GLU A 91 0.29 -25.08 -17.20
N ASN A 92 1.06 -24.71 -16.20
CA ASN A 92 1.98 -25.61 -15.57
C ASN A 92 1.26 -26.78 -14.88
N ARG A 93 0.15 -26.49 -14.21
CA ARG A 93 -0.62 -27.57 -13.60
C ARG A 93 -1.16 -28.56 -14.64
N LEU A 94 -1.55 -28.02 -15.80
CA LEU A 94 -2.07 -28.85 -16.88
C LEU A 94 -0.97 -29.70 -17.54
N GLU A 95 0.21 -29.12 -17.75
CA GLU A 95 1.37 -29.89 -18.18
C GLU A 95 1.65 -31.09 -17.27
N ASN A 96 1.55 -30.89 -15.96
CA ASN A 96 1.87 -31.95 -15.00
C ASN A 96 0.77 -33.00 -14.88
N THR A 97 -0.40 -32.73 -15.45
CA THR A 97 -1.52 -33.63 -15.24
C THR A 97 -2.05 -34.28 -16.53
N LEU A 98 -2.04 -33.53 -17.64
CA LEU A 98 -2.66 -34.03 -18.86
C LEU A 98 -1.79 -35.08 -19.57
N GLU A 99 -2.41 -36.20 -19.94
CA GLU A 99 -1.72 -37.21 -20.73
C GLU A 99 -1.62 -36.72 -22.19
N PRO A 100 -0.39 -36.61 -22.70
CA PRO A 100 -0.20 -36.13 -24.08
C PRO A 100 -0.95 -36.99 -25.08
N GLN A 101 -1.50 -36.36 -26.12
CA GLN A 101 -2.43 -37.04 -27.02
C GLN A 101 -1.93 -37.09 -28.46
N LYS A 102 -2.46 -38.03 -29.23
CA LYS A 102 -2.21 -38.06 -30.66
C LYS A 102 -3.19 -37.11 -31.32
N PRO A 103 -2.81 -36.56 -32.50
CA PRO A 103 -3.74 -35.69 -33.24
C PRO A 103 -5.05 -36.38 -33.60
N TRP A 104 -6.14 -35.63 -33.63
CA TRP A 104 -7.41 -36.14 -34.15
C TRP A 104 -7.39 -36.15 -35.68
N THR A 105 -7.90 -37.23 -36.25
CA THR A 105 -8.22 -37.32 -37.67
C THR A 105 -9.50 -36.54 -37.99
N PHE A 106 -9.66 -36.22 -39.28
CA PHE A 106 -10.90 -35.67 -39.81
C PHE A 106 -12.06 -36.56 -39.45
N LYS A 107 -11.82 -37.87 -39.53
CA LYS A 107 -12.85 -38.85 -39.25
C LYS A 107 -13.27 -38.79 -37.79
N LYS A 108 -12.30 -38.63 -36.90
CA LYS A 108 -12.61 -38.55 -35.48
C LYS A 108 -13.36 -37.26 -35.15
N ALA A 109 -12.87 -36.16 -35.70
CA ALA A 109 -13.56 -34.87 -35.52
C ALA A 109 -15.03 -34.99 -35.94
N CYS A 110 -15.27 -35.59 -37.10
CA CYS A 110 -16.63 -35.75 -37.61
C CYS A 110 -17.51 -36.63 -36.71
N GLU A 111 -17.01 -37.78 -36.26
CA GLU A 111 -17.85 -38.60 -35.39
C GLU A 111 -18.15 -37.93 -34.05
N SER A 112 -17.27 -37.07 -33.58
CA SER A 112 -17.48 -36.41 -32.29
C SER A 112 -18.70 -35.49 -32.25
N LEU A 113 -19.07 -34.91 -33.39
CA LEU A 113 -20.17 -33.94 -33.44
C LEU A 113 -21.54 -34.53 -33.11
N ASP A 114 -22.32 -33.77 -32.34
CA ASP A 114 -23.69 -34.12 -32.01
C ASP A 114 -24.56 -34.10 -33.28
N LYS A 115 -25.00 -35.26 -33.73
CA LYS A 115 -25.69 -35.31 -35.01
C LYS A 115 -27.15 -34.83 -34.97
N ASN A 116 -27.66 -34.61 -33.77
CA ASN A 116 -29.07 -34.24 -33.61
C ASN A 116 -29.33 -32.73 -33.62
N THR A 117 -28.27 -31.92 -33.64
CA THR A 117 -28.41 -30.48 -33.65
C THR A 117 -28.11 -29.94 -35.04
N SER A 118 -28.27 -28.64 -35.24
CA SER A 118 -28.14 -28.04 -36.57
C SER A 118 -26.70 -27.94 -37.08
N SER A 119 -26.57 -27.93 -38.40
CA SER A 119 -25.30 -27.67 -39.04
C SER A 119 -24.99 -26.18 -39.08
N GLY A 120 -25.98 -25.36 -38.72
CA GLY A 120 -25.80 -23.92 -38.78
C GLY A 120 -25.53 -23.42 -40.18
N TYR A 121 -24.81 -22.31 -40.29
CA TYR A 121 -24.51 -21.72 -41.59
C TYR A 121 -23.76 -22.70 -42.46
N PRO A 122 -24.13 -22.81 -43.75
CA PRO A 122 -25.25 -22.10 -44.36
C PRO A 122 -26.46 -22.98 -44.65
N TYR A 123 -26.39 -24.27 -44.33
CA TYR A 123 -27.46 -25.21 -44.68
C TYR A 123 -28.52 -25.35 -43.59
N HIS A 124 -28.13 -25.06 -42.35
CA HIS A 124 -29.08 -25.08 -41.25
C HIS A 124 -29.93 -26.33 -41.30
N LYS A 125 -29.31 -27.47 -41.58
CA LYS A 125 -30.02 -28.73 -41.53
C LYS A 125 -29.48 -29.57 -40.39
N GLN A 126 -30.33 -30.45 -39.86
CA GLN A 126 -29.88 -31.42 -38.86
C GLN A 126 -28.68 -32.19 -39.43
N LYS A 127 -27.62 -32.32 -38.64
CA LYS A 127 -26.37 -32.94 -39.11
C LYS A 127 -26.55 -34.37 -39.58
N SER A 128 -27.44 -35.12 -38.92
CA SER A 128 -27.69 -36.50 -39.29
C SER A 128 -28.17 -36.63 -40.73
N LYS A 129 -28.82 -35.59 -41.25
CA LYS A 129 -29.43 -35.70 -42.58
C LYS A 129 -28.42 -35.90 -43.71
N ASP A 130 -27.14 -35.59 -43.46
CA ASP A 130 -26.10 -35.82 -44.46
C ASP A 130 -25.06 -36.82 -43.95
N TRP A 131 -25.44 -37.58 -42.92
CA TRP A 131 -24.50 -38.42 -42.20
C TRP A 131 -24.71 -39.91 -42.47
N THR A 132 -23.72 -40.57 -43.07
CA THR A 132 -23.82 -41.98 -43.44
C THR A 132 -23.68 -42.95 -42.29
N GLY A 133 -23.14 -42.44 -41.17
CA GLY A 133 -22.80 -43.29 -40.05
C GLY A 133 -21.30 -43.26 -39.85
N SER A 134 -20.57 -42.77 -40.84
CA SER A 134 -19.12 -42.68 -40.72
C SER A 134 -18.59 -41.41 -41.38
N ALA A 135 -19.41 -40.77 -42.21
CA ALA A 135 -18.96 -39.56 -42.89
C ALA A 135 -20.11 -38.69 -43.39
N PHE A 136 -19.80 -37.41 -43.57
CA PHE A 136 -20.74 -36.47 -44.14
C PHE A 136 -20.68 -36.55 -45.66
N ILE A 137 -21.85 -36.65 -46.29
CA ILE A 137 -21.97 -36.55 -47.75
C ILE A 137 -22.85 -35.35 -48.11
N GLY A 138 -23.16 -35.21 -49.40
CA GLY A 138 -24.02 -34.12 -49.84
C GLY A 138 -23.46 -32.78 -49.41
N ASP A 139 -24.35 -31.84 -49.10
CA ASP A 139 -23.96 -30.48 -48.76
C ASP A 139 -22.98 -30.46 -47.59
N LEU A 140 -23.38 -31.09 -46.48
CA LEU A 140 -22.55 -31.17 -45.30
C LEU A 140 -21.18 -31.77 -45.60
N GLY A 141 -21.16 -32.82 -46.42
CA GLY A 141 -19.89 -33.39 -46.85
C GLY A 141 -19.00 -32.38 -47.56
N ASP A 142 -19.61 -31.53 -48.40
CA ASP A 142 -18.84 -30.49 -49.09
C ASP A 142 -18.25 -29.50 -48.07
N GLN A 143 -19.09 -29.01 -47.17
CA GLN A 143 -18.68 -28.03 -46.18
C GLN A 143 -17.63 -28.65 -45.25
N ALA A 144 -17.86 -29.87 -44.82
CA ALA A 144 -16.93 -30.53 -43.91
C ALA A 144 -15.57 -30.66 -44.57
N THR A 145 -15.57 -31.09 -45.82
CA THR A 145 -14.31 -31.42 -46.49
C THR A 145 -13.50 -30.17 -46.82
N HIS A 146 -14.17 -29.10 -47.24
CA HIS A 146 -13.45 -27.86 -47.46
C HIS A 146 -12.81 -27.32 -46.16
N ALA A 147 -13.59 -27.29 -45.09
CA ALA A 147 -13.09 -26.75 -43.82
C ALA A 147 -11.88 -27.57 -43.39
N ASN A 148 -11.98 -28.88 -43.57
CA ASN A 148 -10.90 -29.75 -43.19
C ASN A 148 -9.62 -29.51 -43.99
N ASN A 149 -9.75 -29.22 -45.29
CA ASN A 149 -8.58 -28.83 -46.08
C ASN A 149 -7.95 -27.51 -45.64
N MET A 150 -8.78 -26.52 -45.33
CA MET A 150 -8.29 -25.26 -44.78
C MET A 150 -7.53 -25.53 -43.48
N TYR A 151 -8.12 -26.32 -42.60
CA TYR A 151 -7.43 -26.73 -41.38
C TYR A 151 -6.02 -27.27 -41.65
N GLU A 152 -5.91 -28.31 -42.47
CA GLU A 152 -4.60 -28.92 -42.75
C GLU A 152 -3.59 -27.95 -43.41
N MET A 153 -4.06 -26.91 -44.07
CA MET A 153 -3.15 -25.96 -44.70
C MET A 153 -2.88 -24.74 -43.82
N GLY A 154 -3.44 -24.74 -42.61
CA GLY A 154 -3.22 -23.65 -41.68
C GLY A 154 -3.86 -22.39 -42.20
N LYS A 155 -4.93 -22.53 -42.98
CA LYS A 155 -5.60 -21.38 -43.54
C LYS A 155 -6.81 -20.95 -42.71
N SER A 156 -7.01 -19.64 -42.65
CA SER A 156 -8.01 -19.04 -41.81
C SER A 156 -9.40 -19.07 -42.45
N MET A 157 -10.44 -19.35 -41.66
CA MET A 157 -11.83 -19.17 -42.08
C MET A 157 -12.59 -18.32 -41.05
N ARG A 158 -13.53 -17.49 -41.52
CA ARG A 158 -14.38 -16.67 -40.67
C ARG A 158 -15.57 -17.48 -40.15
N PRO A 159 -15.62 -17.73 -38.84
CA PRO A 159 -16.79 -18.44 -38.32
C PRO A 159 -18.07 -17.64 -38.53
N ILE A 160 -19.18 -18.34 -38.67
CA ILE A 160 -20.47 -17.68 -38.75
C ILE A 160 -21.43 -18.37 -37.80
N TYR A 161 -21.86 -17.64 -36.78
CA TYR A 161 -22.74 -18.19 -35.74
C TYR A 161 -24.17 -17.76 -36.01
N THR A 162 -25.11 -18.54 -35.50
CA THR A 162 -26.50 -18.30 -35.74
C THR A 162 -27.14 -18.11 -34.37
N ALA A 163 -27.86 -17.00 -34.21
CA ALA A 163 -28.47 -16.69 -32.93
C ALA A 163 -29.76 -17.49 -32.78
N ALA A 164 -30.01 -17.96 -31.58
CA ALA A 164 -31.26 -18.63 -31.26
C ALA A 164 -31.65 -18.26 -29.84
N LEU A 165 -32.81 -18.74 -29.41
CA LEU A 165 -33.28 -18.52 -28.05
C LEU A 165 -33.65 -19.86 -27.43
N LYS A 166 -33.24 -20.05 -26.19
CA LYS A 166 -33.35 -21.34 -25.51
C LYS A 166 -34.78 -21.68 -25.10
N ASP A 167 -35.27 -22.82 -25.60
CA ASP A 167 -36.52 -23.38 -25.15
C ASP A 167 -36.27 -24.15 -23.85
N GLU A 168 -36.74 -23.61 -22.72
CA GLU A 168 -36.53 -24.21 -21.40
C GLU A 168 -37.62 -23.76 -20.46
N LEU A 169 -37.83 -24.50 -19.38
CA LEU A 169 -38.79 -24.06 -18.36
C LEU A 169 -38.24 -22.85 -17.63
N VAL A 170 -39.09 -21.88 -17.36
CA VAL A 170 -38.67 -20.69 -16.63
C VAL A 170 -39.72 -20.31 -15.61
N LYS A 171 -39.31 -19.57 -14.59
CA LYS A 171 -40.27 -19.07 -13.61
C LYS A 171 -41.29 -18.18 -14.31
N PRO A 172 -42.55 -18.24 -13.86
CA PRO A 172 -43.66 -17.57 -14.55
C PRO A 172 -43.44 -16.08 -14.85
N ASP A 173 -42.64 -15.40 -14.04
CA ASP A 173 -42.44 -13.97 -14.24
C ASP A 173 -41.74 -13.64 -15.56
N LYS A 174 -40.91 -14.56 -16.04
CA LYS A 174 -40.21 -14.32 -17.30
C LYS A 174 -41.17 -14.50 -18.49
N ILE A 175 -42.40 -14.94 -18.19
CA ILE A 175 -43.43 -15.05 -19.22
C ILE A 175 -44.52 -14.00 -19.06
N TYR A 176 -44.92 -13.72 -17.82
CA TYR A 176 -46.06 -12.84 -17.57
C TYR A 176 -45.66 -11.44 -17.09
N GLY A 177 -44.44 -11.30 -16.61
CA GLY A 177 -43.87 -10.01 -16.30
C GLY A 177 -42.97 -9.55 -17.43
N LYS A 178 -41.75 -9.15 -17.10
CA LYS A 178 -40.79 -8.75 -18.12
C LYS A 178 -40.31 -9.98 -18.88
N ILE A 179 -40.69 -10.09 -20.16
CA ILE A 179 -40.35 -11.28 -20.93
C ILE A 179 -38.85 -11.40 -21.09
N LYS A 180 -38.33 -12.60 -20.85
CA LYS A 180 -36.91 -12.88 -20.99
C LYS A 180 -36.76 -14.28 -21.53
N LYS A 181 -35.83 -14.44 -22.47
CA LYS A 181 -35.52 -15.75 -23.02
C LYS A 181 -34.03 -15.76 -23.35
N ARG A 182 -33.35 -16.88 -23.14
CA ARG A 182 -31.88 -16.87 -23.21
C ARG A 182 -31.24 -17.05 -24.59
N LEU A 183 -30.29 -16.18 -24.89
CA LEU A 183 -29.56 -16.17 -26.16
C LEU A 183 -28.67 -17.40 -26.33
N LEU A 184 -28.74 -18.02 -27.50
CA LEU A 184 -27.88 -19.16 -27.84
C LEU A 184 -27.03 -18.89 -29.09
N TRP A 185 -25.77 -19.29 -29.06
CA TRP A 185 -24.89 -19.19 -30.21
C TRP A 185 -24.77 -20.55 -30.87
N GLY A 186 -25.11 -20.63 -32.14
CA GLY A 186 -25.01 -21.86 -32.89
C GLY A 186 -23.88 -21.75 -33.91
N SER A 187 -22.90 -22.63 -33.75
CA SER A 187 -21.72 -22.62 -34.58
C SER A 187 -22.06 -23.12 -35.99
N ASP A 188 -21.20 -22.81 -36.97
CA ASP A 188 -21.29 -23.39 -38.32
C ASP A 188 -20.49 -24.69 -38.43
N LEU A 189 -20.95 -25.60 -39.29
CA LEU A 189 -20.33 -26.91 -39.38
C LEU A 189 -18.82 -26.87 -39.65
N GLY A 190 -18.39 -25.97 -40.52
CA GLY A 190 -16.98 -25.85 -40.84
C GLY A 190 -16.14 -25.55 -39.61
N THR A 191 -16.62 -24.61 -38.82
CA THR A 191 -15.98 -24.21 -37.58
C THR A 191 -15.96 -25.38 -36.57
N MET A 192 -17.07 -26.09 -36.43
CA MET A 192 -17.12 -27.25 -35.54
C MET A 192 -16.07 -28.30 -35.93
N ILE A 193 -15.92 -28.55 -37.22
CA ILE A 193 -14.91 -29.49 -37.70
C ILE A 193 -13.51 -29.05 -37.30
N ARG A 194 -13.17 -27.80 -37.58
CA ARG A 194 -11.84 -27.28 -37.31
C ARG A 194 -11.53 -27.23 -35.80
N ALA A 195 -12.48 -26.72 -35.01
CA ALA A 195 -12.33 -26.71 -33.55
C ALA A 195 -12.19 -28.11 -32.99
N ALA A 196 -13.00 -29.05 -33.49
CA ALA A 196 -12.92 -30.45 -33.04
C ALA A 196 -11.56 -31.07 -33.35
N ARG A 197 -11.08 -30.94 -34.59
CA ARG A 197 -9.75 -31.47 -34.90
C ARG A 197 -8.69 -30.77 -34.08
N ALA A 198 -8.83 -29.45 -33.93
CA ALA A 198 -7.80 -28.69 -33.24
C ALA A 198 -7.79 -29.06 -31.76
N PHE A 199 -8.96 -29.05 -31.14
CA PHE A 199 -9.01 -29.06 -29.70
C PHE A 199 -9.55 -30.33 -29.03
N GLY A 200 -10.21 -31.20 -29.78
CA GLY A 200 -10.60 -32.51 -29.27
C GLY A 200 -9.58 -33.25 -28.38
N PRO A 201 -8.31 -33.33 -28.83
CA PRO A 201 -7.29 -34.03 -28.02
C PRO A 201 -7.13 -33.42 -26.62
N PHE A 202 -6.88 -32.12 -26.58
CA PHE A 202 -6.82 -31.38 -25.33
C PHE A 202 -8.07 -31.58 -24.47
N CYS A 203 -9.25 -31.53 -25.07
CA CYS A 203 -10.49 -31.65 -24.30
C CYS A 203 -10.68 -33.05 -23.72
N ASP A 204 -10.27 -34.08 -24.47
CA ASP A 204 -10.33 -35.45 -23.97
C ASP A 204 -9.32 -35.66 -22.84
N ALA A 205 -8.14 -35.07 -22.99
CA ALA A 205 -7.11 -35.20 -21.98
C ALA A 205 -7.58 -34.52 -20.70
N LEU A 206 -8.30 -33.41 -20.89
CA LEU A 206 -8.81 -32.59 -19.80
C LEU A 206 -9.92 -33.33 -19.04
N LYS A 207 -10.80 -33.99 -19.79
CA LYS A 207 -11.91 -34.70 -19.19
C LYS A 207 -11.43 -35.87 -18.35
N GLU A 208 -10.33 -36.50 -18.79
CA GLU A 208 -9.81 -37.66 -18.07
C GLU A 208 -9.29 -37.24 -16.72
N THR A 209 -9.31 -35.94 -16.49
CA THR A 209 -8.56 -35.29 -15.43
C THR A 209 -9.58 -34.51 -14.59
N CYS A 210 -10.86 -34.71 -14.87
CA CYS A 210 -11.90 -33.83 -14.35
C CYS A 210 -12.10 -33.99 -12.85
N ILE A 211 -11.51 -35.01 -12.26
CA ILE A 211 -11.61 -35.17 -10.83
C ILE A 211 -10.51 -34.38 -10.10
N PHE A 212 -9.29 -34.43 -10.59
CA PHE A 212 -8.22 -33.73 -9.88
C PHE A 212 -7.78 -32.42 -10.53
N ASN A 213 -8.39 -32.05 -11.65
CA ASN A 213 -8.34 -30.68 -12.13
C ASN A 213 -9.72 -30.04 -11.97
N PRO A 214 -9.76 -28.71 -11.80
CA PRO A 214 -11.03 -28.04 -11.43
C PRO A 214 -12.02 -27.84 -12.58
N ILE A 215 -11.62 -28.04 -13.84
CA ILE A 215 -12.57 -27.97 -14.94
C ILE A 215 -13.33 -29.27 -15.02
N ARG A 216 -14.59 -29.27 -14.58
CA ARG A 216 -15.32 -30.50 -14.33
C ARG A 216 -16.15 -31.02 -15.51
N VAL A 217 -16.05 -30.37 -16.66
CA VAL A 217 -16.76 -30.82 -17.86
C VAL A 217 -16.46 -32.30 -18.12
N GLY A 218 -17.51 -33.11 -18.22
CA GLY A 218 -17.35 -34.53 -18.50
C GLY A 218 -17.60 -35.40 -17.30
N MET A 219 -17.75 -34.78 -16.12
CA MET A 219 -17.96 -35.53 -14.90
C MET A 219 -19.34 -36.19 -14.84
N SER A 220 -19.43 -37.28 -14.09
CA SER A 220 -20.72 -37.88 -13.75
C SER A 220 -21.09 -37.44 -12.37
N MET A 221 -22.24 -36.79 -12.21
CA MET A 221 -22.63 -36.29 -10.89
C MET A 221 -22.68 -37.46 -9.92
N ASN A 222 -23.32 -38.52 -10.36
CA ASN A 222 -23.53 -39.71 -9.56
C ASN A 222 -22.25 -40.49 -9.25
N GLU A 223 -21.34 -40.54 -10.22
CA GLU A 223 -20.11 -41.32 -10.04
C GLU A 223 -18.97 -40.47 -9.48
N ASP A 224 -18.82 -39.25 -9.99
CA ASP A 224 -17.67 -38.45 -9.61
C ASP A 224 -18.00 -37.47 -8.49
N GLY A 225 -19.26 -37.04 -8.40
CA GLY A 225 -19.61 -36.07 -7.40
C GLY A 225 -19.06 -36.40 -6.01
N PRO A 226 -19.22 -37.65 -5.56
CA PRO A 226 -18.79 -37.90 -4.19
C PRO A 226 -17.30 -37.64 -3.98
N PHE A 227 -16.46 -38.05 -4.92
CA PHE A 227 -15.02 -37.82 -4.78
C PHE A 227 -14.72 -36.31 -4.89
N ILE A 228 -15.33 -35.66 -5.87
CA ILE A 228 -15.06 -34.25 -6.11
C ILE A 228 -15.44 -33.40 -4.90
N PHE A 229 -16.61 -33.66 -4.34
CA PHE A 229 -17.08 -32.92 -3.19
C PHE A 229 -16.24 -33.23 -1.94
N ALA A 230 -15.90 -34.50 -1.76
CA ALA A 230 -14.98 -34.88 -0.68
C ALA A 230 -13.70 -34.03 -0.75
N ARG A 231 -13.20 -33.80 -1.96
CA ARG A 231 -12.03 -32.97 -2.15
C ARG A 231 -12.26 -31.56 -1.64
N HIS A 232 -13.37 -30.95 -2.06
CA HIS A 232 -13.71 -29.60 -1.66
C HIS A 232 -13.79 -29.52 -0.14
N ALA A 233 -14.25 -30.62 0.47
CA ALA A 233 -14.50 -30.60 1.90
C ALA A 233 -13.19 -30.71 2.73
N ASN A 234 -12.07 -30.92 2.06
CA ASN A 234 -10.77 -30.87 2.72
C ASN A 234 -10.43 -29.45 3.15
N PHE A 235 -11.21 -28.46 2.72
CA PHE A 235 -10.89 -27.05 2.94
C PHE A 235 -11.91 -26.34 3.81
N ARG A 236 -11.49 -25.24 4.42
CA ARG A 236 -12.25 -24.64 5.50
C ARG A 236 -13.41 -23.78 5.00
N TYR A 237 -13.14 -22.93 4.00
CA TYR A 237 -14.13 -21.98 3.53
C TYR A 237 -14.69 -22.33 2.14
N HIS A 238 -15.98 -22.08 1.95
CA HIS A 238 -16.67 -22.42 0.72
C HIS A 238 -17.53 -21.28 0.26
N MET A 239 -17.59 -21.07 -1.05
CA MET A 239 -18.39 -19.98 -1.60
C MET A 239 -18.75 -20.20 -3.06
N ASP A 240 -19.65 -19.36 -3.54
CA ASP A 240 -20.10 -19.40 -4.94
C ASP A 240 -20.50 -17.98 -5.33
N ALA A 241 -19.76 -17.38 -6.25
CA ALA A 241 -20.00 -16.01 -6.66
C ALA A 241 -21.34 -15.81 -7.39
N ASP A 242 -21.89 -16.90 -7.93
CA ASP A 242 -23.24 -16.86 -8.52
C ASP A 242 -23.42 -15.69 -9.52
N TYR A 243 -22.64 -15.74 -10.60
CA TYR A 243 -22.57 -14.64 -11.55
C TYR A 243 -23.82 -14.45 -12.40
N THR A 244 -24.09 -13.19 -12.72
CA THR A 244 -25.11 -12.78 -13.68
C THR A 244 -24.42 -12.46 -14.98
N ARG A 245 -24.99 -12.90 -16.10
CA ARG A 245 -24.44 -12.64 -17.43
C ARG A 245 -22.95 -12.94 -17.59
N TRP A 246 -22.54 -14.11 -17.10
CA TRP A 246 -21.15 -14.52 -17.27
C TRP A 246 -20.63 -14.39 -18.71
N ASP A 247 -21.31 -15.03 -19.67
CA ASP A 247 -20.75 -15.13 -21.04
C ASP A 247 -20.61 -13.77 -21.72
N SER A 248 -21.60 -12.91 -21.51
CA SER A 248 -21.62 -11.64 -22.22
C SER A 248 -20.71 -10.61 -21.56
N THR A 249 -20.31 -10.86 -20.32
CA THR A 249 -19.34 -9.99 -19.66
C THR A 249 -17.87 -10.42 -19.85
N GLN A 250 -17.61 -11.49 -20.58
CA GLN A 250 -16.22 -11.88 -20.81
C GLN A 250 -15.43 -10.89 -21.69
N GLN A 251 -14.13 -10.81 -21.43
CA GLN A 251 -13.23 -9.99 -22.20
C GLN A 251 -12.50 -10.92 -23.15
N ARG A 252 -12.53 -10.62 -24.45
CA ARG A 252 -11.80 -11.45 -25.40
C ARG A 252 -10.35 -11.58 -25.00
N ALA A 253 -9.78 -10.52 -24.43
CA ALA A 253 -8.38 -10.57 -24.03
C ALA A 253 -8.14 -11.67 -23.00
N ILE A 254 -9.13 -11.92 -22.14
CA ILE A 254 -9.01 -12.99 -21.16
C ILE A 254 -9.16 -14.33 -21.86
N LEU A 255 -10.13 -14.39 -22.77
CA LEU A 255 -10.43 -15.58 -23.55
C LEU A 255 -9.23 -15.99 -24.39
N LYS A 256 -8.46 -15.02 -24.87
N LYS A 256 -8.48 -15.01 -24.87
CA LYS A 256 -7.27 -15.32 -25.65
CA LYS A 256 -7.26 -15.27 -25.64
C LYS A 256 -6.16 -15.96 -24.82
C LYS A 256 -6.21 -15.99 -24.80
N ARG A 257 -6.07 -15.59 -23.53
CA ARG A 257 -5.11 -16.23 -22.62
C ARG A 257 -5.48 -17.66 -22.33
N ALA A 258 -6.77 -17.90 -22.18
CA ALA A 258 -7.27 -19.25 -22.06
C ALA A 258 -6.98 -20.02 -23.36
N GLY A 259 -7.24 -19.37 -24.49
CA GLY A 259 -6.97 -19.96 -25.78
C GLY A 259 -5.50 -20.29 -25.99
N ASP A 260 -4.60 -19.40 -25.57
CA ASP A 260 -3.16 -19.65 -25.70
C ASP A 260 -2.78 -20.96 -25.03
N ILE A 261 -3.30 -21.15 -23.83
CA ILE A 261 -3.06 -22.37 -23.10
C ILE A 261 -3.56 -23.60 -23.88
N MET A 262 -4.76 -23.52 -24.45
CA MET A 262 -5.32 -24.64 -25.21
C MET A 262 -4.44 -24.94 -26.44
N VAL A 263 -4.02 -23.88 -27.12
CA VAL A 263 -3.11 -24.02 -28.24
C VAL A 263 -1.83 -24.76 -27.87
N ARG A 264 -1.10 -24.26 -26.87
CA ARG A 264 0.20 -24.83 -26.53
C ARG A 264 0.10 -26.26 -26.02
N LEU A 265 -1.05 -26.61 -25.47
CA LEU A 265 -1.25 -27.95 -24.94
C LEU A 265 -1.93 -28.87 -25.96
N SER A 266 -1.94 -28.45 -27.22
CA SER A 266 -2.53 -29.26 -28.27
C SER A 266 -1.48 -30.00 -29.08
N PRO A 267 -1.84 -31.19 -29.60
CA PRO A 267 -0.86 -31.95 -30.39
C PRO A 267 -0.43 -31.27 -31.71
N GLU A 268 -1.30 -30.46 -32.31
CA GLU A 268 -0.95 -29.74 -33.53
C GLU A 268 -1.06 -28.21 -33.31
N PRO A 269 -0.14 -27.66 -32.50
CA PRO A 269 -0.21 -26.28 -31.98
C PRO A 269 -0.28 -25.20 -33.05
N ASP A 270 0.41 -25.38 -34.18
CA ASP A 270 0.43 -24.36 -35.22
C ASP A 270 -0.86 -24.36 -36.01
N LEU A 271 -1.46 -25.53 -36.15
CA LEU A 271 -2.76 -25.63 -36.82
C LEU A 271 -3.86 -25.15 -35.88
N ALA A 272 -3.66 -25.34 -34.58
CA ALA A 272 -4.66 -25.01 -33.61
C ALA A 272 -4.67 -23.50 -33.34
N ARG A 273 -3.51 -22.87 -33.52
CA ARG A 273 -3.42 -21.41 -33.43
C ARG A 273 -4.31 -20.70 -34.46
N VAL A 274 -4.23 -21.17 -35.71
CA VAL A 274 -5.04 -20.61 -36.79
C VAL A 274 -6.52 -20.69 -36.42
N VAL A 275 -6.95 -21.85 -35.92
CA VAL A 275 -8.33 -22.03 -35.51
C VAL A 275 -8.72 -21.12 -34.34
N MET A 276 -7.91 -21.11 -33.29
CA MET A 276 -8.21 -20.29 -32.12
C MET A 276 -8.25 -18.80 -32.49
N ASP A 277 -7.32 -18.35 -33.31
CA ASP A 277 -7.37 -16.95 -33.75
C ASP A 277 -8.71 -16.65 -34.46
N ASP A 278 -9.24 -17.60 -35.22
CA ASP A 278 -10.55 -17.43 -35.86
C ASP A 278 -11.70 -17.40 -34.85
N LEU A 279 -11.69 -18.31 -33.89
CA LEU A 279 -12.72 -18.35 -32.87
C LEU A 279 -12.81 -17.02 -32.11
N LEU A 280 -11.67 -16.42 -31.84
CA LEU A 280 -11.64 -15.29 -30.93
C LEU A 280 -11.67 -13.93 -31.63
N ALA A 281 -11.48 -13.93 -32.95
CA ALA A 281 -11.57 -12.68 -33.70
C ALA A 281 -13.02 -12.16 -33.68
N PRO A 282 -13.21 -10.84 -33.90
CA PRO A 282 -14.56 -10.30 -33.86
C PRO A 282 -15.51 -11.23 -34.60
N SER A 283 -16.61 -11.60 -33.95
CA SER A 283 -17.45 -12.70 -34.41
C SER A 283 -18.65 -12.23 -35.21
N LEU A 284 -18.98 -12.98 -36.27
CA LEU A 284 -20.20 -12.76 -37.05
C LEU A 284 -21.37 -13.51 -36.44
N LEU A 285 -22.37 -12.78 -35.96
CA LEU A 285 -23.57 -13.39 -35.41
C LEU A 285 -24.79 -13.10 -36.29
N ASP A 286 -25.40 -14.16 -36.82
CA ASP A 286 -26.54 -14.05 -37.72
C ASP A 286 -27.85 -14.03 -36.95
N VAL A 287 -28.45 -12.86 -36.84
CA VAL A 287 -29.73 -12.71 -36.12
C VAL A 287 -30.99 -12.86 -37.00
N GLY A 288 -30.81 -13.17 -38.28
CA GLY A 288 -31.93 -13.33 -39.18
C GLY A 288 -31.81 -12.34 -40.33
N ASP A 289 -32.22 -11.12 -40.08
CA ASP A 289 -32.08 -10.06 -41.06
C ASP A 289 -30.61 -9.73 -41.34
N TYR A 290 -29.76 -9.76 -40.30
CA TYR A 290 -28.37 -9.34 -40.42
C TYR A 290 -27.38 -10.27 -39.76
N LYS A 291 -26.14 -10.20 -40.24
CA LYS A 291 -25.02 -10.72 -39.48
C LYS A 291 -24.38 -9.50 -38.81
N ILE A 292 -24.29 -9.52 -37.49
CA ILE A 292 -23.66 -8.41 -36.77
C ILE A 292 -22.29 -8.84 -36.24
N VAL A 293 -21.46 -7.84 -35.97
CA VAL A 293 -20.11 -8.05 -35.47
C VAL A 293 -20.12 -7.98 -33.95
N VAL A 294 -19.75 -9.06 -33.29
CA VAL A 294 -19.67 -9.04 -31.84
C VAL A 294 -18.21 -9.18 -31.44
N GLU A 295 -17.63 -8.06 -31.01
CA GLU A 295 -16.23 -8.01 -30.66
C GLU A 295 -15.90 -8.60 -29.29
N GLU A 296 -16.84 -8.47 -28.35
CA GLU A 296 -16.58 -8.85 -26.97
C GLU A 296 -17.52 -9.94 -26.46
N GLY A 297 -17.37 -10.35 -25.22
CA GLY A 297 -18.14 -11.45 -24.67
C GLY A 297 -17.70 -12.79 -25.24
N LEU A 298 -18.33 -13.86 -24.77
CA LEU A 298 -18.04 -15.22 -25.21
C LEU A 298 -18.84 -15.63 -26.45
N PRO A 299 -18.13 -16.05 -27.50
CA PRO A 299 -18.71 -16.68 -28.70
C PRO A 299 -18.89 -18.16 -28.45
N SER A 300 -20.04 -18.56 -27.90
CA SER A 300 -20.19 -19.90 -27.31
C SER A 300 -20.73 -20.98 -28.26
N GLY A 301 -20.24 -21.00 -29.49
CA GLY A 301 -20.85 -21.92 -30.44
C GLY A 301 -20.44 -23.37 -30.40
N CYS A 302 -19.15 -23.62 -30.64
CA CYS A 302 -18.67 -24.92 -31.08
C CYS A 302 -18.44 -25.92 -29.94
N PRO A 303 -17.82 -27.08 -30.24
CA PRO A 303 -17.67 -28.15 -29.26
C PRO A 303 -16.88 -27.81 -27.99
N CYS A 304 -15.82 -27.01 -28.11
CA CYS A 304 -14.93 -26.87 -26.96
C CYS A 304 -14.98 -25.50 -26.27
N THR A 305 -16.00 -24.71 -26.54
CA THR A 305 -16.05 -23.39 -25.93
C THR A 305 -16.31 -23.52 -24.44
N THR A 306 -17.08 -24.53 -24.06
CA THR A 306 -17.38 -24.64 -22.66
C THR A 306 -16.14 -24.99 -21.82
N GLN A 307 -15.13 -25.63 -22.42
CA GLN A 307 -13.84 -25.76 -21.75
C GLN A 307 -13.04 -24.45 -21.77
N LEU A 308 -13.09 -23.74 -22.90
CA LEU A 308 -12.45 -22.43 -23.03
C LEU A 308 -12.99 -21.47 -21.97
N ASN A 309 -14.32 -21.46 -21.82
CA ASN A 309 -15.00 -20.61 -20.86
C ASN A 309 -14.64 -20.99 -19.41
N SER A 310 -14.62 -22.29 -19.12
CA SER A 310 -14.22 -22.82 -17.81
C SER A 310 -12.80 -22.41 -17.48
N LEU A 311 -11.94 -22.46 -18.47
CA LEU A 311 -10.55 -22.06 -18.31
C LEU A 311 -10.42 -20.53 -18.03
N ALA A 312 -11.22 -19.73 -18.72
CA ALA A 312 -11.22 -18.29 -18.49
C ALA A 312 -11.67 -18.02 -17.06
N HIS A 313 -12.63 -18.81 -16.61
CA HIS A 313 -13.17 -18.66 -15.28
C HIS A 313 -12.09 -18.98 -14.23
N TRP A 314 -11.38 -20.09 -14.42
CA TRP A 314 -10.23 -20.44 -13.61
C TRP A 314 -9.26 -19.26 -13.53
N ILE A 315 -8.96 -18.64 -14.68
CA ILE A 315 -8.01 -17.54 -14.71
C ILE A 315 -8.47 -16.34 -13.86
N LEU A 316 -9.72 -15.96 -14.04
CA LEU A 316 -10.29 -14.83 -13.32
C LEU A 316 -10.37 -15.08 -11.82
N THR A 317 -10.85 -16.27 -11.44
CA THR A 317 -11.00 -16.55 -10.03
C THR A 317 -9.64 -16.51 -9.33
N LEU A 318 -8.66 -17.13 -9.95
CA LEU A 318 -7.30 -17.14 -9.42
C LEU A 318 -6.78 -15.71 -9.39
N CYS A 319 -7.05 -14.93 -10.44
CA CYS A 319 -6.61 -13.53 -10.45
C CYS A 319 -7.15 -12.74 -9.25
N ALA A 320 -8.46 -12.82 -9.01
CA ALA A 320 -9.07 -12.13 -7.89
C ALA A 320 -8.50 -12.60 -6.53
N MET A 321 -8.36 -13.91 -6.35
CA MET A 321 -7.84 -14.46 -5.11
C MET A 321 -6.38 -14.06 -4.87
N VAL A 322 -5.58 -14.05 -5.93
CA VAL A 322 -4.17 -13.68 -5.85
C VAL A 322 -4.01 -12.18 -5.56
N GLU A 323 -4.85 -11.37 -6.19
CA GLU A 323 -4.85 -9.94 -5.99
C GLU A 323 -5.14 -9.59 -4.53
N VAL A 324 -6.11 -10.29 -3.95
CA VAL A 324 -6.60 -9.95 -2.62
C VAL A 324 -5.70 -10.52 -1.53
N THR A 325 -5.45 -11.84 -1.56
CA THR A 325 -4.66 -12.51 -0.53
C THR A 325 -3.14 -12.29 -0.69
N ARG A 326 -2.72 -11.99 -1.91
CA ARG A 326 -1.33 -11.73 -2.21
C ARG A 326 -0.47 -12.99 -2.13
N VAL A 327 -1.11 -14.15 -2.12
CA VAL A 327 -0.34 -15.40 -2.24
C VAL A 327 -0.21 -15.88 -3.69
N ASP A 328 0.92 -16.49 -4.00
CA ASP A 328 1.19 -16.98 -5.35
C ASP A 328 0.09 -17.92 -5.87
N PRO A 329 -0.27 -17.76 -7.15
CA PRO A 329 -1.28 -18.59 -7.81
C PRO A 329 -1.07 -20.10 -7.57
N ASP A 330 0.13 -20.64 -7.70
CA ASP A 330 0.23 -22.07 -7.43
C ASP A 330 0.14 -22.41 -5.94
N ILE A 331 0.46 -21.44 -5.08
CA ILE A 331 0.29 -21.67 -3.65
C ILE A 331 -1.18 -21.62 -3.29
N VAL A 332 -1.91 -20.71 -3.93
CA VAL A 332 -3.37 -20.68 -3.77
C VAL A 332 -3.97 -22.04 -4.14
N MET A 333 -3.46 -22.64 -5.21
CA MET A 333 -3.91 -23.96 -5.63
C MET A 333 -3.42 -25.13 -4.76
N GLN A 334 -2.53 -24.85 -3.81
CA GLN A 334 -2.17 -25.84 -2.80
C GLN A 334 -3.16 -25.75 -1.64
N GLU A 335 -3.80 -24.59 -1.54
CA GLU A 335 -4.62 -24.30 -0.38
C GLU A 335 -6.08 -24.24 -0.76
N SER A 336 -6.42 -24.73 -1.95
CA SER A 336 -7.78 -24.57 -2.43
C SER A 336 -8.23 -25.73 -3.30
N GLU A 337 -9.54 -25.85 -3.45
CA GLU A 337 -10.11 -26.75 -4.44
C GLU A 337 -11.17 -25.95 -5.19
N PHE A 338 -11.06 -25.97 -6.51
CA PHE A 338 -12.01 -25.30 -7.38
C PHE A 338 -12.85 -26.32 -8.17
N SER A 339 -14.08 -25.93 -8.51
CA SER A 339 -14.83 -26.59 -9.56
C SER A 339 -15.43 -25.55 -10.48
N PHE A 340 -15.16 -25.69 -11.79
CA PHE A 340 -15.71 -24.79 -12.78
C PHE A 340 -16.39 -25.58 -13.87
N TYR A 341 -17.53 -25.07 -14.34
CA TYR A 341 -18.19 -25.63 -15.50
C TYR A 341 -18.82 -24.44 -16.21
N GLY A 342 -18.06 -23.81 -17.08
CA GLY A 342 -18.49 -22.57 -17.68
C GLY A 342 -18.58 -21.51 -16.60
N ASP A 343 -19.77 -20.95 -16.43
CA ASP A 343 -19.99 -19.92 -15.43
C ASP A 343 -20.27 -20.52 -14.05
N ASP A 344 -20.44 -21.84 -14.00
CA ASP A 344 -20.83 -22.51 -12.74
C ASP A 344 -19.60 -22.80 -11.89
N GLU A 345 -19.65 -22.46 -10.60
CA GLU A 345 -18.46 -22.55 -9.78
C GLU A 345 -18.69 -22.92 -8.32
N VAL A 346 -17.70 -23.61 -7.75
CA VAL A 346 -17.56 -23.77 -6.32
C VAL A 346 -16.09 -23.51 -6.00
N VAL A 347 -15.86 -22.65 -5.01
CA VAL A 347 -14.50 -22.32 -4.61
C VAL A 347 -14.32 -22.62 -3.13
N SER A 348 -13.39 -23.52 -2.84
CA SER A 348 -13.09 -23.90 -1.46
C SER A 348 -11.64 -23.56 -1.18
N THR A 349 -11.38 -22.96 -0.03
CA THR A 349 -10.01 -22.62 0.30
C THR A 349 -9.77 -22.57 1.81
N ASN A 350 -8.51 -22.75 2.20
CA ASN A 350 -8.10 -22.55 3.58
C ASN A 350 -7.65 -21.11 3.80
N LEU A 351 -7.49 -20.37 2.70
CA LEU A 351 -6.96 -19.02 2.77
C LEU A 351 -7.99 -18.05 3.34
N GLU A 352 -7.49 -17.05 4.04
CA GLU A 352 -8.35 -16.12 4.75
C GLU A 352 -8.67 -14.97 3.81
N LEU A 353 -9.77 -15.08 3.08
CA LEU A 353 -10.08 -14.17 1.97
C LEU A 353 -10.96 -12.98 2.36
N ASP A 354 -10.48 -11.77 2.11
CA ASP A 354 -11.28 -10.57 2.38
C ASP A 354 -12.36 -10.50 1.31
N MET A 355 -13.60 -10.72 1.72
CA MET A 355 -14.69 -10.93 0.78
C MET A 355 -15.16 -9.62 0.14
N VAL A 356 -14.94 -8.52 0.85
CA VAL A 356 -15.21 -7.21 0.30
C VAL A 356 -14.24 -6.96 -0.84
N LYS A 357 -12.95 -7.13 -0.57
CA LYS A 357 -11.96 -6.93 -1.60
C LYS A 357 -12.11 -7.90 -2.79
N TYR A 358 -12.58 -9.10 -2.52
CA TYR A 358 -12.74 -10.13 -3.52
C TYR A 358 -13.88 -9.80 -4.47
N THR A 359 -14.99 -9.36 -3.89
CA THR A 359 -16.10 -8.91 -4.69
C THR A 359 -15.73 -7.70 -5.56
N MET A 360 -15.07 -6.72 -4.96
CA MET A 360 -14.65 -5.53 -5.71
C MET A 360 -13.70 -5.88 -6.86
N ALA A 361 -12.80 -6.84 -6.64
CA ALA A 361 -11.89 -7.22 -7.70
C ALA A 361 -12.68 -7.87 -8.85
N LEU A 362 -13.61 -8.75 -8.48
CA LEU A 362 -14.44 -9.41 -9.47
C LEU A 362 -15.19 -8.36 -10.29
N ARG A 363 -15.79 -7.39 -9.61
CA ARG A 363 -16.59 -6.37 -10.28
C ARG A 363 -15.72 -5.50 -11.16
N ARG A 364 -14.47 -5.35 -10.76
CA ARG A 364 -13.55 -4.52 -11.52
C ARG A 364 -13.17 -5.15 -12.86
N TYR A 365 -13.15 -6.48 -12.91
CA TYR A 365 -12.83 -7.19 -14.15
C TYR A 365 -14.08 -7.18 -15.01
N GLY A 366 -15.13 -6.55 -14.49
CA GLY A 366 -16.40 -6.44 -15.22
C GLY A 366 -17.35 -7.61 -15.01
N LEU A 367 -17.13 -8.43 -13.99
CA LEU A 367 -18.03 -9.54 -13.74
C LEU A 367 -19.17 -9.08 -12.84
N LEU A 368 -20.25 -9.86 -12.80
CA LEU A 368 -21.38 -9.48 -11.97
C LEU A 368 -21.73 -10.60 -11.01
N PRO A 369 -20.96 -10.75 -9.92
CA PRO A 369 -21.28 -11.73 -8.89
C PRO A 369 -22.47 -11.24 -8.10
N THR A 370 -23.28 -12.15 -7.60
CA THR A 370 -24.45 -11.76 -6.84
C THR A 370 -24.62 -12.62 -5.59
N ARG A 371 -25.09 -11.97 -4.53
CA ARG A 371 -25.30 -12.64 -3.24
C ARG A 371 -26.52 -13.54 -3.31
N ALA A 372 -26.52 -14.58 -2.47
CA ALA A 372 -27.69 -15.45 -2.35
C ALA A 372 -28.99 -14.67 -2.13
N ASP A 373 -28.94 -13.69 -1.23
CA ASP A 373 -30.12 -12.91 -0.90
C ASP A 373 -30.36 -11.75 -1.86
N LYS A 374 -29.54 -11.63 -2.90
CA LYS A 374 -29.75 -10.62 -3.93
C LYS A 374 -29.63 -9.18 -3.43
N GLU A 375 -29.15 -9.00 -2.21
CA GLU A 375 -28.93 -7.65 -1.68
C GLU A 375 -27.61 -7.10 -2.20
N GLU A 376 -27.43 -5.78 -2.08
CA GLU A 376 -26.18 -5.13 -2.45
C GLU A 376 -24.99 -5.81 -1.75
N GLY A 377 -23.99 -6.22 -2.55
CA GLY A 377 -22.86 -7.04 -2.12
C GLY A 377 -22.30 -6.72 -0.75
N PRO A 378 -21.23 -7.41 -0.32
CA PRO A 378 -20.31 -8.39 -0.94
C PRO A 378 -20.67 -9.85 -0.72
N LEU A 379 -20.06 -10.72 -1.53
CA LEU A 379 -20.25 -12.16 -1.43
C LEU A 379 -19.97 -12.68 -0.02
N GLU A 380 -20.69 -13.72 0.37
CA GLU A 380 -20.41 -14.34 1.66
C GLU A 380 -19.57 -15.61 1.49
N ARG A 381 -18.91 -16.02 2.55
CA ARG A 381 -18.27 -17.32 2.57
C ARG A 381 -18.85 -18.10 3.74
N ARG A 382 -18.88 -19.42 3.61
CA ARG A 382 -19.39 -20.25 4.68
C ARG A 382 -18.33 -21.25 5.09
N GLN A 383 -18.55 -21.94 6.19
CA GLN A 383 -17.59 -22.91 6.70
C GLN A 383 -18.07 -24.34 6.52
N THR A 384 -19.21 -24.48 5.85
CA THR A 384 -19.71 -25.79 5.46
C THR A 384 -20.04 -25.80 3.97
N LEU A 385 -19.70 -26.89 3.32
CA LEU A 385 -20.01 -27.05 1.92
C LEU A 385 -21.53 -27.20 1.74
N GLN A 386 -22.17 -27.79 2.74
CA GLN A 386 -23.59 -28.09 2.67
C GLN A 386 -24.36 -26.81 2.37
N GLY A 387 -25.20 -26.86 1.35
CA GLY A 387 -26.02 -25.71 1.00
C GLY A 387 -25.58 -25.01 -0.26
N ILE A 388 -24.33 -25.28 -0.67
CA ILE A 388 -23.86 -24.76 -1.94
C ILE A 388 -24.29 -25.73 -3.04
N SER A 389 -24.42 -25.23 -4.27
CA SER A 389 -24.84 -26.13 -5.33
C SER A 389 -23.89 -26.10 -6.51
N PHE A 390 -24.03 -27.06 -7.41
CA PHE A 390 -23.16 -27.22 -8.56
C PHE A 390 -23.87 -28.08 -9.59
N LEU A 391 -23.79 -27.67 -10.86
CA LEU A 391 -24.56 -28.30 -11.93
C LEU A 391 -26.04 -28.50 -11.59
N ARG A 392 -26.64 -27.51 -10.93
CA ARG A 392 -28.07 -27.57 -10.58
C ARG A 392 -28.42 -28.59 -9.51
N ARG A 393 -27.43 -29.12 -8.79
CA ARG A 393 -27.71 -30.08 -7.73
C ARG A 393 -27.17 -29.60 -6.39
N ALA A 394 -28.01 -29.59 -5.36
CA ALA A 394 -27.54 -29.20 -4.05
C ALA A 394 -26.50 -30.23 -3.57
N ILE A 395 -25.46 -29.74 -2.90
CA ILE A 395 -24.40 -30.60 -2.40
C ILE A 395 -24.72 -31.07 -1.00
N VAL A 396 -24.88 -32.37 -0.82
CA VAL A 396 -25.31 -32.91 0.46
C VAL A 396 -24.26 -33.86 1.06
N GLY A 397 -24.13 -33.82 2.38
CA GLY A 397 -23.21 -34.70 3.08
C GLY A 397 -23.85 -35.43 4.26
N ASP A 398 -23.74 -36.76 4.29
CA ASP A 398 -24.14 -37.54 5.45
C ASP A 398 -23.00 -38.45 5.89
N GLN A 399 -23.29 -39.47 6.69
CA GLN A 399 -22.23 -40.37 7.18
C GLN A 399 -21.62 -41.27 6.10
N PHE A 400 -22.23 -41.31 4.92
CA PHE A 400 -21.71 -42.16 3.87
C PHE A 400 -20.77 -41.39 2.95
N GLY A 401 -20.93 -40.07 2.94
CA GLY A 401 -20.15 -39.22 2.05
C GLY A 401 -20.95 -38.04 1.50
N TRP A 402 -20.34 -37.35 0.52
CA TRP A 402 -20.94 -36.21 -0.16
C TRP A 402 -21.58 -36.65 -1.44
N TYR A 403 -22.55 -35.87 -1.92
CA TYR A 403 -23.26 -36.22 -3.14
C TYR A 403 -24.14 -35.06 -3.63
N GLY A 404 -24.49 -35.08 -4.91
CA GLY A 404 -25.37 -34.08 -5.47
C GLY A 404 -26.81 -34.53 -5.41
N ARG A 405 -27.67 -33.66 -4.87
CA ARG A 405 -29.11 -33.95 -4.81
C ARG A 405 -29.92 -32.88 -5.55
N LEU A 406 -30.83 -33.34 -6.38
CA LEU A 406 -31.74 -32.45 -7.11
C LEU A 406 -32.87 -32.05 -6.17
N ASP A 407 -33.14 -30.75 -6.10
CA ASP A 407 -34.13 -30.26 -5.13
C ASP A 407 -35.55 -30.74 -5.47
N ARG A 408 -36.42 -30.74 -4.47
CA ARG A 408 -37.78 -31.27 -4.65
C ARG A 408 -38.56 -30.49 -5.72
N ALA A 409 -38.35 -29.18 -5.79
CA ALA A 409 -39.02 -28.36 -6.83
C ALA A 409 -38.71 -28.80 -8.27
N SER A 410 -37.44 -29.04 -8.58
CA SER A 410 -37.07 -29.51 -9.92
C SER A 410 -37.60 -30.92 -10.18
N ILE A 411 -37.64 -31.74 -9.15
CA ILE A 411 -38.21 -33.07 -9.29
C ILE A 411 -39.70 -32.95 -9.60
N ASP A 412 -40.40 -32.14 -8.81
CA ASP A 412 -41.81 -31.87 -9.06
C ASP A 412 -41.97 -31.41 -10.50
N ARG A 413 -41.17 -30.44 -10.90
CA ARG A 413 -41.26 -29.89 -12.24
C ARG A 413 -41.17 -30.96 -13.33
N GLN A 414 -40.27 -31.92 -13.16
CA GLN A 414 -40.08 -32.91 -14.23
C GLN A 414 -41.24 -33.89 -14.29
N LEU A 415 -41.96 -34.02 -13.18
CA LEU A 415 -43.18 -34.79 -13.19
C LEU A 415 -44.31 -34.07 -13.95
N LEU A 416 -44.22 -32.75 -14.04
CA LEU A 416 -45.29 -31.94 -14.64
C LEU A 416 -45.11 -31.73 -16.14
N TRP A 417 -43.89 -31.94 -16.63
CA TRP A 417 -43.59 -31.71 -18.03
C TRP A 417 -42.80 -32.88 -18.58
N THR A 418 -42.91 -33.08 -19.89
CA THR A 418 -42.12 -34.10 -20.53
C THR A 418 -41.73 -33.61 -21.91
N LYS A 419 -40.60 -34.09 -22.42
CA LYS A 419 -40.11 -33.68 -23.74
C LYS A 419 -40.77 -34.46 -24.86
N GLY A 420 -41.00 -33.77 -25.98
CA GLY A 420 -41.66 -34.34 -27.13
C GLY A 420 -41.34 -33.49 -28.34
N PRO A 421 -41.96 -33.78 -29.49
CA PRO A 421 -41.71 -32.97 -30.69
C PRO A 421 -42.09 -31.52 -30.45
N ASN A 422 -41.52 -30.60 -31.24
CA ASN A 422 -41.87 -29.20 -31.13
C ASN A 422 -43.35 -28.95 -31.41
N HIS A 423 -43.95 -28.10 -30.59
CA HIS A 423 -45.33 -27.68 -30.80
C HIS A 423 -45.63 -26.30 -30.22
N GLN A 424 -46.80 -25.78 -30.56
CA GLN A 424 -47.16 -24.41 -30.28
C GLN A 424 -47.76 -24.20 -28.88
N ASN A 425 -48.55 -25.14 -28.40
CA ASN A 425 -49.24 -24.94 -27.13
C ASN A 425 -48.69 -25.84 -26.02
N PRO A 426 -47.95 -25.25 -25.07
CA PRO A 426 -47.28 -26.00 -24.02
C PRO A 426 -48.25 -26.79 -23.14
N PHE A 427 -49.47 -26.29 -23.00
CA PHE A 427 -50.46 -26.96 -22.16
C PHE A 427 -51.09 -28.21 -22.80
N GLU A 428 -50.88 -28.43 -24.10
CA GLU A 428 -51.29 -29.69 -24.74
C GLU A 428 -50.63 -30.87 -24.04
N THR A 429 -51.38 -31.96 -23.89
CA THR A 429 -50.85 -33.22 -23.38
C THR A 429 -50.40 -34.10 -24.55
N LEU A 430 -49.25 -34.76 -24.41
CA LEU A 430 -48.84 -35.78 -25.39
C LEU A 430 -49.88 -36.88 -25.41
N PRO A 431 -50.39 -37.22 -26.60
CA PRO A 431 -51.40 -38.29 -26.68
C PRO A 431 -50.72 -39.66 -26.57
N GLY A 432 -49.39 -39.68 -26.74
CA GLY A 432 -48.62 -40.91 -26.73
C GLY A 432 -48.78 -41.78 -25.49
N HIS A 433 -49.02 -41.15 -24.35
CA HIS A 433 -49.23 -41.85 -23.07
C HIS A 433 -48.40 -43.12 -22.90
N ALA A 434 -47.11 -43.04 -23.20
CA ALA A 434 -46.23 -44.20 -23.10
C ALA A 434 -44.76 -43.79 -23.20
N GLN A 435 -44.32 -42.97 -22.26
CA GLN A 435 -42.96 -42.41 -22.30
C GLN A 435 -42.19 -42.63 -21.01
N ARG A 436 -41.03 -41.99 -20.93
CA ARG A 436 -40.28 -41.86 -19.67
C ARG A 436 -39.77 -43.19 -19.11
N PRO A 437 -38.93 -43.90 -19.89
CA PRO A 437 -38.41 -45.18 -19.42
C PRO A 437 -37.43 -44.99 -18.28
N SER A 438 -36.15 -44.81 -18.63
CA SER A 438 -35.12 -44.56 -17.63
C SER A 438 -35.44 -43.29 -16.84
N GLN A 439 -36.00 -42.30 -17.52
CA GLN A 439 -36.33 -41.02 -16.90
C GLN A 439 -37.00 -41.23 -15.54
N LEU A 440 -38.16 -41.88 -15.54
CA LEU A 440 -38.91 -42.15 -14.31
C LEU A 440 -38.01 -42.76 -13.22
N MET A 441 -37.28 -43.80 -13.58
CA MET A 441 -36.42 -44.49 -12.64
C MET A 441 -35.49 -43.49 -11.94
N ALA A 442 -34.78 -42.70 -12.75
CA ALA A 442 -33.88 -41.68 -12.24
C ALA A 442 -34.60 -40.72 -11.31
N LEU A 443 -35.87 -40.47 -11.61
CA LEU A 443 -36.63 -39.54 -10.80
C LEU A 443 -36.90 -40.17 -9.44
N LEU A 444 -37.08 -41.49 -9.43
CA LEU A 444 -37.24 -42.23 -8.19
C LEU A 444 -35.96 -42.12 -7.38
N GLY A 445 -34.83 -42.25 -8.08
CA GLY A 445 -33.52 -42.12 -7.47
C GLY A 445 -33.40 -40.78 -6.77
N GLU A 446 -33.60 -39.71 -7.53
CA GLU A 446 -33.53 -38.36 -6.98
C GLU A 446 -34.41 -38.20 -5.75
N ALA A 447 -35.61 -38.76 -5.78
CA ALA A 447 -36.58 -38.54 -4.71
C ALA A 447 -36.24 -39.36 -3.48
N ALA A 448 -35.69 -40.55 -3.70
CA ALA A 448 -35.28 -41.40 -2.59
C ALA A 448 -34.30 -40.64 -1.70
N MET A 449 -33.43 -39.88 -2.32
CA MET A 449 -32.42 -39.13 -1.58
C MET A 449 -33.00 -38.06 -0.64
N HIS A 450 -34.32 -37.85 -0.71
CA HIS A 450 -35.02 -36.92 0.16
C HIS A 450 -35.75 -37.58 1.34
N GLY A 451 -35.60 -38.89 1.50
CA GLY A 451 -36.28 -39.60 2.58
C GLY A 451 -37.50 -40.33 2.07
N GLU A 452 -38.02 -41.27 2.87
CA GLU A 452 -39.15 -42.08 2.42
C GLU A 452 -40.44 -41.26 2.26
N LYS A 453 -40.67 -40.34 3.19
CA LYS A 453 -41.88 -39.51 3.13
C LYS A 453 -42.07 -38.89 1.76
N TYR A 454 -41.06 -38.15 1.30
CA TYR A 454 -41.11 -37.53 -0.01
C TYR A 454 -41.12 -38.54 -1.12
N TYR A 455 -40.31 -39.59 -0.96
CA TYR A 455 -40.19 -40.63 -1.99
C TYR A 455 -41.50 -41.37 -2.25
N ARG A 456 -42.30 -41.53 -1.21
CA ARG A 456 -43.55 -42.27 -1.34
C ARG A 456 -44.51 -41.46 -2.21
N THR A 457 -44.53 -40.15 -2.00
CA THR A 457 -45.40 -39.29 -2.78
C THR A 457 -45.06 -39.32 -4.26
N VAL A 458 -43.79 -39.14 -4.61
CA VAL A 458 -43.45 -39.13 -6.03
C VAL A 458 -43.52 -40.50 -6.67
N ALA A 459 -43.61 -41.55 -5.84
CA ALA A 459 -43.94 -42.86 -6.39
C ALA A 459 -45.40 -42.82 -6.85
N SER A 460 -45.78 -41.69 -7.44
CA SER A 460 -47.11 -41.49 -8.01
C SER A 460 -46.98 -40.88 -9.41
N ARG A 461 -46.72 -41.70 -10.43
CA ARG A 461 -46.43 -43.13 -10.30
C ARG A 461 -46.34 -43.75 -11.69
N VAL A 462 -47.47 -43.77 -12.40
CA VAL A 462 -47.61 -44.43 -13.69
C VAL A 462 -48.88 -43.92 -14.37
N SER A 463 -49.01 -44.11 -15.68
CA SER A 463 -47.98 -44.76 -16.52
C SER A 463 -47.87 -44.15 -17.94
N LYS A 464 -48.96 -44.09 -18.70
CA LYS A 464 -50.29 -44.52 -18.27
C LYS A 464 -50.62 -45.91 -18.81
N GLU A 472 -46.49 -50.33 -16.68
CA GLU A 472 -45.77 -51.40 -16.00
C GLU A 472 -45.31 -51.02 -14.60
N MET A 473 -45.64 -51.86 -13.62
CA MET A 473 -45.27 -51.63 -12.24
C MET A 473 -44.10 -52.57 -11.87
N VAL A 474 -43.66 -52.58 -10.61
CA VAL A 474 -44.19 -51.75 -9.54
C VAL A 474 -43.11 -50.90 -8.91
N VAL A 475 -43.49 -50.13 -7.89
CA VAL A 475 -42.59 -49.26 -7.16
C VAL A 475 -41.55 -50.05 -6.40
N PRO A 476 -40.27 -49.85 -6.76
CA PRO A 476 -39.16 -50.42 -5.97
C PRO A 476 -39.26 -49.91 -4.54
N ARG A 477 -38.92 -50.73 -3.56
CA ARG A 477 -38.93 -50.29 -2.18
C ARG A 477 -37.95 -49.11 -2.06
N HIS A 478 -38.25 -48.16 -1.17
CA HIS A 478 -37.39 -46.99 -0.98
C HIS A 478 -35.95 -47.34 -0.64
N ARG A 479 -35.77 -48.23 0.34
CA ARG A 479 -34.44 -48.64 0.74
C ARG A 479 -33.63 -49.06 -0.48
N SER A 480 -34.28 -49.84 -1.36
CA SER A 480 -33.57 -50.43 -2.49
C SER A 480 -33.08 -49.40 -3.49
N VAL A 481 -33.92 -48.41 -3.78
CA VAL A 481 -33.53 -47.39 -4.75
C VAL A 481 -32.57 -46.38 -4.14
N LEU A 482 -32.76 -46.08 -2.85
CA LEU A 482 -31.80 -45.25 -2.15
C LEU A 482 -30.39 -45.85 -2.19
N ARG A 483 -30.30 -47.16 -2.00
CA ARG A 483 -29.03 -47.85 -2.00
C ARG A 483 -28.44 -47.85 -3.39
N TRP A 484 -29.30 -48.07 -4.37
CA TRP A 484 -28.87 -48.11 -5.75
C TRP A 484 -28.39 -46.75 -6.23
N VAL A 485 -29.02 -45.67 -5.76
CA VAL A 485 -28.66 -44.36 -6.29
C VAL A 485 -27.43 -43.76 -5.64
N ARG A 486 -27.21 -44.05 -4.35
CA ARG A 486 -26.02 -43.58 -3.65
C ARG A 486 -24.78 -44.42 -3.93
N PHE A 487 -24.95 -45.75 -3.92
CA PHE A 487 -23.79 -46.66 -3.91
C PHE A 487 -23.67 -47.51 -5.18
N GLY A 488 -22.55 -48.22 -5.31
CA GLY A 488 -22.29 -49.00 -6.51
C GLY A 488 -23.54 -49.59 -7.17
N LEU B 2 43.28 -31.15 40.91
CA LEU B 2 44.00 -30.71 39.71
C LEU B 2 43.38 -31.15 38.38
N PRO B 3 42.60 -32.25 38.37
CA PRO B 3 41.89 -32.57 37.12
C PRO B 3 40.73 -31.60 36.91
N ARG B 4 40.20 -31.53 35.69
CA ARG B 4 39.06 -30.67 35.43
C ARG B 4 37.78 -31.31 35.97
N PRO B 5 36.97 -30.54 36.69
CA PRO B 5 35.74 -31.02 37.35
C PRO B 5 34.61 -31.42 36.40
N SER B 6 33.52 -31.94 36.96
CA SER B 6 32.32 -32.33 36.22
C SER B 6 31.33 -32.87 37.24
N GLY B 7 30.06 -33.03 36.88
CA GLY B 7 29.55 -32.74 35.57
C GLY B 7 28.44 -31.68 35.49
N THR B 8 27.54 -31.63 36.47
CA THR B 8 26.35 -30.77 36.31
C THR B 8 26.12 -29.64 37.33
N TYR B 9 25.97 -28.42 36.83
CA TYR B 9 25.62 -27.27 37.66
C TYR B 9 24.40 -26.56 37.06
N ALA B 10 23.31 -26.53 37.83
CA ALA B 10 22.08 -25.88 37.37
C ALA B 10 21.64 -26.42 36.03
N GLY B 11 21.64 -27.76 35.89
CA GLY B 11 21.20 -28.42 34.69
C GLY B 11 22.18 -28.40 33.52
N LEU B 12 23.29 -27.70 33.69
CA LEU B 12 24.23 -27.48 32.59
C LEU B 12 25.57 -28.14 32.89
N PRO B 13 26.30 -28.54 31.83
CA PRO B 13 27.58 -29.25 31.99
C PRO B 13 28.66 -28.34 32.57
N ILE B 14 29.51 -28.89 33.43
CA ILE B 14 30.61 -28.14 34.02
C ILE B 14 31.83 -28.36 33.15
N ALA B 15 32.67 -27.34 33.03
CA ALA B 15 33.84 -27.41 32.14
C ALA B 15 35.11 -27.09 32.88
N ASP B 16 35.01 -26.33 33.97
CA ASP B 16 36.19 -25.90 34.68
C ASP B 16 35.78 -25.13 35.94
N TYR B 17 36.75 -24.80 36.76
CA TYR B 17 36.51 -23.91 37.89
C TYR B 17 36.37 -22.46 37.41
N GLY B 18 35.50 -21.70 38.07
CA GLY B 18 35.31 -20.30 37.74
C GLY B 18 36.33 -19.34 38.33
N ASP B 19 36.41 -18.16 37.72
CA ASP B 19 37.30 -17.10 38.18
C ASP B 19 36.49 -15.84 38.46
N ALA B 20 35.18 -15.94 38.32
CA ALA B 20 34.32 -14.78 38.52
C ALA B 20 34.36 -14.30 39.96
N PRO B 21 34.46 -12.98 40.16
CA PRO B 21 34.31 -12.44 41.51
C PRO B 21 32.89 -12.66 42.01
N PRO B 22 32.69 -12.59 43.33
CA PRO B 22 31.36 -12.80 43.91
C PRO B 22 30.33 -11.80 43.39
N LEU B 23 29.09 -12.25 43.32
CA LEU B 23 27.99 -11.43 42.84
C LEU B 23 27.89 -10.22 43.73
N SER B 24 27.44 -9.11 43.15
CA SER B 24 27.36 -7.87 43.88
C SER B 24 26.31 -7.94 44.98
N THR B 25 26.64 -7.39 46.14
CA THR B 25 25.69 -7.30 47.23
C THR B 25 25.16 -5.87 47.38
N LYS B 26 25.43 -5.02 46.39
CA LYS B 26 25.05 -3.61 46.48
C LYS B 26 24.20 -3.07 45.30
N THR B 27 23.53 -1.96 45.54
CA THR B 27 22.72 -1.29 44.53
C THR B 27 23.26 0.13 44.26
N MET B 28 22.93 0.68 43.11
CA MET B 28 23.32 2.05 42.79
C MET B 28 22.14 2.99 43.05
N PHE B 29 21.00 2.41 43.43
CA PHE B 29 19.81 3.20 43.70
C PHE B 29 19.74 3.73 45.13
N TRP B 30 19.42 5.02 45.24
CA TRP B 30 19.25 5.75 46.50
C TRP B 30 17.86 6.37 46.54
N ARG B 31 17.26 6.48 47.72
CA ARG B 31 15.98 7.16 47.82
C ARG B 31 16.19 8.65 47.75
N THR B 32 15.20 9.38 47.25
CA THR B 32 15.36 10.82 47.05
C THR B 32 14.86 11.62 48.25
N SER B 33 14.16 10.94 49.16
CA SER B 33 13.70 11.56 50.38
C SER B 33 13.62 10.48 51.44
N PRO B 34 13.63 10.88 52.71
CA PRO B 34 13.61 9.95 53.85
C PRO B 34 12.21 9.41 54.08
N GLU B 35 11.23 10.00 53.40
CA GLU B 35 9.83 9.62 53.58
C GLU B 35 9.61 8.15 53.27
N LYS B 36 8.77 7.49 54.05
CA LYS B 36 8.43 6.10 53.79
C LYS B 36 7.78 5.94 52.40
N LEU B 37 8.15 4.88 51.70
CA LEU B 37 7.61 4.58 50.39
C LEU B 37 6.11 4.27 50.47
N PRO B 38 5.36 4.61 49.41
CA PRO B 38 3.93 4.26 49.34
C PRO B 38 3.81 2.76 49.29
N PRO B 39 2.65 2.21 49.69
CA PRO B 39 2.47 0.76 49.57
C PRO B 39 2.52 0.31 48.11
N GLY B 40 3.17 -0.82 47.87
CA GLY B 40 3.31 -1.34 46.51
C GLY B 40 4.47 -0.74 45.73
N ALA B 41 5.20 0.19 46.33
CA ALA B 41 6.30 0.84 45.60
C ALA B 41 7.39 -0.16 45.17
N TRP B 42 7.97 0.08 44.01
CA TRP B 42 9.05 -0.75 43.51
C TRP B 42 10.28 -0.46 44.34
N GLU B 43 11.19 -1.43 44.43
CA GLU B 43 12.46 -1.26 45.15
C GLU B 43 13.62 -1.90 44.40
N PRO B 44 14.86 -1.56 44.78
CA PRO B 44 16.01 -2.24 44.14
C PRO B 44 15.96 -3.76 44.36
N ALA B 45 16.38 -4.52 43.35
CA ALA B 45 16.37 -5.98 43.45
C ALA B 45 17.16 -6.56 44.63
N TYR B 46 16.73 -7.73 45.10
CA TYR B 46 17.37 -8.47 46.19
C TYR B 46 18.90 -8.43 46.15
N LEU B 47 19.50 -8.24 47.34
CA LEU B 47 20.94 -8.04 47.46
C LEU B 47 21.69 -9.19 48.13
N GLY B 48 20.98 -10.27 48.46
CA GLY B 48 21.64 -11.44 49.02
C GLY B 48 21.60 -11.53 50.54
N SER B 49 22.46 -12.35 51.13
CA SER B 49 22.42 -12.58 52.57
C SER B 49 22.56 -11.30 53.42
N LYS B 50 23.25 -10.29 52.87
CA LYS B 50 23.42 -9.01 53.55
C LYS B 50 22.20 -8.05 53.42
N ASP B 51 21.17 -8.46 52.70
CA ASP B 51 20.02 -7.60 52.47
C ASP B 51 19.14 -7.53 53.70
N GLU B 52 19.00 -6.34 54.26
CA GLU B 52 18.26 -6.18 55.50
C GLU B 52 16.74 -6.20 55.33
N ARG B 53 16.27 -6.22 54.07
CA ARG B 53 14.82 -6.23 53.80
C ARG B 53 14.17 -7.60 53.94
N VAL B 54 14.91 -8.67 53.62
CA VAL B 54 14.35 -10.02 53.62
C VAL B 54 15.41 -11.04 53.92
N ASP B 55 14.97 -12.17 54.49
CA ASP B 55 15.83 -13.32 54.56
C ASP B 55 15.44 -14.22 53.40
N GLY B 56 16.33 -14.30 52.41
CA GLY B 56 16.07 -15.09 51.23
C GLY B 56 17.21 -16.05 50.97
N PRO B 57 17.21 -16.69 49.79
CA PRO B 57 18.28 -17.61 49.44
C PRO B 57 19.51 -16.84 48.99
N SER B 58 20.64 -17.52 48.79
CA SER B 58 21.86 -16.86 48.37
C SER B 58 21.69 -16.33 46.95
N LEU B 59 22.49 -15.33 46.61
CA LEU B 59 22.45 -14.77 45.27
C LEU B 59 22.76 -15.88 44.28
N GLN B 60 23.56 -16.84 44.73
CA GLN B 60 23.97 -17.95 43.90
C GLN B 60 22.78 -18.85 43.54
N GLN B 61 21.86 -19.04 44.50
CA GLN B 61 20.71 -19.89 44.24
C GLN B 61 19.77 -19.16 43.30
N VAL B 62 19.68 -17.84 43.47
CA VAL B 62 18.85 -16.99 42.63
C VAL B 62 19.28 -17.06 41.16
N MET B 63 20.61 -17.04 40.92
CA MET B 63 21.15 -17.19 39.58
C MET B 63 20.92 -18.59 38.99
N ARG B 64 21.03 -19.61 39.84
CA ARG B 64 20.70 -20.95 39.39
C ARG B 64 19.31 -20.97 38.79
N ASP B 65 18.35 -20.38 39.48
CA ASP B 65 16.99 -20.26 38.98
C ASP B 65 16.94 -19.69 37.56
N GLN B 66 17.77 -18.67 37.32
CA GLN B 66 17.83 -18.01 36.02
C GLN B 66 18.45 -18.91 34.96
N LEU B 67 19.22 -19.89 35.38
CA LEU B 67 19.90 -20.77 34.44
C LEU B 67 19.02 -21.92 33.96
N LYS B 68 17.92 -22.19 34.67
CA LYS B 68 17.04 -23.31 34.31
C LYS B 68 16.64 -23.35 32.83
N PRO B 69 16.07 -22.26 32.30
CA PRO B 69 15.59 -22.27 30.92
C PRO B 69 16.64 -22.66 29.85
N TYR B 70 17.93 -22.48 30.14
CA TYR B 70 18.98 -22.84 29.19
C TYR B 70 19.14 -24.36 28.95
N SER B 71 18.63 -25.16 29.87
CA SER B 71 18.78 -26.61 29.73
C SER B 71 17.48 -27.25 29.25
N GLU B 72 16.45 -26.42 29.13
CA GLU B 72 15.16 -26.86 28.60
C GLU B 72 15.31 -27.23 27.12
N PRO B 73 14.59 -28.26 26.66
CA PRO B 73 14.67 -28.61 25.23
C PRO B 73 14.31 -27.44 24.32
N ARG B 74 14.95 -27.37 23.17
CA ARG B 74 14.64 -26.35 22.19
C ARG B 74 13.30 -26.61 21.48
N GLY B 75 12.69 -25.55 20.98
CA GLY B 75 11.53 -25.70 20.11
C GLY B 75 11.98 -26.20 18.75
N LEU B 76 11.06 -26.24 17.79
CA LEU B 76 11.44 -26.71 16.47
C LEU B 76 11.90 -25.57 15.58
N LEU B 77 12.86 -25.88 14.74
CA LEU B 77 13.23 -24.98 13.66
C LEU B 77 12.01 -24.80 12.74
N PRO B 78 11.83 -23.58 12.19
CA PRO B 78 10.79 -23.33 11.19
C PRO B 78 11.08 -24.15 9.95
N PRO B 79 10.06 -24.43 9.13
CA PRO B 79 10.28 -25.29 7.95
C PRO B 79 11.42 -24.75 7.07
N GLN B 80 12.34 -25.64 6.70
CA GLN B 80 13.56 -25.23 6.02
C GLN B 80 13.34 -24.25 4.88
N GLU B 81 12.38 -24.54 4.01
CA GLU B 81 12.20 -23.70 2.83
C GLU B 81 11.65 -22.32 3.16
N ILE B 82 10.78 -22.25 4.15
CA ILE B 82 10.36 -20.96 4.69
C ILE B 82 11.56 -20.21 5.30
N LEU B 83 12.26 -20.85 6.24
CA LEU B 83 13.46 -20.27 6.84
C LEU B 83 14.46 -19.74 5.80
N ASP B 84 14.71 -20.53 4.75
CA ASP B 84 15.61 -20.08 3.69
C ASP B 84 15.10 -18.84 2.95
N ALA B 85 13.81 -18.82 2.66
CA ALA B 85 13.22 -17.70 1.97
C ALA B 85 13.18 -16.43 2.82
N VAL B 86 12.83 -16.56 4.09
CA VAL B 86 12.83 -15.34 4.90
C VAL B 86 14.25 -14.79 5.11
N CYS B 87 15.22 -15.66 5.31
CA CYS B 87 16.58 -15.15 5.45
C CYS B 87 17.06 -14.41 4.20
N ASP B 88 16.75 -14.94 3.01
CA ASP B 88 17.12 -14.28 1.76
C ASP B 88 16.43 -12.94 1.60
N ALA B 89 15.15 -12.88 1.97
CA ALA B 89 14.40 -11.65 1.81
C ALA B 89 14.91 -10.58 2.77
N ILE B 90 15.29 -11.00 3.98
CA ILE B 90 15.82 -10.05 4.92
C ILE B 90 17.17 -9.57 4.45
N GLU B 91 18.02 -10.50 4.04
CA GLU B 91 19.35 -10.13 3.59
C GLU B 91 19.23 -9.16 2.42
N ASN B 92 18.37 -9.54 1.48
CA ASN B 92 18.14 -8.75 0.30
C ASN B 92 17.69 -7.34 0.68
N ARG B 93 16.73 -7.23 1.59
CA ARG B 93 16.27 -5.91 2.01
C ARG B 93 17.43 -5.07 2.57
N LEU B 94 18.25 -5.72 3.40
CA LEU B 94 19.41 -5.06 3.99
C LEU B 94 20.45 -4.67 2.92
N GLU B 95 20.76 -5.60 2.01
CA GLU B 95 21.60 -5.25 0.85
C GLU B 95 21.12 -3.96 0.18
N ASN B 96 19.81 -3.84 -0.03
CA ASN B 96 19.19 -2.72 -0.74
C ASN B 96 19.15 -1.39 0.03
N THR B 97 19.40 -1.42 1.35
CA THR B 97 19.22 -0.21 2.15
C THR B 97 20.49 0.27 2.81
N LEU B 98 21.31 -0.66 3.30
CA LEU B 98 22.51 -0.31 4.06
C LEU B 98 23.61 0.33 3.22
N GLU B 99 24.11 1.46 3.67
CA GLU B 99 25.28 2.06 3.05
C GLU B 99 26.54 1.23 3.34
N PRO B 100 27.23 0.80 2.29
CA PRO B 100 28.50 0.06 2.45
C PRO B 100 29.49 0.85 3.32
N GLN B 101 30.27 0.14 4.13
CA GLN B 101 31.07 0.79 5.16
C GLN B 101 32.57 0.51 5.05
N LYS B 102 33.36 1.43 5.61
CA LYS B 102 34.79 1.18 5.81
C LYS B 102 34.98 0.25 6.99
N PRO B 103 35.95 -0.67 6.89
CA PRO B 103 36.37 -1.51 8.02
C PRO B 103 36.67 -0.67 9.25
N TRP B 104 36.35 -1.17 10.43
CA TRP B 104 36.73 -0.52 11.67
C TRP B 104 38.18 -0.85 12.03
N THR B 105 38.91 0.19 12.45
CA THR B 105 40.24 0.00 13.00
C THR B 105 40.17 -0.55 14.41
N PHE B 106 41.30 -1.05 14.87
CA PHE B 106 41.48 -1.41 16.26
C PHE B 106 41.22 -0.18 17.12
N LYS B 107 41.73 0.96 16.68
CA LYS B 107 41.55 2.16 17.46
C LYS B 107 40.06 2.43 17.69
N LYS B 108 39.30 2.54 16.61
CA LYS B 108 37.87 2.82 16.69
C LYS B 108 37.09 1.81 17.53
N ALA B 109 37.38 0.53 17.30
CA ALA B 109 36.81 -0.54 18.13
C ALA B 109 37.07 -0.31 19.63
N CYS B 110 38.30 0.03 20.00
CA CYS B 110 38.62 0.26 21.41
C CYS B 110 37.91 1.49 21.98
N GLU B 111 37.73 2.50 21.12
CA GLU B 111 37.04 3.72 21.52
C GLU B 111 35.56 3.47 21.77
N SER B 112 34.98 2.59 20.96
CA SER B 112 33.54 2.32 21.05
C SER B 112 33.12 1.62 22.35
N LEU B 113 34.04 0.92 22.99
CA LEU B 113 33.68 0.21 24.22
C LEU B 113 33.29 1.16 25.34
N ASP B 114 32.43 0.66 26.23
CA ASP B 114 32.02 1.42 27.41
C ASP B 114 33.07 1.30 28.50
N LYS B 115 33.74 2.41 28.79
CA LYS B 115 34.87 2.40 29.71
C LYS B 115 34.46 2.34 31.18
N ASN B 116 33.17 2.53 31.47
CA ASN B 116 32.70 2.50 32.85
C ASN B 116 32.29 1.12 33.35
N THR B 117 32.35 0.11 32.47
CA THR B 117 31.95 -1.23 32.85
C THR B 117 33.14 -2.17 32.95
N SER B 118 32.92 -3.32 33.58
CA SER B 118 33.95 -4.34 33.74
C SER B 118 34.54 -4.86 32.43
N SER B 119 35.82 -5.20 32.46
CA SER B 119 36.51 -5.80 31.34
C SER B 119 36.22 -7.31 31.23
N GLY B 120 35.68 -7.88 32.30
CA GLY B 120 35.40 -9.31 32.33
C GLY B 120 36.64 -10.17 32.54
N TYR B 121 36.53 -11.45 32.19
CA TYR B 121 37.66 -12.36 32.28
C TYR B 121 38.84 -11.82 31.48
N PRO B 122 40.06 -11.89 32.02
CA PRO B 122 40.37 -12.44 33.34
C PRO B 122 40.62 -11.35 34.40
N TYR B 123 40.68 -10.08 34.01
CA TYR B 123 41.07 -9.02 34.95
C TYR B 123 39.92 -8.39 35.72
N HIS B 124 38.70 -8.63 35.24
CA HIS B 124 37.49 -8.09 35.86
C HIS B 124 37.68 -6.68 36.44
N LYS B 125 38.22 -5.80 35.61
CA LYS B 125 38.57 -4.46 36.02
C LYS B 125 37.68 -3.45 35.30
N GLN B 126 37.33 -2.37 35.96
CA GLN B 126 36.69 -1.28 35.24
C GLN B 126 37.59 -0.88 34.05
N LYS B 127 37.01 -0.88 32.86
CA LYS B 127 37.79 -0.64 31.64
C LYS B 127 38.58 0.70 31.65
N SER B 128 38.02 1.74 32.26
CA SER B 128 38.71 3.03 32.28
C SER B 128 40.06 3.00 32.98
N LYS B 129 40.24 2.05 33.90
CA LYS B 129 41.44 2.00 34.73
C LYS B 129 42.71 1.73 33.93
N ASP B 130 42.57 1.24 32.71
CA ASP B 130 43.74 0.97 31.85
C ASP B 130 43.67 1.77 30.55
N TRP B 131 42.81 2.79 30.55
CA TRP B 131 42.52 3.58 29.36
C TRP B 131 43.19 4.96 29.39
N THR B 132 43.90 5.31 28.31
CA THR B 132 44.68 6.55 28.28
C THR B 132 43.91 7.71 27.67
N GLY B 133 42.70 7.45 27.19
CA GLY B 133 41.93 8.42 26.44
C GLY B 133 41.86 8.04 24.98
N SER B 134 42.82 7.26 24.51
CA SER B 134 42.79 6.82 23.12
C SER B 134 43.26 5.37 22.95
N ALA B 135 43.64 4.70 24.02
CA ALA B 135 44.14 3.33 23.92
C ALA B 135 44.22 2.62 25.27
N PHE B 136 44.17 1.29 25.23
CA PHE B 136 44.37 0.47 26.42
C PHE B 136 45.85 0.21 26.66
N ILE B 137 46.29 0.44 27.88
CA ILE B 137 47.65 0.08 28.24
C ILE B 137 47.57 -0.89 29.41
N GLY B 138 48.71 -1.34 29.93
CA GLY B 138 48.71 -2.23 31.07
C GLY B 138 48.10 -3.58 30.75
N ASP B 139 47.42 -4.19 31.72
CA ASP B 139 46.84 -5.52 31.52
C ASP B 139 45.86 -5.56 30.35
N LEU B 140 44.92 -4.62 30.34
CA LEU B 140 43.94 -4.53 29.28
C LEU B 140 44.60 -4.29 27.94
N GLY B 141 45.65 -3.46 27.93
CA GLY B 141 46.43 -3.27 26.72
C GLY B 141 46.93 -4.59 26.17
N ASP B 142 47.37 -5.48 27.05
CA ASP B 142 47.86 -6.78 26.58
C ASP B 142 46.73 -7.68 26.11
N GLN B 143 45.59 -7.62 26.79
CA GLN B 143 44.45 -8.43 26.40
C GLN B 143 43.94 -7.97 25.04
N ALA B 144 43.85 -6.65 24.89
CA ALA B 144 43.29 -6.05 23.70
C ALA B 144 44.17 -6.25 22.47
N THR B 145 45.47 -6.07 22.66
CA THR B 145 46.42 -6.26 21.57
C THR B 145 46.41 -7.71 21.09
N HIS B 146 46.53 -8.66 22.03
CA HIS B 146 46.49 -10.06 21.61
C HIS B 146 45.20 -10.39 20.84
N ALA B 147 44.06 -10.04 21.43
CA ALA B 147 42.76 -10.17 20.78
C ALA B 147 42.75 -9.61 19.37
N ASN B 148 43.12 -8.34 19.23
CA ASN B 148 43.24 -7.71 17.91
C ASN B 148 44.07 -8.54 16.92
N ASN B 149 45.26 -8.95 17.33
CA ASN B 149 46.10 -9.77 16.46
C ASN B 149 45.37 -11.01 15.97
N MET B 150 44.69 -11.70 16.87
CA MET B 150 43.98 -12.91 16.49
C MET B 150 42.89 -12.56 15.48
N TYR B 151 42.23 -11.44 15.71
CA TYR B 151 41.23 -10.96 14.78
C TYR B 151 41.80 -10.82 13.36
N GLU B 152 42.92 -10.12 13.25
CA GLU B 152 43.56 -9.87 11.96
C GLU B 152 44.10 -11.13 11.28
N MET B 153 44.44 -12.13 12.08
CA MET B 153 44.95 -13.40 11.55
C MET B 153 43.80 -14.37 11.30
N GLY B 154 42.58 -13.96 11.62
CA GLY B 154 41.42 -14.82 11.48
C GLY B 154 41.51 -16.08 12.32
N LYS B 155 41.94 -15.94 13.57
CA LYS B 155 42.11 -17.12 14.41
C LYS B 155 41.12 -17.13 15.55
N SER B 156 40.60 -18.31 15.85
CA SER B 156 39.59 -18.48 16.86
C SER B 156 40.12 -18.19 18.29
N MET B 157 39.27 -17.61 19.13
CA MET B 157 39.49 -17.51 20.57
C MET B 157 38.19 -17.91 21.23
N ARG B 158 38.27 -18.63 22.35
CA ARG B 158 37.06 -19.08 23.04
C ARG B 158 36.63 -17.95 23.94
N PRO B 159 35.39 -17.49 23.76
CA PRO B 159 34.95 -16.39 24.62
C PRO B 159 34.64 -16.90 26.02
N ILE B 160 34.87 -16.06 27.03
CA ILE B 160 34.51 -16.42 28.40
C ILE B 160 33.60 -15.35 28.97
N TYR B 161 32.36 -15.74 29.24
CA TYR B 161 31.39 -14.82 29.82
C TYR B 161 31.36 -14.98 31.33
N THR B 162 31.03 -13.88 32.01
CA THR B 162 30.90 -13.86 33.45
C THR B 162 29.46 -13.53 33.79
N ALA B 163 28.82 -14.37 34.60
CA ALA B 163 27.43 -14.14 34.95
C ALA B 163 27.30 -13.02 35.98
N ALA B 164 26.22 -12.25 35.88
CA ALA B 164 25.91 -11.27 36.91
C ALA B 164 24.39 -11.19 37.04
N LEU B 165 23.94 -10.38 37.98
CA LEU B 165 22.51 -10.23 38.22
C LEU B 165 22.18 -8.75 38.23
N LYS B 166 21.15 -8.37 37.47
CA LYS B 166 20.86 -6.98 37.20
C LYS B 166 20.39 -6.20 38.44
N ASP B 167 21.12 -5.14 38.76
CA ASP B 167 20.69 -4.20 39.75
C ASP B 167 19.68 -3.23 39.10
N GLU B 168 18.40 -3.39 39.44
CA GLU B 168 17.35 -2.54 38.89
C GLU B 168 16.17 -2.48 39.83
N LEU B 169 15.26 -1.54 39.57
CA LEU B 169 14.03 -1.47 40.35
C LEU B 169 13.11 -2.58 39.93
N VAL B 170 12.42 -3.21 40.88
CA VAL B 170 11.50 -4.31 40.56
C VAL B 170 10.24 -4.28 41.44
N LYS B 171 9.20 -4.96 41.00
CA LYS B 171 7.98 -5.08 41.80
C LYS B 171 8.35 -5.67 43.16
N PRO B 172 7.69 -5.22 44.22
CA PRO B 172 8.01 -5.75 45.55
C PRO B 172 7.90 -7.28 45.66
N ASP B 173 6.93 -7.87 44.97
CA ASP B 173 6.78 -9.32 45.02
C ASP B 173 8.09 -10.06 44.73
N LYS B 174 8.97 -9.47 43.94
CA LYS B 174 10.22 -10.12 43.55
C LYS B 174 11.32 -9.93 44.59
N ILE B 175 10.95 -9.25 45.67
CA ILE B 175 11.83 -9.07 46.83
C ILE B 175 11.22 -9.76 48.04
N TYR B 176 9.92 -9.56 48.24
CA TYR B 176 9.25 -10.06 49.44
C TYR B 176 8.41 -11.31 49.18
N GLY B 177 8.30 -11.70 47.92
CA GLY B 177 7.68 -12.97 47.57
C GLY B 177 8.72 -13.96 47.05
N LYS B 178 8.41 -14.65 45.95
CA LYS B 178 9.39 -15.47 45.26
C LYS B 178 10.43 -14.53 44.63
N ILE B 179 11.63 -14.54 45.19
CA ILE B 179 12.70 -13.63 44.76
C ILE B 179 13.23 -13.98 43.38
N LYS B 180 13.33 -12.96 42.53
CA LYS B 180 13.90 -13.10 41.19
C LYS B 180 14.84 -11.94 40.89
N LYS B 181 15.87 -12.21 40.09
CA LYS B 181 16.85 -11.20 39.71
C LYS B 181 17.44 -11.61 38.37
N ARG B 182 17.49 -10.69 37.42
CA ARG B 182 17.75 -11.09 36.04
C ARG B 182 19.21 -11.40 35.71
N LEU B 183 19.40 -12.46 34.93
CA LEU B 183 20.74 -12.87 34.55
C LEU B 183 21.35 -11.92 33.52
N LEU B 184 22.61 -11.56 33.73
CA LEU B 184 23.36 -10.78 32.74
C LEU B 184 24.56 -11.60 32.28
N TRP B 185 24.95 -11.42 31.02
CA TRP B 185 26.16 -12.04 30.49
C TRP B 185 27.23 -10.97 30.31
N GLY B 186 28.37 -11.12 30.96
CA GLY B 186 29.44 -10.15 30.81
C GLY B 186 30.54 -10.68 29.90
N SER B 187 30.74 -10.03 28.77
CA SER B 187 31.81 -10.43 27.87
C SER B 187 33.17 -10.18 28.48
N ASP B 188 34.17 -10.83 27.89
CA ASP B 188 35.55 -10.58 28.22
C ASP B 188 36.04 -9.56 27.21
N LEU B 189 37.03 -8.77 27.57
CA LEU B 189 37.47 -7.65 26.75
C LEU B 189 37.90 -8.06 25.34
N GLY B 190 38.57 -9.20 25.25
CA GLY B 190 39.06 -9.66 23.96
C GLY B 190 37.92 -9.91 22.99
N THR B 191 36.86 -10.52 23.48
CA THR B 191 35.68 -10.75 22.68
C THR B 191 35.03 -9.41 22.32
N MET B 192 34.93 -8.50 23.28
CA MET B 192 34.32 -7.21 22.98
C MET B 192 35.07 -6.58 21.81
N ILE B 193 36.38 -6.70 21.80
CA ILE B 193 37.20 -6.05 20.79
C ILE B 193 37.04 -6.68 19.41
N ARG B 194 37.02 -8.01 19.36
CA ARG B 194 36.84 -8.69 18.09
C ARG B 194 35.44 -8.41 17.51
N ALA B 195 34.43 -8.44 18.36
CA ALA B 195 33.06 -8.23 17.93
C ALA B 195 32.88 -6.79 17.44
N ALA B 196 33.44 -5.85 18.18
CA ALA B 196 33.36 -4.45 17.82
C ALA B 196 34.05 -4.24 16.49
N ARG B 197 35.20 -4.85 16.31
CA ARG B 197 35.90 -4.65 15.05
C ARG B 197 35.15 -5.31 13.89
N ALA B 198 34.62 -6.51 14.15
CA ALA B 198 33.97 -7.28 13.11
C ALA B 198 32.61 -6.67 12.69
N PHE B 199 31.86 -6.17 13.66
CA PHE B 199 30.45 -5.88 13.44
C PHE B 199 30.05 -4.43 13.66
N GLY B 200 30.97 -3.64 14.22
CA GLY B 200 30.77 -2.20 14.32
C GLY B 200 30.22 -1.56 13.04
N PRO B 201 30.86 -1.84 11.89
CA PRO B 201 30.42 -1.25 10.61
C PRO B 201 28.97 -1.59 10.27
N PHE B 202 28.63 -2.87 10.29
CA PHE B 202 27.26 -3.30 10.00
C PHE B 202 26.26 -2.63 10.92
N CYS B 203 26.54 -2.64 12.22
CA CYS B 203 25.68 -2.02 13.22
C CYS B 203 25.50 -0.52 12.98
N ASP B 204 26.59 0.15 12.59
CA ASP B 204 26.53 1.57 12.23
C ASP B 204 25.55 1.77 11.08
N ALA B 205 25.71 0.96 10.04
CA ALA B 205 24.89 1.07 8.83
C ALA B 205 23.42 0.80 9.16
N LEU B 206 23.18 -0.20 10.00
CA LEU B 206 21.84 -0.59 10.41
C LEU B 206 21.17 0.55 11.19
N LYS B 207 21.96 1.20 12.04
CA LYS B 207 21.50 2.33 12.83
C LYS B 207 21.06 3.54 11.99
N GLU B 208 21.83 3.87 10.95
CA GLU B 208 21.52 4.98 10.05
C GLU B 208 20.18 4.76 9.37
N THR B 209 19.65 3.57 9.52
CA THR B 209 18.57 3.04 8.72
C THR B 209 17.36 2.67 9.60
N CYS B 210 17.38 3.14 10.84
CA CYS B 210 16.47 2.62 11.86
C CYS B 210 15.05 3.08 11.66
N ILE B 211 14.83 4.00 10.73
CA ILE B 211 13.47 4.40 10.43
C ILE B 211 12.88 3.57 9.29
N PHE B 212 13.71 3.23 8.33
CA PHE B 212 13.28 2.55 7.11
C PHE B 212 13.30 1.03 7.29
N ASN B 213 14.23 0.54 8.11
CA ASN B 213 14.29 -0.89 8.42
C ASN B 213 13.77 -1.14 9.84
N PRO B 214 13.24 -2.35 10.08
CA PRO B 214 12.53 -2.67 11.32
C PRO B 214 13.38 -2.83 12.60
N ILE B 215 14.71 -2.85 12.49
CA ILE B 215 15.52 -2.95 13.68
C ILE B 215 15.75 -1.56 14.22
N ARG B 216 15.10 -1.25 15.33
CA ARG B 216 14.98 0.14 15.79
C ARG B 216 16.12 0.60 16.69
N VAL B 217 17.09 -0.28 16.95
CA VAL B 217 18.22 0.05 17.81
C VAL B 217 18.88 1.35 17.35
N GLY B 218 19.06 2.27 18.29
CA GLY B 218 19.66 3.56 17.98
C GLY B 218 18.69 4.70 17.66
N MET B 219 17.40 4.39 17.56
CA MET B 219 16.38 5.42 17.33
C MET B 219 16.21 6.36 18.54
N SER B 220 15.80 7.59 18.25
CA SER B 220 15.37 8.50 19.31
C SER B 220 13.84 8.39 19.46
N MET B 221 13.37 8.05 20.66
CA MET B 221 11.93 7.95 20.86
C MET B 221 11.27 9.28 20.54
N ASN B 222 11.84 10.35 21.09
CA ASN B 222 11.31 11.68 20.91
C ASN B 222 11.35 12.16 19.45
N GLU B 223 12.49 11.95 18.79
CA GLU B 223 12.71 12.47 17.44
C GLU B 223 12.20 11.54 16.34
N ASP B 224 12.43 10.24 16.50
CA ASP B 224 12.11 9.27 15.45
C ASP B 224 10.73 8.61 15.64
N GLY B 225 10.26 8.53 16.89
CA GLY B 225 8.99 7.89 17.20
C GLY B 225 7.83 8.32 16.31
N PRO B 226 7.62 9.63 16.17
CA PRO B 226 6.43 10.01 15.41
C PRO B 226 6.44 9.49 13.97
N PHE B 227 7.60 9.46 13.33
CA PHE B 227 7.68 8.99 11.96
C PHE B 227 7.53 7.46 11.92
N ILE B 228 8.24 6.77 12.81
CA ILE B 228 8.10 5.32 12.93
C ILE B 228 6.66 4.88 13.15
N PHE B 229 5.99 5.47 14.13
CA PHE B 229 4.62 5.10 14.42
C PHE B 229 3.67 5.49 13.28
N ALA B 230 3.90 6.65 12.69
CA ALA B 230 3.11 7.03 11.51
C ALA B 230 3.18 5.92 10.47
N ARG B 231 4.36 5.34 10.28
CA ARG B 231 4.52 4.25 9.32
C ARG B 231 3.66 3.05 9.70
N HIS B 232 3.75 2.64 10.96
CA HIS B 232 2.96 1.51 11.42
C HIS B 232 1.49 1.75 11.12
N ALA B 233 1.06 3.00 11.32
CA ALA B 233 -0.34 3.34 11.25
C ALA B 233 -0.87 3.30 9.84
N ASN B 234 0.02 3.17 8.86
CA ASN B 234 -0.42 2.97 7.48
C ASN B 234 -1.10 1.63 7.27
N PHE B 235 -1.15 0.81 8.32
CA PHE B 235 -1.58 -0.58 8.17
C PHE B 235 -2.78 -0.94 9.03
N ARG B 236 -3.55 -1.92 8.56
CA ARG B 236 -4.86 -2.20 9.11
C ARG B 236 -4.76 -2.74 10.53
N TYR B 237 -3.93 -3.76 10.73
CA TYR B 237 -3.87 -4.48 12.00
C TYR B 237 -2.57 -4.29 12.76
N HIS B 238 -2.66 -4.38 14.08
CA HIS B 238 -1.50 -4.13 14.95
C HIS B 238 -1.49 -5.12 16.10
N MET B 239 -0.30 -5.57 16.46
CA MET B 239 -0.15 -6.56 17.54
C MET B 239 1.22 -6.50 18.23
N ASP B 240 1.30 -7.09 19.42
CA ASP B 240 2.56 -7.28 20.15
C ASP B 240 2.57 -8.62 20.90
N ALA B 241 3.48 -9.50 20.52
CA ALA B 241 3.50 -10.83 21.11
C ALA B 241 4.09 -10.90 22.54
N ASP B 242 4.58 -9.77 23.06
CA ASP B 242 5.07 -9.72 24.43
C ASP B 242 5.63 -11.07 24.95
N TYR B 243 6.87 -11.37 24.62
CA TYR B 243 7.48 -12.66 24.93
C TYR B 243 8.02 -12.79 26.35
N THR B 244 7.81 -13.96 26.92
CA THR B 244 8.48 -14.35 28.17
C THR B 244 9.77 -15.13 27.87
N ARG B 245 10.85 -14.76 28.56
CA ARG B 245 12.13 -15.48 28.46
C ARG B 245 12.63 -15.61 27.03
N TRP B 246 12.56 -14.51 26.30
CA TRP B 246 13.01 -14.51 24.92
C TRP B 246 14.44 -15.01 24.79
N ASP B 247 15.34 -14.42 25.59
CA ASP B 247 16.75 -14.70 25.41
C ASP B 247 17.04 -16.18 25.58
N SER B 248 16.50 -16.77 26.64
CA SER B 248 16.88 -18.13 26.98
C SER B 248 16.12 -19.15 26.14
N THR B 249 15.08 -18.72 25.44
CA THR B 249 14.38 -19.63 24.54
C THR B 249 14.90 -19.60 23.10
N GLN B 250 15.88 -18.76 22.80
CA GLN B 250 16.41 -18.71 21.43
C GLN B 250 17.05 -20.03 21.02
N GLN B 251 17.02 -20.33 19.72
CA GLN B 251 17.71 -21.50 19.21
C GLN B 251 19.00 -21.01 18.61
N ARG B 252 20.12 -21.68 18.89
CA ARG B 252 21.39 -21.27 18.30
C ARG B 252 21.35 -21.36 16.79
N ALA B 253 20.66 -22.38 16.27
CA ALA B 253 20.52 -22.53 14.83
C ALA B 253 19.95 -21.27 14.20
N ILE B 254 18.97 -20.64 14.87
CA ILE B 254 18.38 -19.42 14.34
C ILE B 254 19.37 -18.29 14.41
N LEU B 255 20.02 -18.18 15.55
CA LEU B 255 20.99 -17.12 15.80
C LEU B 255 22.07 -17.18 14.71
N LYS B 256 22.44 -18.40 14.33
CA LYS B 256 23.43 -18.57 13.29
C LYS B 256 22.96 -18.02 11.94
N ARG B 257 21.71 -18.28 11.57
CA ARG B 257 21.17 -17.63 10.37
C ARG B 257 21.26 -16.11 10.49
N ALA B 258 20.94 -15.58 11.67
CA ALA B 258 21.08 -14.15 11.89
C ALA B 258 22.53 -13.70 11.69
N GLY B 259 23.44 -14.44 12.29
CA GLY B 259 24.85 -14.14 12.21
C GLY B 259 25.39 -14.24 10.79
N ASP B 260 24.84 -15.15 9.99
CA ASP B 260 25.24 -15.29 8.59
C ASP B 260 24.99 -13.99 7.82
N ILE B 261 23.81 -13.41 8.02
CA ILE B 261 23.48 -12.12 7.43
C ILE B 261 24.44 -11.02 7.91
N MET B 262 24.72 -10.98 9.21
CA MET B 262 25.61 -9.93 9.71
C MET B 262 26.98 -10.09 9.05
N VAL B 263 27.46 -11.33 8.98
CA VAL B 263 28.73 -11.62 8.35
C VAL B 263 28.76 -11.22 6.87
N ARG B 264 27.82 -11.73 6.09
CA ARG B 264 27.76 -11.42 4.66
C ARG B 264 27.73 -9.91 4.39
N LEU B 265 27.12 -9.16 5.29
CA LEU B 265 26.96 -7.72 5.10
C LEU B 265 28.05 -6.88 5.79
N SER B 266 29.15 -7.50 6.22
CA SER B 266 30.25 -6.73 6.83
C SER B 266 31.38 -6.52 5.82
N PRO B 267 32.20 -5.50 6.03
CA PRO B 267 33.31 -5.17 5.11
C PRO B 267 34.45 -6.20 5.11
N GLU B 268 34.68 -6.87 6.23
CA GLU B 268 35.70 -7.92 6.30
C GLU B 268 35.03 -9.24 6.63
N PRO B 269 34.24 -9.77 5.68
CA PRO B 269 33.41 -10.94 5.96
C PRO B 269 34.22 -12.15 6.41
N ASP B 270 35.44 -12.31 5.91
CA ASP B 270 36.27 -13.46 6.29
C ASP B 270 36.64 -13.41 7.76
N LEU B 271 37.09 -12.25 8.22
CA LEU B 271 37.46 -12.09 9.62
C LEU B 271 36.23 -12.10 10.51
N ALA B 272 35.11 -11.58 9.99
CA ALA B 272 33.88 -11.51 10.78
C ALA B 272 33.31 -12.90 11.00
N ARG B 273 33.47 -13.76 9.99
CA ARG B 273 33.06 -15.16 10.08
C ARG B 273 33.67 -15.86 11.28
N VAL B 274 34.97 -15.65 11.47
CA VAL B 274 35.68 -16.28 12.58
C VAL B 274 35.12 -15.79 13.91
N VAL B 275 34.95 -14.48 14.01
CA VAL B 275 34.37 -13.89 15.21
C VAL B 275 32.98 -14.47 15.47
N MET B 276 32.10 -14.36 14.47
CA MET B 276 30.73 -14.81 14.67
C MET B 276 30.67 -16.25 15.12
N ASP B 277 31.46 -17.12 14.48
CA ASP B 277 31.49 -18.54 14.87
C ASP B 277 31.91 -18.75 16.34
N ASP B 278 32.82 -17.92 16.84
CA ASP B 278 33.21 -18.03 18.25
C ASP B 278 32.07 -17.57 19.16
N LEU B 279 31.36 -16.51 18.74
CA LEU B 279 30.26 -16.00 19.55
C LEU B 279 29.18 -17.06 19.72
N LEU B 280 28.98 -17.86 18.68
CA LEU B 280 27.83 -18.75 18.64
C LEU B 280 28.16 -20.21 19.02
N ALA B 281 29.46 -20.54 19.10
CA ALA B 281 29.85 -21.86 19.57
C ALA B 281 29.41 -22.01 21.03
N PRO B 282 29.22 -23.27 21.50
CA PRO B 282 28.78 -23.47 22.88
C PRO B 282 29.54 -22.55 23.84
N SER B 283 28.81 -21.88 24.74
CA SER B 283 29.38 -20.74 25.44
C SER B 283 29.92 -21.11 26.83
N LEU B 284 31.09 -20.57 27.14
CA LEU B 284 31.68 -20.69 28.47
C LEU B 284 31.12 -19.62 29.40
N LEU B 285 30.33 -20.02 30.37
CA LEU B 285 29.72 -19.05 31.29
C LEU B 285 30.26 -19.25 32.73
N ASP B 286 30.95 -18.23 33.23
CA ASP B 286 31.60 -18.26 34.54
C ASP B 286 30.66 -17.82 35.66
N VAL B 287 30.18 -18.78 36.45
CA VAL B 287 29.20 -18.50 37.50
C VAL B 287 29.81 -18.50 38.90
N GLY B 288 31.12 -18.37 38.98
CA GLY B 288 31.79 -18.34 40.27
C GLY B 288 32.52 -19.64 40.54
N ASP B 289 31.80 -20.62 41.05
CA ASP B 289 32.39 -21.92 41.37
C ASP B 289 32.90 -22.58 40.11
N TYR B 290 32.09 -22.52 39.05
CA TYR B 290 32.43 -23.19 37.81
C TYR B 290 32.24 -22.32 36.60
N LYS B 291 32.95 -22.67 35.54
CA LYS B 291 32.60 -22.23 34.21
C LYS B 291 31.74 -23.32 33.60
N ILE B 292 30.53 -22.97 33.15
CA ILE B 292 29.62 -23.96 32.56
C ILE B 292 29.45 -23.74 31.06
N VAL B 293 29.05 -24.80 30.37
CA VAL B 293 28.85 -24.77 28.92
C VAL B 293 27.37 -24.58 28.62
N VAL B 294 27.07 -23.52 27.87
CA VAL B 294 25.69 -23.18 27.52
C VAL B 294 25.54 -23.30 26.01
N GLU B 295 24.93 -24.40 25.57
CA GLU B 295 24.85 -24.72 24.14
C GLU B 295 23.76 -23.95 23.42
N GLU B 296 22.72 -23.60 24.16
CA GLU B 296 21.54 -22.96 23.59
C GLU B 296 21.26 -21.58 24.18
N GLY B 297 20.30 -20.88 23.58
CA GLY B 297 19.93 -19.56 24.04
C GLY B 297 20.83 -18.47 23.51
N LEU B 298 20.49 -17.22 23.81
CA LEU B 298 21.31 -16.09 23.39
C LEU B 298 22.46 -15.82 24.37
N PRO B 299 23.72 -15.87 23.89
CA PRO B 299 24.85 -15.40 24.68
C PRO B 299 24.98 -13.88 24.51
N SER B 300 24.53 -13.12 25.51
CA SER B 300 24.17 -11.73 25.29
C SER B 300 25.02 -10.65 25.98
N GLY B 301 26.33 -10.63 25.75
CA GLY B 301 27.15 -9.59 26.35
C GLY B 301 27.90 -8.72 25.36
N CYS B 302 28.24 -9.28 24.21
CA CYS B 302 29.10 -8.63 23.25
C CYS B 302 28.40 -7.41 22.66
N PRO B 303 29.19 -6.40 22.27
CA PRO B 303 28.73 -5.16 21.66
C PRO B 303 27.47 -5.29 20.81
N CYS B 304 27.52 -6.12 19.78
CA CYS B 304 26.48 -6.09 18.77
C CYS B 304 25.38 -7.13 19.02
N THR B 305 25.26 -7.54 20.28
CA THR B 305 24.33 -8.60 20.68
C THR B 305 22.86 -8.26 20.43
N THR B 306 22.47 -7.03 20.69
CA THR B 306 21.07 -6.73 20.54
C THR B 306 20.64 -6.59 19.06
N GLN B 307 21.58 -6.26 18.19
CA GLN B 307 21.30 -6.28 16.76
C GLN B 307 21.10 -7.71 16.29
N LEU B 308 21.97 -8.61 16.76
CA LEU B 308 21.89 -10.02 16.39
C LEU B 308 20.55 -10.56 16.82
N ASN B 309 20.18 -10.22 18.05
CA ASN B 309 18.95 -10.71 18.65
C ASN B 309 17.73 -10.15 17.92
N SER B 310 17.78 -8.87 17.60
CA SER B 310 16.70 -8.22 16.87
C SER B 310 16.54 -8.84 15.50
N LEU B 311 17.66 -9.23 14.91
CA LEU B 311 17.68 -9.87 13.61
C LEU B 311 17.05 -11.27 13.68
N ALA B 312 17.30 -11.98 14.78
CA ALA B 312 16.72 -13.31 14.97
C ALA B 312 15.20 -13.20 15.11
N HIS B 313 14.79 -12.20 15.89
CA HIS B 313 13.39 -11.88 16.08
C HIS B 313 12.73 -11.66 14.72
N TRP B 314 13.39 -10.89 13.87
CA TRP B 314 12.87 -10.53 12.56
C TRP B 314 12.66 -11.79 11.74
N ILE B 315 13.62 -12.69 11.82
CA ILE B 315 13.52 -13.97 11.14
C ILE B 315 12.35 -14.80 11.65
N LEU B 316 12.22 -14.89 12.98
CA LEU B 316 11.19 -15.72 13.58
C LEU B 316 9.77 -15.22 13.32
N THR B 317 9.60 -13.90 13.40
CA THR B 317 8.32 -13.28 13.14
C THR B 317 7.90 -13.48 11.69
N LEU B 318 8.83 -13.26 10.77
CA LEU B 318 8.54 -13.46 9.37
C LEU B 318 8.19 -14.92 9.09
N CYS B 319 8.98 -15.85 9.61
CA CYS B 319 8.69 -17.28 9.43
C CYS B 319 7.26 -17.64 9.85
N ALA B 320 6.89 -17.25 11.07
CA ALA B 320 5.54 -17.52 11.55
C ALA B 320 4.50 -16.90 10.61
N MET B 321 4.68 -15.64 10.25
CA MET B 321 3.71 -14.95 9.40
C MET B 321 3.57 -15.66 8.06
N VAL B 322 4.70 -16.08 7.50
CA VAL B 322 4.72 -16.77 6.23
C VAL B 322 4.06 -18.14 6.33
N GLU B 323 4.41 -18.87 7.37
CA GLU B 323 3.87 -20.19 7.64
C GLU B 323 2.34 -20.13 7.67
N VAL B 324 1.80 -19.10 8.30
CA VAL B 324 0.37 -18.98 8.52
C VAL B 324 -0.37 -18.45 7.28
N THR B 325 0.09 -17.32 6.74
CA THR B 325 -0.63 -16.64 5.68
C THR B 325 -0.30 -17.20 4.30
N ARG B 326 0.83 -17.89 4.19
CA ARG B 326 1.31 -18.46 2.93
C ARG B 326 1.84 -17.42 1.94
N VAL B 327 2.01 -16.18 2.37
CA VAL B 327 2.59 -15.21 1.45
C VAL B 327 4.13 -15.11 1.58
N ASP B 328 4.81 -14.96 0.45
CA ASP B 328 6.27 -14.85 0.43
C ASP B 328 6.70 -13.76 1.39
N PRO B 329 7.82 -13.99 2.09
CA PRO B 329 8.37 -13.06 3.08
C PRO B 329 8.54 -11.63 2.52
N ASP B 330 9.04 -11.49 1.30
CA ASP B 330 9.21 -10.13 0.81
C ASP B 330 7.86 -9.47 0.52
N ILE B 331 6.88 -10.26 0.09
CA ILE B 331 5.54 -9.71 -0.10
C ILE B 331 4.92 -9.37 1.25
N VAL B 332 5.17 -10.22 2.25
CA VAL B 332 4.76 -9.87 3.60
C VAL B 332 5.35 -8.53 4.02
N MET B 333 6.57 -8.25 3.59
CA MET B 333 7.21 -6.98 3.93
C MET B 333 6.66 -5.78 3.13
N GLN B 334 5.98 -6.06 2.02
CA GLN B 334 5.25 -5.02 1.27
C GLN B 334 3.91 -4.70 1.95
N GLU B 335 3.41 -5.65 2.73
CA GLU B 335 2.11 -5.49 3.37
C GLU B 335 2.20 -5.23 4.87
N SER B 336 3.39 -4.89 5.35
CA SER B 336 3.63 -4.87 6.79
C SER B 336 4.64 -3.82 7.23
N GLU B 337 4.61 -3.51 8.52
CA GLU B 337 5.65 -2.69 9.13
C GLU B 337 6.02 -3.36 10.45
N PHE B 338 7.32 -3.56 10.65
CA PHE B 338 7.81 -4.19 11.85
C PHE B 338 8.64 -3.23 12.66
N SER B 339 8.63 -3.42 13.97
CA SER B 339 9.61 -2.80 14.85
C SER B 339 10.16 -3.86 15.78
N PHE B 340 11.48 -4.03 15.78
CA PHE B 340 12.13 -4.97 16.68
C PHE B 340 13.24 -4.28 17.45
N TYR B 341 13.37 -4.67 18.71
CA TYR B 341 14.47 -4.20 19.53
C TYR B 341 14.76 -5.31 20.54
N GLY B 342 15.63 -6.24 20.14
CA GLY B 342 15.79 -7.46 20.91
C GLY B 342 14.46 -8.18 21.00
N ASP B 343 13.95 -8.39 22.21
CA ASP B 343 12.70 -9.12 22.40
C ASP B 343 11.46 -8.26 22.22
N ASP B 344 11.67 -6.96 22.02
CA ASP B 344 10.57 -5.99 21.95
C ASP B 344 10.01 -5.90 20.54
N GLU B 345 8.69 -6.01 20.40
CA GLU B 345 8.14 -5.99 19.05
C GLU B 345 6.84 -5.22 18.87
N VAL B 346 6.64 -4.75 17.65
CA VAL B 346 5.34 -4.29 17.19
C VAL B 346 5.21 -4.77 15.77
N VAL B 347 4.07 -5.38 15.44
CA VAL B 347 3.85 -5.83 14.08
C VAL B 347 2.57 -5.22 13.55
N SER B 348 2.70 -4.56 12.40
CA SER B 348 1.54 -3.99 11.74
C SER B 348 1.46 -4.57 10.34
N THR B 349 0.28 -5.05 9.99
CA THR B 349 0.09 -5.66 8.68
C THR B 349 -1.31 -5.46 8.10
N ASN B 350 -1.40 -5.42 6.77
CA ASN B 350 -2.68 -5.44 6.07
C ASN B 350 -3.19 -6.88 5.84
N LEU B 351 -2.32 -7.87 6.01
CA LEU B 351 -2.67 -9.27 5.80
C LEU B 351 -3.65 -9.74 6.85
N GLU B 352 -4.59 -10.58 6.45
CA GLU B 352 -5.49 -11.16 7.42
C GLU B 352 -4.80 -12.34 8.09
N LEU B 353 -4.17 -12.06 9.23
CA LEU B 353 -3.37 -13.06 9.94
C LEU B 353 -4.23 -13.78 10.97
N ASP B 354 -4.28 -15.10 10.87
CA ASP B 354 -5.05 -15.89 11.83
C ASP B 354 -4.26 -15.96 13.13
N MET B 355 -4.73 -15.22 14.14
CA MET B 355 -3.99 -15.03 15.38
C MET B 355 -3.70 -16.31 16.18
N VAL B 356 -4.61 -17.27 16.13
CA VAL B 356 -4.40 -18.56 16.80
C VAL B 356 -3.26 -19.33 16.14
N LYS B 357 -3.29 -19.40 14.81
CA LYS B 357 -2.25 -20.13 14.09
C LYS B 357 -0.89 -19.47 14.30
N TYR B 358 -0.88 -18.14 14.27
CA TYR B 358 0.34 -17.38 14.48
C TYR B 358 0.93 -17.68 15.86
N THR B 359 0.09 -17.68 16.88
CA THR B 359 0.55 -18.02 18.20
C THR B 359 1.09 -19.45 18.22
N MET B 360 0.32 -20.39 17.67
CA MET B 360 0.73 -21.79 17.70
C MET B 360 2.09 -21.96 17.05
N ALA B 361 2.31 -21.21 15.98
CA ALA B 361 3.55 -21.33 15.25
C ALA B 361 4.72 -20.79 16.09
N LEU B 362 4.52 -19.62 16.69
CA LEU B 362 5.53 -19.06 17.58
C LEU B 362 5.88 -20.06 18.68
N ARG B 363 4.85 -20.60 19.34
CA ARG B 363 5.06 -21.56 20.41
C ARG B 363 5.79 -22.78 19.90
N ARG B 364 5.58 -23.12 18.65
CA ARG B 364 6.20 -24.30 18.10
C ARG B 364 7.70 -24.08 17.96
N TYR B 365 8.10 -22.83 17.71
CA TYR B 365 9.52 -22.49 17.63
C TYR B 365 10.17 -22.46 19.01
N GLY B 366 9.37 -22.65 20.05
CA GLY B 366 9.88 -22.60 21.41
C GLY B 366 9.73 -21.24 22.08
N LEU B 367 9.11 -20.29 21.37
CA LEU B 367 8.86 -18.96 21.93
C LEU B 367 7.68 -18.99 22.92
N LEU B 368 7.65 -18.01 23.82
CA LEU B 368 6.60 -17.94 24.81
C LEU B 368 5.89 -16.58 24.77
N PRO B 369 5.08 -16.35 23.72
CA PRO B 369 4.25 -15.13 23.59
C PRO B 369 3.20 -15.06 24.69
N THR B 370 2.76 -13.86 25.05
CA THR B 370 1.74 -13.74 26.08
C THR B 370 0.77 -12.61 25.74
N ARG B 371 -0.47 -12.72 26.23
CA ARG B 371 -1.46 -11.68 25.96
C ARG B 371 -1.35 -10.54 26.98
N ALA B 372 -1.92 -9.39 26.63
CA ALA B 372 -1.95 -8.25 27.56
C ALA B 372 -2.49 -8.68 28.92
N ASP B 373 -3.34 -9.70 28.89
CA ASP B 373 -3.89 -10.32 30.09
C ASP B 373 -3.20 -11.66 30.32
N LYS B 374 -3.96 -12.75 30.26
CA LYS B 374 -3.40 -14.09 30.38
C LYS B 374 -4.30 -15.21 29.84
N GLU B 375 -4.56 -16.23 30.66
CA GLU B 375 -5.25 -17.44 30.23
C GLU B 375 -4.56 -18.14 29.04
N GLU B 376 -3.27 -17.85 28.87
CA GLU B 376 -2.41 -18.56 27.92
C GLU B 376 -2.87 -18.50 26.46
N GLY B 377 -2.47 -17.44 25.75
CA GLY B 377 -2.77 -17.28 24.34
C GLY B 377 -4.26 -17.31 24.02
N PRO B 378 -4.62 -16.92 22.78
CA PRO B 378 -3.69 -16.40 21.77
C PRO B 378 -3.61 -14.87 21.79
N LEU B 379 -2.60 -14.33 21.10
CA LEU B 379 -2.48 -12.89 20.99
C LEU B 379 -3.70 -12.29 20.30
N GLU B 380 -4.07 -11.09 20.72
CA GLU B 380 -5.13 -10.35 20.06
C GLU B 380 -4.51 -9.50 18.96
N ARG B 381 -5.28 -9.22 17.93
CA ARG B 381 -4.87 -8.21 16.97
C ARG B 381 -5.88 -7.07 17.08
N ARG B 382 -5.41 -5.84 16.94
CA ARG B 382 -6.30 -4.69 17.06
C ARG B 382 -6.23 -3.87 15.78
N GLN B 383 -7.24 -3.02 15.58
CA GLN B 383 -7.28 -2.17 14.39
C GLN B 383 -6.78 -0.75 14.67
N THR B 384 -6.32 -0.53 15.90
CA THR B 384 -5.66 0.74 16.24
C THR B 384 -4.28 0.53 16.83
N LEU B 385 -3.35 1.36 16.38
CA LEU B 385 -2.04 1.49 16.97
C LEU B 385 -2.14 2.02 18.40
N GLN B 386 -3.14 2.86 18.66
CA GLN B 386 -3.32 3.45 19.98
C GLN B 386 -3.39 2.36 21.04
N GLY B 387 -2.45 2.41 21.99
CA GLY B 387 -2.46 1.47 23.10
C GLY B 387 -1.26 0.53 23.17
N ILE B 388 -0.73 0.13 22.02
CA ILE B 388 0.41 -0.79 22.01
C ILE B 388 1.67 -0.13 22.55
N SER B 389 2.49 -0.90 23.24
CA SER B 389 3.73 -0.35 23.75
C SER B 389 4.94 -0.67 22.86
N PHE B 390 6.00 0.11 23.06
CA PHE B 390 7.29 -0.13 22.44
C PHE B 390 8.34 0.63 23.24
N LEU B 391 9.42 -0.07 23.60
CA LEU B 391 10.47 0.49 24.46
C LEU B 391 9.93 1.08 25.76
N ARG B 392 8.92 0.46 26.35
CA ARG B 392 8.42 0.90 27.66
C ARG B 392 7.55 2.17 27.59
N ARG B 393 7.43 2.75 26.40
CA ARG B 393 6.51 3.88 26.21
C ARG B 393 5.25 3.33 25.62
N ALA B 394 4.13 4.00 25.89
CA ALA B 394 2.88 3.65 25.22
C ALA B 394 2.75 4.55 23.99
N ILE B 395 2.19 4.01 22.92
CA ILE B 395 2.00 4.75 21.69
C ILE B 395 0.70 5.54 21.72
N VAL B 396 0.78 6.86 21.47
CA VAL B 396 -0.40 7.72 21.51
C VAL B 396 -0.56 8.50 20.22
N GLY B 397 -1.81 8.67 19.79
CA GLY B 397 -2.12 9.48 18.62
C GLY B 397 -3.06 10.64 18.94
N ASP B 398 -2.82 11.77 18.28
CA ASP B 398 -3.75 12.88 18.35
C ASP B 398 -3.70 13.60 17.03
N GLN B 399 -4.32 14.78 16.98
CA GLN B 399 -4.45 15.52 15.73
C GLN B 399 -3.10 15.95 15.17
N PHE B 400 -2.07 15.99 16.02
CA PHE B 400 -0.75 16.42 15.59
C PHE B 400 0.08 15.24 15.12
N GLY B 401 -0.29 14.04 15.54
CA GLY B 401 0.47 12.85 15.18
C GLY B 401 0.59 11.81 16.28
N TRP B 402 1.54 10.90 16.09
CA TRP B 402 1.81 9.78 16.98
C TRP B 402 3.05 10.03 17.80
N TYR B 403 3.09 9.51 19.03
CA TYR B 403 4.29 9.65 19.85
C TYR B 403 4.34 8.61 20.96
N GLY B 404 5.54 8.42 21.52
CA GLY B 404 5.73 7.52 22.64
C GLY B 404 5.65 8.23 23.98
N ARG B 405 4.88 7.67 24.91
CA ARG B 405 4.66 8.29 26.21
C ARG B 405 4.96 7.36 27.36
N LEU B 406 5.94 7.74 28.18
CA LEU B 406 6.24 7.01 29.41
C LEU B 406 5.02 7.08 30.34
N ASP B 407 4.67 5.97 30.96
CA ASP B 407 3.50 5.91 31.83
C ASP B 407 3.72 6.60 33.18
N ARG B 408 2.62 6.84 33.89
CA ARG B 408 2.66 7.58 35.14
C ARG B 408 3.52 6.86 36.19
N ALA B 409 3.27 5.57 36.37
CA ALA B 409 4.00 4.79 37.37
C ALA B 409 5.50 4.95 37.23
N SER B 410 5.98 4.86 35.98
CA SER B 410 7.42 4.98 35.70
C SER B 410 7.95 6.38 35.97
N ILE B 411 7.12 7.40 35.74
CA ILE B 411 7.55 8.77 35.95
C ILE B 411 7.67 9.03 37.44
N ASP B 412 6.62 8.69 38.19
CA ASP B 412 6.65 8.79 39.64
C ASP B 412 7.89 8.08 40.18
N ARG B 413 8.03 6.82 39.77
CA ARG B 413 9.14 5.98 40.19
C ARG B 413 10.50 6.64 40.05
N GLN B 414 10.71 7.40 38.99
CA GLN B 414 11.98 8.08 38.78
C GLN B 414 12.20 9.30 39.69
N LEU B 415 11.14 9.76 40.36
CA LEU B 415 11.29 10.83 41.34
C LEU B 415 11.69 10.27 42.70
N LEU B 416 11.30 9.02 42.95
CA LEU B 416 11.54 8.35 44.22
C LEU B 416 12.97 7.81 44.35
N TRP B 417 13.64 7.64 43.23
CA TRP B 417 14.96 6.99 43.24
C TRP B 417 15.91 7.75 42.37
N THR B 418 17.18 7.74 42.73
CA THR B 418 18.20 8.28 41.86
C THR B 418 19.42 7.41 41.94
N LYS B 419 20.35 7.57 41.02
CA LYS B 419 21.51 6.72 40.98
C LYS B 419 22.70 7.43 41.59
N GLY B 420 23.55 6.66 42.24
CA GLY B 420 24.77 7.17 42.87
C GLY B 420 25.71 6.00 43.01
N PRO B 421 26.77 6.18 43.81
CA PRO B 421 27.68 5.04 44.00
C PRO B 421 26.96 3.82 44.59
N ASN B 422 27.62 2.66 44.59
CA ASN B 422 27.00 1.46 45.15
C ASN B 422 26.93 1.50 46.67
N HIS B 423 25.77 1.15 47.21
CA HIS B 423 25.63 1.05 48.66
C HIS B 423 24.80 -0.15 49.06
N GLN B 424 24.86 -0.49 50.35
CA GLN B 424 24.22 -1.68 50.85
C GLN B 424 22.74 -1.48 51.19
N ASN B 425 22.38 -0.30 51.68
CA ASN B 425 20.99 0.01 52.06
C ASN B 425 20.28 0.98 51.12
N PRO B 426 19.35 0.47 50.30
CA PRO B 426 18.59 1.23 49.29
C PRO B 426 17.89 2.46 49.86
N PHE B 427 17.27 2.29 51.02
CA PHE B 427 16.45 3.33 51.61
C PHE B 427 17.21 4.56 52.06
N GLU B 428 18.52 4.49 52.17
CA GLU B 428 19.25 5.68 52.60
C GLU B 428 19.32 6.74 51.49
N THR B 429 19.51 7.98 51.90
CA THR B 429 19.48 9.13 51.01
C THR B 429 20.90 9.57 50.69
N LEU B 430 21.12 10.05 49.47
CA LEU B 430 22.42 10.63 49.10
C LEU B 430 22.73 11.86 49.95
N PRO B 431 23.97 11.98 50.39
CA PRO B 431 24.45 13.05 51.28
C PRO B 431 24.43 14.48 50.70
N GLY B 432 24.63 14.69 49.42
CA GLY B 432 24.55 16.06 48.91
C GLY B 432 24.76 16.35 47.43
N HIS B 433 23.66 16.49 46.71
CA HIS B 433 22.34 16.40 47.29
C HIS B 433 21.52 15.21 46.74
N ALA B 434 21.57 14.96 45.43
CA ALA B 434 22.45 15.67 44.51
C ALA B 434 21.70 16.42 43.40
N GLN B 435 22.43 17.23 42.66
CA GLN B 435 21.86 18.01 41.57
C GLN B 435 21.52 17.10 40.38
N ARG B 436 20.24 17.07 40.03
CA ARG B 436 19.72 16.12 39.06
C ARG B 436 18.96 16.87 37.95
N PRO B 437 19.68 17.71 37.18
CA PRO B 437 19.04 18.77 36.39
C PRO B 437 18.48 18.30 35.05
N SER B 438 19.30 17.62 34.25
CA SER B 438 18.89 17.14 32.94
C SER B 438 17.79 16.08 33.06
N GLN B 439 17.97 15.14 33.97
CA GLN B 439 16.97 14.12 34.19
C GLN B 439 15.65 14.74 34.67
N LEU B 440 15.73 15.79 35.47
CA LEU B 440 14.55 16.46 36.00
C LEU B 440 13.74 17.18 34.90
N MET B 441 14.44 17.80 33.97
CA MET B 441 13.76 18.48 32.86
C MET B 441 13.09 17.43 31.97
N ALA B 442 13.79 16.33 31.71
CA ALA B 442 13.22 15.26 30.91
C ALA B 442 11.96 14.72 31.56
N LEU B 443 11.97 14.61 32.89
CA LEU B 443 10.81 14.13 33.62
C LEU B 443 9.65 15.06 33.37
N LEU B 444 9.94 16.35 33.47
CA LEU B 444 8.96 17.39 33.23
C LEU B 444 8.32 17.21 31.83
N GLY B 445 9.14 16.96 30.83
CA GLY B 445 8.65 16.69 29.49
C GLY B 445 7.74 15.48 29.44
N GLU B 446 8.15 14.40 30.08
CA GLU B 446 7.31 13.22 30.07
C GLU B 446 5.99 13.52 30.76
N ALA B 447 6.04 14.32 31.82
CA ALA B 447 4.85 14.57 32.60
C ALA B 447 3.86 15.43 31.81
N ALA B 448 4.41 16.33 31.02
CA ALA B 448 3.58 17.23 30.21
C ALA B 448 2.61 16.47 29.30
N MET B 449 3.10 15.43 28.63
CA MET B 449 2.29 14.66 27.69
C MET B 449 1.10 13.95 28.35
N HIS B 450 0.98 14.09 29.67
CA HIS B 450 -0.15 13.49 30.39
C HIS B 450 -1.18 14.54 30.79
N GLY B 451 -1.03 15.78 30.31
CA GLY B 451 -1.94 16.85 30.65
C GLY B 451 -1.48 17.79 31.76
N GLU B 452 -2.08 18.97 31.82
CA GLU B 452 -1.64 20.03 32.73
C GLU B 452 -1.76 19.60 34.19
N LYS B 453 -2.78 18.83 34.49
CA LYS B 453 -3.08 18.44 35.86
C LYS B 453 -1.95 17.59 36.47
N TYR B 454 -1.73 16.41 35.89
CA TYR B 454 -0.62 15.58 36.34
C TYR B 454 0.68 16.36 36.21
N TYR B 455 0.81 17.14 35.13
CA TYR B 455 2.06 17.89 34.96
C TYR B 455 2.31 18.83 36.13
N ARG B 456 1.25 19.37 36.72
CA ARG B 456 1.41 20.29 37.83
C ARG B 456 1.94 19.51 39.04
N THR B 457 1.30 18.39 39.35
CA THR B 457 1.68 17.61 40.52
C THR B 457 3.15 17.18 40.45
N VAL B 458 3.58 16.72 39.28
CA VAL B 458 4.99 16.38 39.05
C VAL B 458 5.89 17.61 39.19
N ALA B 459 5.44 18.73 38.63
CA ALA B 459 6.23 19.97 38.68
C ALA B 459 6.44 20.48 40.11
N SER B 460 5.51 20.16 41.01
CA SER B 460 5.67 20.48 42.43
C SER B 460 6.84 19.70 42.98
N ARG B 461 6.70 18.38 43.00
CA ARG B 461 7.75 17.47 43.46
C ARG B 461 9.09 17.80 42.80
N VAL B 462 9.06 18.22 41.55
CA VAL B 462 10.29 18.60 40.86
C VAL B 462 10.87 19.84 41.53
N SER B 463 9.98 20.74 41.92
CA SER B 463 10.38 21.96 42.60
C SER B 463 10.75 21.64 44.05
N LYS B 464 9.90 20.84 44.69
CA LYS B 464 10.13 20.38 46.06
C LYS B 464 11.51 19.76 46.21
N GLU B 465 11.96 19.02 45.20
CA GLU B 465 13.28 18.38 45.23
C GLU B 465 14.38 19.33 44.75
N ALA B 466 14.07 20.14 43.74
CA ALA B 466 15.00 21.16 43.28
C ALA B 466 15.33 22.10 44.44
N ALA B 467 14.50 22.05 45.48
CA ALA B 467 14.71 22.83 46.70
C ALA B 467 15.98 22.36 47.43
N GLN B 468 15.83 21.32 48.26
CA GLN B 468 16.97 20.79 49.01
C GLN B 468 17.96 20.05 48.09
N SER B 469 18.32 20.70 46.99
CA SER B 469 19.31 20.15 46.07
C SER B 469 20.11 21.29 45.42
N GLY B 470 20.01 22.48 46.01
CA GLY B 470 20.63 23.66 45.44
C GLY B 470 19.88 24.09 44.20
N ILE B 471 20.57 24.10 43.06
CA ILE B 471 19.95 24.42 41.79
C ILE B 471 19.37 25.84 41.78
N GLU B 472 18.05 25.93 41.75
CA GLU B 472 17.36 27.22 41.71
C GLU B 472 15.87 26.99 41.44
N MET B 473 15.49 27.00 40.17
CA MET B 473 14.12 26.69 39.77
C MET B 473 13.95 26.61 38.25
N VAL B 474 13.46 27.71 37.67
CA VAL B 474 13.21 27.80 36.22
C VAL B 474 12.19 26.77 35.70
N VAL B 475 11.04 26.67 36.38
CA VAL B 475 9.96 25.75 36.00
C VAL B 475 8.93 26.38 35.07
N PRO B 476 8.87 25.90 33.81
CA PRO B 476 8.09 26.51 32.73
C PRO B 476 6.60 26.20 32.83
N ARG B 477 5.79 26.85 32.02
CA ARG B 477 4.37 26.51 31.95
C ARG B 477 4.19 25.18 31.20
N HIS B 478 3.14 24.46 31.56
CA HIS B 478 2.78 23.22 30.87
C HIS B 478 2.75 23.34 29.33
N ARG B 479 2.00 24.31 28.82
CA ARG B 479 1.89 24.52 27.37
C ARG B 479 3.25 24.56 26.68
N SER B 480 4.20 25.23 27.33
CA SER B 480 5.51 25.45 26.73
C SER B 480 6.37 24.19 26.68
N VAL B 481 6.26 23.34 27.71
CA VAL B 481 7.06 22.13 27.70
C VAL B 481 6.41 21.12 26.75
N LEU B 482 5.08 21.05 26.80
CA LEU B 482 4.33 20.22 25.88
C LEU B 482 4.70 20.50 24.44
N ARG B 483 4.82 21.77 24.10
CA ARG B 483 5.15 22.19 22.75
C ARG B 483 6.59 21.83 22.48
N TRP B 484 7.41 21.92 23.52
CA TRP B 484 8.82 21.61 23.37
C TRP B 484 9.08 20.11 23.15
N VAL B 485 8.44 19.24 23.93
CA VAL B 485 8.67 17.80 23.76
C VAL B 485 8.06 17.25 22.48
N ARG B 486 6.85 17.67 22.16
CA ARG B 486 6.17 17.15 20.97
C ARG B 486 6.81 17.65 19.68
N PHE B 487 7.18 18.91 19.65
CA PHE B 487 7.62 19.54 18.41
C PHE B 487 9.03 20.09 18.50
N GLY B 488 9.91 19.57 17.66
CA GLY B 488 11.30 20.01 17.62
C GLY B 488 11.91 20.23 18.99
N LEU C 2 1.39 69.26 -11.39
CA LEU C 2 2.03 68.09 -11.98
C LEU C 2 0.99 67.16 -12.61
N PRO C 3 1.30 66.61 -13.80
CA PRO C 3 0.42 65.78 -14.63
C PRO C 3 -0.40 64.72 -13.85
N ARG C 4 -0.04 63.45 -14.00
CA ARG C 4 -0.66 62.32 -13.26
C ARG C 4 -1.87 61.73 -13.96
N PRO C 5 -1.63 60.70 -14.80
CA PRO C 5 -2.57 60.23 -15.81
C PRO C 5 -3.79 59.43 -15.32
N SER C 6 -4.72 59.21 -16.25
CA SER C 6 -5.86 58.30 -16.11
C SER C 6 -6.09 57.78 -17.53
N GLY C 7 -7.01 56.84 -17.75
CA GLY C 7 -7.88 56.30 -16.74
C GLY C 7 -7.90 54.79 -16.65
N THR C 8 -7.93 54.09 -17.80
CA THR C 8 -8.06 52.61 -17.77
C THR C 8 -7.08 51.82 -18.66
N TYR C 9 -6.49 50.77 -18.09
CA TYR C 9 -5.51 49.96 -18.80
C TYR C 9 -5.74 48.49 -18.49
N ALA C 10 -6.01 47.70 -19.51
CA ALA C 10 -6.34 46.29 -19.33
C ALA C 10 -7.44 46.10 -18.29
N GLY C 11 -8.44 46.98 -18.35
CA GLY C 11 -9.59 46.85 -17.47
C GLY C 11 -9.32 47.33 -16.06
N LEU C 12 -8.15 47.93 -15.84
CA LEU C 12 -7.75 48.35 -14.50
C LEU C 12 -7.41 49.85 -14.43
N PRO C 13 -7.70 50.49 -13.30
CA PRO C 13 -7.47 51.95 -13.27
C PRO C 13 -5.99 52.33 -13.33
N ILE C 14 -5.68 53.36 -14.10
CA ILE C 14 -4.33 53.89 -14.17
C ILE C 14 -4.13 54.81 -13.00
N ALA C 15 -3.01 54.67 -12.29
CA ALA C 15 -2.75 55.53 -11.15
C ALA C 15 -1.59 56.49 -11.38
N ASP C 16 -0.63 56.09 -12.23
CA ASP C 16 0.54 56.92 -12.47
C ASP C 16 1.31 56.41 -13.69
N TYR C 17 2.30 57.17 -14.11
CA TYR C 17 3.20 56.68 -15.14
C TYR C 17 4.06 55.58 -14.55
N GLY C 18 4.56 54.69 -15.41
CA GLY C 18 5.37 53.58 -15.00
C GLY C 18 6.88 53.81 -15.05
N ASP C 19 7.64 53.07 -14.26
CA ASP C 19 9.10 53.13 -14.28
C ASP C 19 9.71 51.77 -14.57
N ALA C 20 8.85 50.78 -14.81
CA ALA C 20 9.32 49.44 -15.08
C ALA C 20 10.15 49.42 -16.36
N PRO C 21 11.22 48.62 -16.36
CA PRO C 21 12.03 48.40 -17.56
C PRO C 21 11.25 47.52 -18.52
N PRO C 22 11.65 47.50 -19.81
CA PRO C 22 10.90 46.77 -20.82
C PRO C 22 10.82 45.28 -20.52
N LEU C 23 9.76 44.61 -20.96
CA LEU C 23 9.64 43.18 -20.77
C LEU C 23 10.80 42.46 -21.41
N SER C 24 11.24 41.38 -20.77
CA SER C 24 12.39 40.65 -21.28
C SER C 24 12.08 40.00 -22.60
N THR C 25 13.06 40.04 -23.49
CA THR C 25 12.87 39.51 -24.82
C THR C 25 13.70 38.22 -25.05
N LYS C 26 14.33 37.72 -23.99
CA LYS C 26 15.20 36.57 -24.09
C LYS C 26 14.83 35.46 -23.10
N THR C 27 15.41 34.27 -23.31
CA THR C 27 15.21 33.14 -22.41
C THR C 27 16.54 32.70 -21.83
N MET C 28 16.50 31.95 -20.73
CA MET C 28 17.70 31.42 -20.10
C MET C 28 17.94 29.98 -20.52
N PHE C 29 17.05 29.46 -21.38
CA PHE C 29 17.11 28.05 -21.73
C PHE C 29 17.86 27.83 -23.03
N TRP C 30 18.66 26.78 -23.06
CA TRP C 30 19.49 26.47 -24.22
C TRP C 30 19.30 25.01 -24.57
N ARG C 31 19.32 24.68 -25.86
CA ARG C 31 19.35 23.29 -26.26
C ARG C 31 20.69 22.63 -25.89
N THR C 32 20.61 21.34 -25.56
CA THR C 32 21.80 20.57 -25.19
C THR C 32 22.46 19.91 -26.40
N SER C 33 21.70 19.77 -27.49
CA SER C 33 22.19 19.20 -28.73
C SER C 33 21.56 19.98 -29.88
N PRO C 34 22.24 20.03 -31.03
CA PRO C 34 21.70 20.78 -32.17
C PRO C 34 20.63 19.99 -32.93
N GLU C 35 20.36 18.78 -32.47
CA GLU C 35 19.40 17.91 -33.13
C GLU C 35 17.95 18.41 -33.03
N LYS C 36 17.18 18.15 -34.08
CA LYS C 36 15.73 18.42 -34.08
C LYS C 36 15.08 17.91 -32.78
N LEU C 37 14.18 18.72 -32.23
CA LEU C 37 13.39 18.33 -31.07
C LEU C 37 12.35 17.31 -31.47
N PRO C 38 11.99 16.42 -30.56
CA PRO C 38 10.89 15.48 -30.83
C PRO C 38 9.61 16.27 -31.05
N PRO C 39 8.61 15.65 -31.69
CA PRO C 39 7.34 16.35 -31.91
C PRO C 39 6.53 16.46 -30.62
N GLY C 40 5.92 17.63 -30.41
CA GLY C 40 5.14 17.89 -29.21
C GLY C 40 5.97 18.39 -28.04
N ALA C 41 7.27 18.51 -28.26
CA ALA C 41 8.24 18.93 -27.23
C ALA C 41 7.95 20.31 -26.66
N TRP C 42 8.10 20.44 -25.34
CA TRP C 42 8.07 21.75 -24.71
C TRP C 42 9.27 22.58 -25.15
N GLU C 43 9.09 23.89 -25.12
CA GLU C 43 10.09 24.87 -25.50
C GLU C 43 9.91 26.07 -24.59
N PRO C 44 10.91 26.95 -24.54
CA PRO C 44 10.79 28.20 -23.76
C PRO C 44 9.59 29.03 -24.20
N ALA C 45 8.95 29.70 -23.27
CA ALA C 45 7.80 30.55 -23.58
C ALA C 45 8.14 31.65 -24.56
N TYR C 46 7.08 32.18 -25.18
CA TYR C 46 7.15 33.17 -26.25
C TYR C 46 8.00 34.38 -25.90
N LEU C 47 8.79 34.83 -26.88
CA LEU C 47 9.73 35.91 -26.62
C LEU C 47 9.36 37.26 -27.24
N GLY C 48 8.23 37.34 -27.91
CA GLY C 48 7.78 38.61 -28.46
C GLY C 48 8.10 38.84 -29.93
N SER C 49 8.18 40.12 -30.30
CA SER C 49 8.23 40.52 -31.70
C SER C 49 9.45 39.97 -32.44
N LYS C 50 10.53 39.73 -31.70
CA LYS C 50 11.75 39.22 -32.30
C LYS C 50 11.88 37.70 -32.20
N ASP C 51 10.80 37.04 -31.77
CA ASP C 51 10.79 35.58 -31.64
C ASP C 51 10.72 34.95 -33.01
N GLU C 52 11.84 34.42 -33.47
CA GLU C 52 11.95 33.84 -34.80
C GLU C 52 11.06 32.61 -34.99
N ARG C 53 10.41 32.15 -33.93
CA ARG C 53 9.59 30.96 -34.03
C ARG C 53 8.18 31.25 -34.55
N VAL C 54 7.61 32.39 -34.14
CA VAL C 54 6.26 32.78 -34.56
C VAL C 54 6.12 34.28 -34.68
N ASP C 55 5.19 34.68 -35.54
CA ASP C 55 4.66 36.03 -35.51
C ASP C 55 3.57 36.01 -34.48
N GLY C 56 3.76 36.78 -33.42
CA GLY C 56 2.77 36.84 -32.37
C GLY C 56 2.51 38.27 -31.99
N PRO C 57 1.70 38.47 -30.95
CA PRO C 57 1.44 39.82 -30.45
C PRO C 57 2.64 40.34 -29.66
N SER C 58 2.58 41.58 -29.21
CA SER C 58 3.64 42.14 -28.42
C SER C 58 3.58 41.57 -27.00
N LEU C 59 4.70 41.53 -26.32
CA LEU C 59 4.70 41.07 -24.93
C LEU C 59 3.72 41.90 -24.08
N GLN C 60 3.63 43.20 -24.37
CA GLN C 60 2.64 44.07 -23.70
C GLN C 60 1.25 43.50 -23.84
N GLN C 61 0.94 43.05 -25.05
CA GLN C 61 -0.38 42.53 -25.33
C GLN C 61 -0.56 41.26 -24.51
N VAL C 62 0.48 40.43 -24.49
CA VAL C 62 0.40 39.18 -23.74
C VAL C 62 0.17 39.45 -22.25
N MET C 63 0.85 40.47 -21.73
CA MET C 63 0.64 40.82 -20.35
C MET C 63 -0.78 41.33 -20.05
N ARG C 64 -1.33 42.14 -20.95
CA ARG C 64 -2.70 42.62 -20.75
C ARG C 64 -3.66 41.43 -20.65
N ASP C 65 -3.42 40.38 -21.43
CA ASP C 65 -4.23 39.17 -21.34
C ASP C 65 -4.13 38.52 -19.96
N GLN C 66 -2.95 38.58 -19.36
CA GLN C 66 -2.70 37.97 -18.06
C GLN C 66 -3.39 38.74 -16.94
N LEU C 67 -3.65 40.02 -17.18
CA LEU C 67 -4.29 40.87 -16.20
C LEU C 67 -5.82 40.78 -16.18
N LYS C 68 -6.43 40.22 -17.22
CA LYS C 68 -7.89 40.17 -17.32
C LYS C 68 -8.60 39.64 -16.06
N PRO C 69 -8.22 38.45 -15.59
CA PRO C 69 -8.93 37.89 -14.43
C PRO C 69 -8.92 38.77 -13.18
N TYR C 70 -8.03 39.75 -13.09
CA TYR C 70 -8.00 40.62 -11.91
C TYR C 70 -9.17 41.60 -11.88
N SER C 71 -9.80 41.83 -13.02
CA SER C 71 -10.99 42.67 -13.05
C SER C 71 -12.29 41.84 -13.05
N GLU C 72 -12.18 40.51 -13.17
CA GLU C 72 -13.37 39.65 -12.97
C GLU C 72 -13.94 39.90 -11.58
N PRO C 73 -15.26 39.74 -11.44
CA PRO C 73 -15.87 39.89 -10.12
C PRO C 73 -15.41 38.76 -9.19
N ARG C 74 -15.35 39.04 -7.91
CA ARG C 74 -14.93 38.02 -6.98
C ARG C 74 -16.05 37.02 -6.72
N GLY C 75 -15.69 35.77 -6.38
CA GLY C 75 -16.65 34.79 -5.90
C GLY C 75 -17.10 35.22 -4.52
N LEU C 76 -17.77 34.35 -3.79
CA LEU C 76 -18.36 34.73 -2.50
C LEU C 76 -17.51 34.33 -1.29
N LEU C 77 -17.53 35.14 -0.23
CA LEU C 77 -17.03 34.68 1.06
C LEU C 77 -17.73 33.41 1.48
N PRO C 78 -17.02 32.53 2.18
CA PRO C 78 -17.71 31.46 2.91
C PRO C 78 -18.66 32.09 3.94
N PRO C 79 -19.71 31.36 4.33
CA PRO C 79 -20.62 31.91 5.36
C PRO C 79 -19.84 32.31 6.61
N GLN C 80 -20.16 33.48 7.14
CA GLN C 80 -19.41 34.09 8.22
C GLN C 80 -19.15 33.16 9.44
N GLU C 81 -20.12 32.34 9.83
CA GLU C 81 -19.95 31.49 11.01
C GLU C 81 -18.95 30.36 10.76
N ILE C 82 -18.99 29.83 9.54
CA ILE C 82 -17.99 28.85 9.16
C ILE C 82 -16.61 29.50 9.03
N LEU C 83 -16.55 30.64 8.35
CA LEU C 83 -15.31 31.42 8.24
C LEU C 83 -14.67 31.75 9.62
N ASP C 84 -15.45 32.27 10.54
CA ASP C 84 -14.93 32.57 11.87
C ASP C 84 -14.40 31.31 12.56
N ALA C 85 -15.18 30.23 12.48
CA ALA C 85 -14.80 29.03 13.19
C ALA C 85 -13.55 28.41 12.58
N VAL C 86 -13.44 28.38 11.26
CA VAL C 86 -12.24 27.76 10.71
C VAL C 86 -11.01 28.60 10.95
N CYS C 87 -11.16 29.92 10.88
CA CYS C 87 -10.04 30.80 11.21
C CYS C 87 -9.56 30.63 12.66
N ASP C 88 -10.47 30.49 13.61
CA ASP C 88 -10.08 30.23 14.99
C ASP C 88 -9.40 28.87 15.13
N ALA C 89 -9.98 27.85 14.52
CA ALA C 89 -9.38 26.52 14.64
C ALA C 89 -7.97 26.54 14.09
N ILE C 90 -7.78 27.18 12.94
CA ILE C 90 -6.46 27.22 12.32
C ILE C 90 -5.50 27.95 13.23
N GLU C 91 -5.91 29.10 13.71
CA GLU C 91 -5.07 29.91 14.56
C GLU C 91 -4.71 29.14 15.85
N ASN C 92 -5.70 28.49 16.45
CA ASN C 92 -5.46 27.71 17.65
C ASN C 92 -4.42 26.58 17.41
N ARG C 93 -4.51 25.93 16.25
CA ARG C 93 -3.53 24.89 15.92
C ARG C 93 -2.12 25.46 15.85
N LEU C 94 -1.99 26.61 15.20
CA LEU C 94 -0.69 27.24 15.06
C LEU C 94 -0.14 27.68 16.43
N GLU C 95 -1.03 28.18 17.29
CA GLU C 95 -0.66 28.58 18.63
C GLU C 95 -0.16 27.40 19.44
N ASN C 96 -0.75 26.23 19.24
CA ASN C 96 -0.33 25.03 19.94
C ASN C 96 0.98 24.47 19.44
N THR C 97 1.33 24.74 18.19
CA THR C 97 2.45 24.05 17.57
C THR C 97 3.68 24.93 17.34
N LEU C 98 3.47 26.22 17.10
CA LEU C 98 4.56 27.14 16.74
C LEU C 98 5.43 27.57 17.92
N GLU C 99 6.74 27.42 17.77
CA GLU C 99 7.69 27.91 18.76
C GLU C 99 7.85 29.43 18.67
N PRO C 100 7.44 30.16 19.73
CA PRO C 100 7.52 31.64 19.79
C PRO C 100 8.92 32.10 19.45
N GLN C 101 9.04 33.27 18.82
CA GLN C 101 10.33 33.68 18.26
C GLN C 101 10.81 35.05 18.72
N LYS C 102 12.10 35.30 18.49
CA LYS C 102 12.67 36.62 18.65
C LYS C 102 12.41 37.38 17.37
N PRO C 103 12.15 38.68 17.48
CA PRO C 103 12.05 39.61 16.35
C PRO C 103 13.25 39.51 15.41
N TRP C 104 13.01 39.72 14.12
CA TRP C 104 14.09 39.70 13.15
C TRP C 104 14.77 41.06 13.09
N THR C 105 16.09 41.06 13.10
CA THR C 105 16.85 42.28 12.95
C THR C 105 16.86 42.73 11.49
N PHE C 106 17.20 43.99 11.30
CA PHE C 106 17.36 44.54 9.98
C PHE C 106 18.38 43.71 9.21
N LYS C 107 19.45 43.35 9.91
CA LYS C 107 20.54 42.60 9.28
C LYS C 107 20.07 41.21 8.80
N LYS C 108 19.30 40.52 9.64
CA LYS C 108 18.77 39.22 9.23
C LYS C 108 17.86 39.37 8.00
N ALA C 109 16.89 40.28 8.10
CA ALA C 109 15.99 40.59 7.00
C ALA C 109 16.77 40.86 5.71
N CYS C 110 17.89 41.58 5.82
CA CYS C 110 18.67 41.88 4.63
C CYS C 110 19.39 40.65 4.09
N GLU C 111 19.93 39.86 5.03
CA GLU C 111 20.60 38.60 4.69
C GLU C 111 19.66 37.65 3.96
N SER C 112 18.42 37.58 4.42
CA SER C 112 17.45 36.63 3.90
C SER C 112 17.12 36.80 2.41
N LEU C 113 17.30 37.99 1.88
CA LEU C 113 16.87 38.29 0.53
C LEU C 113 17.70 37.57 -0.51
N ASP C 114 17.04 37.16 -1.59
CA ASP C 114 17.73 36.54 -2.70
C ASP C 114 18.47 37.66 -3.38
N LYS C 115 19.78 37.52 -3.48
CA LYS C 115 20.61 38.58 -4.04
C LYS C 115 20.78 38.42 -5.55
N ASN C 116 20.25 37.31 -6.08
CA ASN C 116 20.35 37.05 -7.51
C ASN C 116 19.16 37.55 -8.30
N THR C 117 18.24 38.24 -7.65
CA THR C 117 17.11 38.83 -8.35
C THR C 117 17.05 40.35 -8.20
N SER C 118 16.17 40.94 -9.00
CA SER C 118 15.95 42.38 -9.05
C SER C 118 15.47 43.00 -7.73
N SER C 119 15.91 44.23 -7.48
CA SER C 119 15.44 45.01 -6.35
C SER C 119 14.10 45.68 -6.65
N GLY C 120 13.65 45.58 -7.90
CA GLY C 120 12.43 46.23 -8.31
C GLY C 120 12.47 47.75 -8.23
N TYR C 121 11.30 48.34 -7.99
CA TYR C 121 11.16 49.80 -7.83
C TYR C 121 12.02 50.34 -6.69
N PRO C 122 12.73 51.45 -6.93
CA PRO C 122 12.79 52.14 -8.22
C PRO C 122 14.10 51.92 -8.98
N TYR C 123 15.05 51.17 -8.41
CA TYR C 123 16.35 51.04 -9.06
C TYR C 123 16.48 49.87 -10.02
N HIS C 124 15.61 48.87 -9.88
CA HIS C 124 15.59 47.73 -10.79
C HIS C 124 16.97 47.20 -11.12
N LYS C 125 17.75 46.93 -10.09
CA LYS C 125 19.08 46.36 -10.30
C LYS C 125 19.19 45.02 -9.55
N GLN C 126 20.05 44.13 -10.03
CA GLN C 126 20.25 42.87 -9.32
C GLN C 126 20.74 43.18 -7.90
N LYS C 127 20.01 42.68 -6.90
CA LYS C 127 20.29 43.01 -5.49
C LYS C 127 21.77 42.94 -5.10
N SER C 128 22.53 42.09 -5.78
CA SER C 128 23.94 41.88 -5.46
C SER C 128 24.83 43.04 -5.91
N LYS C 129 24.32 43.87 -6.81
CA LYS C 129 25.10 44.99 -7.32
C LYS C 129 25.37 46.08 -6.27
N ASP C 130 24.70 45.99 -5.13
CA ASP C 130 24.89 46.93 -4.03
C ASP C 130 25.05 46.18 -2.72
N TRP C 131 25.47 44.92 -2.81
CA TRP C 131 25.67 44.08 -1.62
C TRP C 131 27.16 43.87 -1.38
N THR C 132 27.60 44.00 -0.13
CA THR C 132 29.03 43.94 0.18
C THR C 132 29.43 42.52 0.60
N GLY C 133 28.42 41.75 0.98
CA GLY C 133 28.62 40.47 1.61
C GLY C 133 27.81 40.43 2.90
N SER C 134 27.55 41.61 3.47
CA SER C 134 26.88 41.68 4.76
C SER C 134 25.85 42.83 4.88
N ALA C 135 25.84 43.74 3.91
CA ALA C 135 24.96 44.90 3.98
C ALA C 135 24.75 45.50 2.62
N PHE C 136 23.65 46.24 2.46
CA PHE C 136 23.41 46.96 1.23
C PHE C 136 24.07 48.32 1.30
N ILE C 137 24.75 48.72 0.23
CA ILE C 137 25.33 50.05 0.15
C ILE C 137 24.71 50.84 -1.01
N GLY C 138 25.18 52.07 -1.21
CA GLY C 138 24.64 52.91 -2.28
C GLY C 138 23.11 53.01 -2.35
N ASP C 139 22.58 53.00 -3.58
CA ASP C 139 21.13 53.10 -3.78
C ASP C 139 20.36 52.14 -2.89
N LEU C 140 20.70 50.86 -2.98
CA LEU C 140 19.92 49.85 -2.31
C LEU C 140 19.98 50.06 -0.83
N GLY C 141 21.17 50.42 -0.33
CA GLY C 141 21.35 50.76 1.07
C GLY C 141 20.38 51.86 1.51
N ASP C 142 20.33 52.96 0.76
CA ASP C 142 19.38 54.02 1.03
C ASP C 142 17.95 53.49 1.11
N GLN C 143 17.56 52.67 0.13
CA GLN C 143 16.18 52.18 0.10
C GLN C 143 15.93 51.31 1.33
N ALA C 144 16.85 50.38 1.57
CA ALA C 144 16.68 49.41 2.65
C ALA C 144 16.61 50.14 3.99
N THR C 145 17.47 51.14 4.15
CA THR C 145 17.56 51.89 5.39
C THR C 145 16.30 52.69 5.63
N HIS C 146 15.84 53.41 4.60
CA HIS C 146 14.63 54.20 4.76
C HIS C 146 13.45 53.31 5.14
N ALA C 147 13.32 52.19 4.42
CA ALA C 147 12.21 51.27 4.63
C ALA C 147 12.26 50.72 6.05
N ASN C 148 13.46 50.32 6.46
CA ASN C 148 13.64 49.83 7.81
C ASN C 148 13.19 50.84 8.87
N ASN C 149 13.61 52.09 8.71
CA ASN C 149 13.12 53.15 9.60
C ASN C 149 11.60 53.21 9.63
N MET C 150 10.97 53.14 8.46
CA MET C 150 9.51 53.23 8.45
C MET C 150 8.92 52.07 9.23
N TYR C 151 9.57 50.91 9.10
CA TYR C 151 9.12 49.71 9.80
C TYR C 151 9.16 49.89 11.31
N GLU C 152 10.30 50.35 11.83
CA GLU C 152 10.45 50.50 13.28
C GLU C 152 9.47 51.53 13.85
N MET C 153 9.10 52.52 13.05
CA MET C 153 8.18 53.56 13.51
C MET C 153 6.70 53.17 13.32
N GLY C 154 6.45 52.07 12.63
CA GLY C 154 5.09 51.63 12.34
C GLY C 154 4.42 52.56 11.37
N LYS C 155 5.22 53.12 10.46
CA LYS C 155 4.67 54.03 9.46
C LYS C 155 4.46 53.32 8.13
N SER C 156 3.35 53.67 7.50
CA SER C 156 2.89 53.02 6.28
C SER C 156 3.74 53.41 5.07
N MET C 157 3.85 52.51 4.12
CA MET C 157 4.53 52.75 2.85
C MET C 157 3.76 52.04 1.75
N ARG C 158 3.64 52.67 0.60
CA ARG C 158 2.89 52.11 -0.53
C ARG C 158 3.76 51.17 -1.37
N PRO C 159 3.49 49.86 -1.31
CA PRO C 159 4.27 48.92 -2.12
C PRO C 159 4.10 49.24 -3.60
N ILE C 160 5.16 49.03 -4.37
CA ILE C 160 5.03 49.11 -5.81
C ILE C 160 5.61 47.88 -6.49
N TYR C 161 4.74 47.13 -7.16
CA TYR C 161 5.15 45.89 -7.79
C TYR C 161 5.46 46.10 -9.26
N THR C 162 6.37 45.29 -9.78
CA THR C 162 6.78 45.42 -11.16
C THR C 162 6.38 44.15 -11.87
N ALA C 163 5.52 44.28 -12.87
CA ALA C 163 5.04 43.14 -13.65
C ALA C 163 6.14 42.56 -14.53
N ALA C 164 6.16 41.24 -14.65
CA ALA C 164 7.06 40.59 -15.59
C ALA C 164 6.36 39.37 -16.16
N LEU C 165 7.00 38.72 -17.12
CA LEU C 165 6.45 37.48 -17.65
C LEU C 165 7.45 36.34 -17.48
N LYS C 166 6.96 35.17 -17.09
CA LYS C 166 7.82 34.07 -16.65
C LYS C 166 8.49 33.28 -17.76
N ASP C 167 9.82 33.34 -17.78
CA ASP C 167 10.64 32.55 -18.66
C ASP C 167 10.69 31.10 -18.17
N GLU C 168 10.06 30.19 -18.90
CA GLU C 168 9.97 28.80 -18.50
C GLU C 168 9.60 27.90 -19.67
N LEU C 169 9.80 26.60 -19.49
CA LEU C 169 9.37 25.64 -20.49
C LEU C 169 7.85 25.47 -20.47
N VAL C 170 7.23 25.53 -21.64
CA VAL C 170 5.79 25.39 -21.76
C VAL C 170 5.43 24.47 -22.90
N LYS C 171 4.25 23.85 -22.84
CA LYS C 171 3.83 22.98 -23.92
C LYS C 171 3.65 23.79 -25.21
N PRO C 172 4.07 23.21 -26.34
CA PRO C 172 4.16 23.92 -27.63
C PRO C 172 2.89 24.69 -28.07
N ASP C 173 1.72 24.26 -27.60
CA ASP C 173 0.50 24.95 -27.95
C ASP C 173 0.50 26.40 -27.41
N LYS C 174 1.18 26.61 -26.28
CA LYS C 174 1.27 27.94 -25.67
C LYS C 174 2.22 28.88 -26.44
N ILE C 175 2.89 28.35 -27.45
CA ILE C 175 3.75 29.17 -28.29
C ILE C 175 3.20 29.27 -29.71
N TYR C 176 2.60 28.19 -30.19
CA TYR C 176 2.24 28.10 -31.61
C TYR C 176 0.74 28.24 -31.85
N GLY C 177 -0.04 28.00 -30.80
CA GLY C 177 -1.47 28.20 -30.81
C GLY C 177 -1.81 29.54 -30.17
N LYS C 178 -2.64 29.52 -29.15
CA LYS C 178 -2.97 30.74 -28.42
C LYS C 178 -1.86 31.05 -27.39
N ILE C 179 -1.07 32.08 -27.68
CA ILE C 179 0.11 32.39 -26.89
C ILE C 179 -0.20 32.81 -25.46
N LYS C 180 0.44 32.14 -24.52
CA LYS C 180 0.25 32.43 -23.10
C LYS C 180 1.59 32.47 -22.37
N LYS C 181 1.68 33.37 -21.39
CA LYS C 181 2.91 33.50 -20.61
C LYS C 181 2.61 34.05 -19.24
N ARG C 182 3.04 33.35 -18.20
CA ARG C 182 2.64 33.65 -16.82
C ARG C 182 3.14 34.96 -16.27
N LEU C 183 2.24 35.64 -15.56
CA LEU C 183 2.49 36.93 -14.95
C LEU C 183 3.26 36.77 -13.65
N LEU C 184 4.29 37.58 -13.49
CA LEU C 184 5.03 37.63 -12.23
C LEU C 184 4.90 39.01 -11.62
N TRP C 185 4.66 39.04 -10.31
CA TRP C 185 4.74 40.25 -9.54
C TRP C 185 6.12 40.35 -8.93
N GLY C 186 6.87 41.39 -9.29
CA GLY C 186 8.14 41.66 -8.64
C GLY C 186 8.01 42.75 -7.59
N SER C 187 8.17 42.37 -6.33
CA SER C 187 8.06 43.31 -5.23
C SER C 187 9.21 44.32 -5.23
N ASP C 188 9.04 45.43 -4.50
CA ASP C 188 10.14 46.40 -4.34
C ASP C 188 10.99 46.17 -3.06
N LEU C 189 12.28 46.52 -3.13
CA LEU C 189 13.21 46.25 -2.03
C LEU C 189 12.65 46.67 -0.67
N GLY C 190 12.12 47.89 -0.59
CA GLY C 190 11.61 48.40 0.66
C GLY C 190 10.56 47.50 1.28
N THR C 191 9.59 47.08 0.47
CA THR C 191 8.53 46.21 0.93
C THR C 191 9.17 44.88 1.37
N MET C 192 10.11 44.41 0.58
CA MET C 192 10.81 43.18 0.90
C MET C 192 11.40 43.20 2.29
N ILE C 193 12.20 44.22 2.61
CA ILE C 193 12.83 44.24 3.93
C ILE C 193 11.75 44.37 5.02
N ARG C 194 10.72 45.13 4.71
CA ARG C 194 9.65 45.37 5.66
C ARG C 194 8.83 44.10 5.96
N ALA C 195 8.48 43.34 4.92
CA ALA C 195 7.79 42.05 5.07
C ALA C 195 8.69 40.99 5.73
N ALA C 196 9.98 41.01 5.38
CA ALA C 196 10.91 40.04 5.96
C ALA C 196 11.05 40.29 7.45
N ARG C 197 11.30 41.54 7.86
CA ARG C 197 11.40 41.82 9.30
C ARG C 197 10.11 41.46 9.99
N ALA C 198 8.99 41.84 9.40
CA ALA C 198 7.72 41.67 10.05
C ALA C 198 7.31 40.21 10.14
N PHE C 199 7.60 39.42 9.10
CA PHE C 199 7.03 38.07 9.03
C PHE C 199 8.07 36.94 8.97
N GLY C 200 9.34 37.29 8.80
CA GLY C 200 10.41 36.31 8.91
C GLY C 200 10.29 35.38 10.12
N PRO C 201 10.02 35.94 11.31
CA PRO C 201 9.97 35.05 12.47
C PRO C 201 8.87 33.98 12.34
N PHE C 202 7.66 34.43 12.05
CA PHE C 202 6.53 33.53 11.85
C PHE C 202 6.81 32.48 10.77
N CYS C 203 7.36 32.90 9.65
CA CYS C 203 7.63 31.97 8.55
C CYS C 203 8.65 30.91 8.94
N ASP C 204 9.58 31.30 9.81
CA ASP C 204 10.57 30.39 10.39
C ASP C 204 9.93 29.36 11.30
N ALA C 205 9.04 29.83 12.17
CA ALA C 205 8.37 28.97 13.12
C ALA C 205 7.59 27.93 12.32
N LEU C 206 7.02 28.40 11.23
CA LEU C 206 6.20 27.59 10.35
C LEU C 206 7.04 26.55 9.61
N LYS C 207 8.17 26.99 9.09
CA LYS C 207 9.09 26.14 8.34
C LYS C 207 9.54 24.92 9.19
N GLU C 208 9.89 25.15 10.44
CA GLU C 208 10.40 24.07 11.28
C GLU C 208 9.25 23.26 11.84
N THR C 209 8.07 23.50 11.30
CA THR C 209 6.86 22.84 11.74
C THR C 209 6.18 22.22 10.51
N CYS C 210 6.88 22.27 9.37
CA CYS C 210 6.30 21.96 8.07
C CYS C 210 5.93 20.49 7.87
N ILE C 211 6.21 19.64 8.86
CA ILE C 211 5.75 18.26 8.81
C ILE C 211 4.49 18.06 9.64
N PHE C 212 4.44 18.66 10.83
CA PHE C 212 3.27 18.57 11.70
C PHE C 212 2.13 19.43 11.19
N ASN C 213 2.48 20.51 10.50
CA ASN C 213 1.49 21.46 10.00
C ASN C 213 1.42 21.41 8.48
N PRO C 214 0.25 21.73 7.92
CA PRO C 214 0.05 21.51 6.48
C PRO C 214 0.67 22.57 5.54
N ILE C 215 1.17 23.68 6.06
CA ILE C 215 1.87 24.60 5.18
C ILE C 215 3.28 24.05 4.93
N ARG C 216 3.47 23.44 3.76
CA ARG C 216 4.70 22.67 3.52
C ARG C 216 5.90 23.49 3.08
N VAL C 217 5.73 24.80 2.88
CA VAL C 217 6.81 25.65 2.41
C VAL C 217 8.09 25.43 3.25
N GLY C 218 9.22 25.32 2.56
CA GLY C 218 10.47 25.04 3.25
C GLY C 218 10.81 23.57 3.32
N MET C 219 9.87 22.68 3.01
CA MET C 219 10.15 21.24 3.11
C MET C 219 11.23 20.81 2.14
N SER C 220 11.93 19.73 2.49
CA SER C 220 12.82 19.03 1.58
C SER C 220 12.09 17.80 1.08
N MET C 221 11.84 17.74 -0.23
CA MET C 221 11.12 16.61 -0.80
C MET C 221 11.80 15.29 -0.44
N ASN C 222 13.12 15.26 -0.61
CA ASN C 222 13.93 14.09 -0.33
C ASN C 222 13.84 13.64 1.12
N GLU C 223 14.08 14.58 2.04
CA GLU C 223 14.19 14.25 3.46
C GLU C 223 12.83 14.18 4.16
N ASP C 224 11.98 15.18 3.91
CA ASP C 224 10.71 15.29 4.61
C ASP C 224 9.57 14.64 3.86
N GLY C 225 9.75 14.44 2.56
CA GLY C 225 8.71 13.86 1.73
C GLY C 225 8.20 12.54 2.29
N PRO C 226 9.10 11.64 2.68
CA PRO C 226 8.62 10.33 3.12
C PRO C 226 7.75 10.37 4.38
N PHE C 227 8.03 11.29 5.28
CA PHE C 227 7.26 11.36 6.51
C PHE C 227 5.94 12.08 6.23
N ILE C 228 6.01 13.15 5.46
CA ILE C 228 4.82 13.87 5.07
C ILE C 228 3.81 12.93 4.39
N PHE C 229 4.26 12.20 3.39
CA PHE C 229 3.35 11.32 2.66
C PHE C 229 2.84 10.16 3.51
N ALA C 230 3.67 9.66 4.43
CA ALA C 230 3.22 8.59 5.33
C ALA C 230 2.04 9.10 6.14
N ARG C 231 2.12 10.34 6.59
CA ARG C 231 1.00 10.95 7.33
C ARG C 231 -0.29 10.94 6.52
N HIS C 232 -0.21 11.33 5.26
CA HIS C 232 -1.38 11.38 4.42
C HIS C 232 -1.97 9.98 4.28
N ALA C 233 -1.10 8.97 4.22
CA ALA C 233 -1.56 7.61 4.00
C ALA C 233 -2.22 7.03 5.24
N ASN C 234 -2.14 7.76 6.36
CA ASN C 234 -2.92 7.39 7.53
C ASN C 234 -4.43 7.52 7.31
N PHE C 235 -4.85 8.13 6.19
CA PHE C 235 -6.27 8.46 5.95
C PHE C 235 -6.90 7.79 4.73
N ARG C 236 -8.22 7.66 4.74
CA ARG C 236 -8.89 6.81 3.77
C ARG C 236 -8.93 7.35 2.35
N TYR C 237 -9.43 8.59 2.21
CA TYR C 237 -9.63 9.18 0.88
C TYR C 237 -8.59 10.24 0.58
N HIS C 238 -8.28 10.41 -0.71
CA HIS C 238 -7.25 11.35 -1.14
C HIS C 238 -7.72 12.11 -2.38
N MET C 239 -7.32 13.36 -2.50
CA MET C 239 -7.75 14.16 -3.64
C MET C 239 -6.91 15.42 -3.83
N ASP C 240 -7.00 15.98 -5.03
CA ASP C 240 -6.26 17.17 -5.44
C ASP C 240 -7.19 18.00 -6.33
N ALA C 241 -7.53 19.20 -5.90
CA ALA C 241 -8.53 19.99 -6.62
C ALA C 241 -8.00 20.63 -7.90
N ASP C 242 -6.67 20.65 -8.04
CA ASP C 242 -6.00 21.11 -9.26
C ASP C 242 -6.60 22.41 -9.83
N TYR C 243 -6.36 23.51 -9.12
CA TYR C 243 -6.97 24.80 -9.43
C TYR C 243 -6.32 25.50 -10.61
N THR C 244 -7.15 26.12 -11.44
CA THR C 244 -6.68 27.03 -12.48
C THR C 244 -6.70 28.45 -11.94
N ARG C 245 -5.64 29.20 -12.23
CA ARG C 245 -5.58 30.62 -11.88
C ARG C 245 -5.90 30.93 -10.42
N TRP C 246 -5.31 30.16 -9.52
CA TRP C 246 -5.52 30.34 -8.10
C TRP C 246 -5.26 31.75 -7.63
N ASP C 247 -4.12 32.32 -8.02
CA ASP C 247 -3.71 33.63 -7.52
C ASP C 247 -4.70 34.73 -7.88
N SER C 248 -5.07 34.78 -9.16
CA SER C 248 -5.90 35.83 -9.68
C SER C 248 -7.34 35.69 -9.19
N THR C 249 -7.75 34.49 -8.79
CA THR C 249 -9.08 34.31 -8.24
C THR C 249 -9.16 34.55 -6.72
N GLN C 250 -8.06 34.91 -6.06
CA GLN C 250 -8.13 35.12 -4.60
C GLN C 250 -8.93 36.36 -4.19
N GLN C 251 -9.64 36.25 -3.08
CA GLN C 251 -10.35 37.36 -2.48
C GLN C 251 -9.46 38.02 -1.43
N ARG C 252 -9.26 39.33 -1.52
CA ARG C 252 -8.48 40.06 -0.53
C ARG C 252 -9.05 39.84 0.86
N ALA C 253 -10.37 39.69 0.94
CA ALA C 253 -11.03 39.53 2.24
C ALA C 253 -10.57 38.25 2.88
N ILE C 254 -10.37 37.21 2.08
CA ILE C 254 -9.81 35.96 2.60
C ILE C 254 -8.34 36.15 3.00
N LEU C 255 -7.56 36.77 2.13
CA LEU C 255 -6.15 37.01 2.40
C LEU C 255 -5.97 37.84 3.67
N LYS C 256 -6.95 38.70 3.97
CA LYS C 256 -6.89 39.47 5.20
C LYS C 256 -7.08 38.60 6.45
N ARG C 257 -7.90 37.56 6.34
CA ARG C 257 -8.07 36.63 7.45
C ARG C 257 -6.77 35.88 7.68
N ALA C 258 -6.16 35.43 6.59
CA ALA C 258 -4.86 34.80 6.67
C ALA C 258 -3.86 35.78 7.26
N GLY C 259 -3.87 37.00 6.73
CA GLY C 259 -3.02 38.07 7.23
C GLY C 259 -3.16 38.32 8.72
N ASP C 260 -4.39 38.35 9.23
CA ASP C 260 -4.62 38.54 10.65
C ASP C 260 -3.89 37.49 11.49
N ILE C 261 -4.00 36.24 11.07
CA ILE C 261 -3.40 35.15 11.83
C ILE C 261 -1.88 35.34 11.89
N MET C 262 -1.28 35.73 10.77
CA MET C 262 0.17 35.89 10.68
C MET C 262 0.61 37.02 11.60
N VAL C 263 -0.16 38.10 11.59
CA VAL C 263 0.10 39.23 12.47
C VAL C 263 0.04 38.84 13.95
N ARG C 264 -1.10 38.29 14.38
CA ARG C 264 -1.26 37.91 15.78
C ARG C 264 -0.19 36.92 16.24
N LEU C 265 0.39 36.18 15.30
CA LEU C 265 1.33 35.15 15.64
C LEU C 265 2.76 35.60 15.37
N SER C 266 2.97 36.92 15.33
CA SER C 266 4.32 37.47 15.13
C SER C 266 4.85 38.12 16.41
N PRO C 267 6.17 38.15 16.58
CA PRO C 267 6.68 38.71 17.84
C PRO C 267 6.47 40.24 17.95
N GLU C 268 6.34 40.93 16.83
CA GLU C 268 6.05 42.37 16.83
C GLU C 268 4.75 42.66 16.09
N PRO C 269 3.61 42.28 16.70
CA PRO C 269 2.33 42.34 15.99
C PRO C 269 1.86 43.76 15.60
N ASP C 270 2.28 44.79 16.33
CA ASP C 270 1.85 46.14 15.99
C ASP C 270 2.59 46.62 14.75
N LEU C 271 3.86 46.24 14.64
CA LEU C 271 4.64 46.59 13.47
C LEU C 271 4.22 45.72 12.30
N ALA C 272 3.93 44.45 12.59
CA ALA C 272 3.48 43.52 11.57
C ALA C 272 2.16 44.02 10.97
N ARG C 273 1.25 44.45 11.83
CA ARG C 273 -0.04 44.91 11.40
C ARG C 273 0.08 45.96 10.30
N VAL C 274 0.98 46.92 10.53
CA VAL C 274 1.14 48.03 9.59
C VAL C 274 1.63 47.50 8.24
N VAL C 275 2.58 46.57 8.29
CA VAL C 275 3.08 45.94 7.07
C VAL C 275 2.03 45.12 6.31
N MET C 276 1.20 44.34 7.01
CA MET C 276 0.22 43.52 6.34
C MET C 276 -0.84 44.42 5.68
N ASP C 277 -1.25 45.46 6.38
CA ASP C 277 -2.21 46.36 5.78
C ASP C 277 -1.69 46.97 4.47
N ASP C 278 -0.42 47.35 4.43
CA ASP C 278 0.18 47.82 3.17
C ASP C 278 0.17 46.71 2.10
N LEU C 279 0.45 45.46 2.49
CA LEU C 279 0.50 44.37 1.50
C LEU C 279 -0.84 44.12 0.83
N LEU C 280 -1.90 44.23 1.61
CA LEU C 280 -3.25 43.86 1.17
C LEU C 280 -4.09 45.03 0.65
N ALA C 281 -3.63 46.26 0.88
CA ALA C 281 -4.30 47.43 0.32
C ALA C 281 -4.20 47.41 -1.22
N PRO C 282 -5.19 47.98 -1.91
CA PRO C 282 -5.18 47.95 -3.38
C PRO C 282 -3.76 48.14 -3.93
N SER C 283 -3.33 47.25 -4.81
CA SER C 283 -1.92 47.17 -5.17
C SER C 283 -1.52 47.99 -6.39
N LEU C 284 -0.43 48.73 -6.26
CA LEU C 284 0.15 49.45 -7.38
C LEU C 284 1.00 48.50 -8.20
N LEU C 285 0.62 48.30 -9.46
CA LEU C 285 1.37 47.38 -10.33
C LEU C 285 1.91 48.11 -11.56
N ASP C 286 3.23 48.10 -11.69
CA ASP C 286 3.90 48.86 -12.75
C ASP C 286 4.05 48.03 -14.03
N VAL C 287 3.24 48.31 -15.05
CA VAL C 287 3.32 47.56 -16.31
C VAL C 287 4.17 48.24 -17.41
N GLY C 288 5.00 49.19 -17.02
CA GLY C 288 5.87 49.83 -17.98
C GLY C 288 5.50 51.28 -18.18
N ASP C 289 4.54 51.52 -19.08
CA ASP C 289 4.06 52.86 -19.36
C ASP C 289 3.29 53.46 -18.17
N TYR C 290 2.55 52.61 -17.46
CA TYR C 290 1.72 53.08 -16.35
C TYR C 290 1.85 52.21 -15.11
N LYS C 291 1.56 52.79 -13.95
CA LYS C 291 1.28 51.98 -12.78
C LYS C 291 -0.25 51.89 -12.63
N ILE C 292 -0.76 50.67 -12.47
CA ILE C 292 -2.20 50.46 -12.34
C ILE C 292 -2.57 49.90 -10.95
N VAL C 293 -3.85 50.01 -10.59
CA VAL C 293 -4.32 49.63 -9.28
C VAL C 293 -5.04 48.30 -9.36
N VAL C 294 -4.60 47.35 -8.55
CA VAL C 294 -5.16 46.01 -8.56
C VAL C 294 -5.75 45.75 -7.18
N GLU C 295 -7.07 45.78 -7.09
CA GLU C 295 -7.72 45.63 -5.80
C GLU C 295 -7.90 44.20 -5.34
N GLU C 296 -7.82 43.27 -6.26
CA GLU C 296 -8.15 41.90 -5.94
C GLU C 296 -7.08 40.96 -6.42
N GLY C 297 -7.21 39.69 -6.04
CA GLY C 297 -6.20 38.70 -6.37
C GLY C 297 -5.09 38.75 -5.35
N LEU C 298 -4.15 37.82 -5.46
CA LEU C 298 -2.98 37.82 -4.61
C LEU C 298 -1.90 38.76 -5.17
N PRO C 299 -1.43 39.72 -4.35
CA PRO C 299 -0.20 40.43 -4.72
C PRO C 299 1.00 39.58 -4.30
N SER C 300 1.67 38.95 -5.26
CA SER C 300 2.63 37.89 -4.95
C SER C 300 4.10 38.29 -4.99
N GLY C 301 4.42 39.52 -4.64
CA GLY C 301 5.82 39.92 -4.69
C GLY C 301 6.57 39.50 -3.45
N CYS C 302 6.62 40.41 -2.49
CA CYS C 302 7.18 40.21 -1.15
C CYS C 302 7.45 38.76 -0.71
N PRO C 303 8.48 38.57 0.12
CA PRO C 303 8.96 37.33 0.75
C PRO C 303 7.88 36.32 1.14
N CYS C 304 7.08 36.63 2.15
CA CYS C 304 6.25 35.61 2.77
C CYS C 304 4.88 35.41 2.10
N THR C 305 4.80 35.90 0.86
CA THR C 305 3.68 35.70 -0.03
C THR C 305 3.16 34.27 0.01
N THR C 306 4.04 33.31 -0.27
CA THR C 306 3.54 31.95 -0.42
C THR C 306 2.99 31.33 0.87
N GLN C 307 3.59 31.68 2.01
CA GLN C 307 3.01 31.25 3.27
C GLN C 307 1.62 31.84 3.42
N LEU C 308 1.49 33.13 3.16
CA LEU C 308 0.18 33.78 3.24
C LEU C 308 -0.81 33.10 2.28
N ASN C 309 -0.37 32.86 1.05
CA ASN C 309 -1.17 32.16 0.06
C ASN C 309 -1.59 30.77 0.56
N SER C 310 -0.64 30.03 1.13
CA SER C 310 -0.93 28.70 1.66
C SER C 310 -1.95 28.78 2.79
N LEU C 311 -1.88 29.85 3.56
CA LEU C 311 -2.78 30.02 4.68
C LEU C 311 -4.21 30.27 4.17
N ALA C 312 -4.33 31.13 3.15
CA ALA C 312 -5.62 31.35 2.49
C ALA C 312 -6.15 30.01 2.01
N HIS C 313 -5.28 29.25 1.35
CA HIS C 313 -5.68 27.97 0.81
C HIS C 313 -6.26 27.10 1.92
N TRP C 314 -5.51 27.00 3.03
CA TRP C 314 -5.94 26.25 4.21
C TRP C 314 -7.35 26.67 4.69
N ILE C 315 -7.60 27.98 4.75
CA ILE C 315 -8.89 28.48 5.18
C ILE C 315 -10.00 28.03 4.21
N LEU C 316 -9.80 28.28 2.93
CA LEU C 316 -10.78 27.98 1.90
C LEU C 316 -11.13 26.49 1.86
N THR C 317 -10.13 25.64 1.97
CA THR C 317 -10.36 24.22 1.93
C THR C 317 -11.11 23.72 3.15
N LEU C 318 -10.69 24.16 4.33
CA LEU C 318 -11.40 23.81 5.55
C LEU C 318 -12.85 24.30 5.52
N CYS C 319 -13.06 25.56 5.13
CA CYS C 319 -14.39 26.12 4.98
C CYS C 319 -15.30 25.25 4.11
N ALA C 320 -14.82 24.88 2.93
CA ALA C 320 -15.59 24.01 2.06
C ALA C 320 -15.91 22.66 2.71
N MET C 321 -14.95 22.05 3.39
CA MET C 321 -15.17 20.73 3.96
C MET C 321 -16.16 20.79 5.12
N VAL C 322 -16.03 21.83 5.94
CA VAL C 322 -16.91 22.03 7.06
C VAL C 322 -18.32 22.33 6.53
N GLU C 323 -18.40 23.09 5.45
CA GLU C 323 -19.69 23.44 4.88
C GLU C 323 -20.44 22.19 4.45
N VAL C 324 -19.74 21.32 3.71
CA VAL C 324 -20.34 20.13 3.15
C VAL C 324 -20.65 19.02 4.20
N THR C 325 -19.73 18.80 5.15
CA THR C 325 -19.87 17.70 6.12
C THR C 325 -20.54 18.10 7.44
N ARG C 326 -20.64 19.40 7.67
CA ARG C 326 -21.26 19.92 8.88
C ARG C 326 -20.57 19.46 10.16
N VAL C 327 -19.31 19.05 10.06
CA VAL C 327 -18.54 18.80 11.27
C VAL C 327 -17.61 19.98 11.59
N ASP C 328 -17.41 20.24 12.89
CA ASP C 328 -16.52 21.30 13.34
C ASP C 328 -15.12 21.23 12.71
N PRO C 329 -14.55 22.40 12.39
CA PRO C 329 -13.22 22.40 11.75
C PRO C 329 -12.21 21.62 12.58
N ASP C 330 -12.36 21.66 13.90
CA ASP C 330 -11.48 20.89 14.78
C ASP C 330 -11.54 19.40 14.49
N ILE C 331 -12.76 18.89 14.37
CA ILE C 331 -12.93 17.48 14.10
C ILE C 331 -12.43 17.17 12.69
N VAL C 332 -12.70 18.06 11.73
CA VAL C 332 -12.22 17.81 10.37
C VAL C 332 -10.71 17.65 10.37
N MET C 333 -10.05 18.50 11.14
CA MET C 333 -8.60 18.42 11.23
C MET C 333 -8.07 17.18 11.95
N GLN C 334 -8.85 16.63 12.88
CA GLN C 334 -8.51 15.33 13.50
C GLN C 334 -8.66 14.20 12.49
N GLU C 335 -9.56 14.36 11.54
CA GLU C 335 -9.84 13.34 10.55
C GLU C 335 -9.19 13.59 9.20
N SER C 336 -8.18 14.47 9.15
CA SER C 336 -7.54 14.77 7.87
C SER C 336 -6.07 15.10 7.96
N GLU C 337 -5.40 15.02 6.83
CA GLU C 337 -4.05 15.54 6.68
C GLU C 337 -4.03 16.36 5.39
N PHE C 338 -3.53 17.58 5.49
CA PHE C 338 -3.48 18.49 4.36
C PHE C 338 -2.04 18.78 4.01
N SER C 339 -1.82 19.18 2.77
CA SER C 339 -0.55 19.72 2.32
C SER C 339 -0.84 20.89 1.39
N PHE C 340 -0.32 22.07 1.71
CA PHE C 340 -0.47 23.24 0.84
C PHE C 340 0.87 23.87 0.51
N TYR C 341 1.00 24.31 -0.73
CA TYR C 341 2.16 25.10 -1.11
C TYR C 341 1.68 26.08 -2.15
N GLY C 342 1.23 27.24 -1.68
CA GLY C 342 0.53 28.19 -2.51
C GLY C 342 -0.74 27.54 -3.03
N ASP C 343 -0.83 27.42 -4.35
CA ASP C 343 -2.02 26.85 -4.95
C ASP C 343 -1.99 25.31 -4.93
N ASP C 344 -0.83 24.75 -4.64
CA ASP C 344 -0.62 23.30 -4.67
C ASP C 344 -1.18 22.61 -3.41
N GLU C 345 -1.93 21.52 -3.60
CA GLU C 345 -2.55 20.86 -2.47
C GLU C 345 -2.63 19.34 -2.59
N VAL C 346 -2.63 18.67 -1.45
CA VAL C 346 -3.11 17.31 -1.36
C VAL C 346 -4.04 17.28 -0.17
N VAL C 347 -5.22 16.69 -0.33
CA VAL C 347 -6.15 16.61 0.78
C VAL C 347 -6.45 15.14 1.07
N SER C 348 -6.24 14.73 2.31
CA SER C 348 -6.57 13.36 2.70
C SER C 348 -7.47 13.38 3.91
N THR C 349 -8.49 12.54 3.91
CA THR C 349 -9.42 12.54 5.03
C THR C 349 -10.12 11.20 5.21
N ASN C 350 -10.60 10.97 6.42
CA ASN C 350 -11.48 9.84 6.66
C ASN C 350 -12.95 10.19 6.42
N LEU C 351 -13.27 11.47 6.28
CA LEU C 351 -14.66 11.87 6.14
C LEU C 351 -15.22 11.47 4.79
N GLU C 352 -16.45 10.97 4.79
CA GLU C 352 -17.15 10.67 3.57
C GLU C 352 -17.66 11.99 3.01
N LEU C 353 -16.93 12.53 2.06
CA LEU C 353 -17.16 13.88 1.56
C LEU C 353 -18.06 13.85 0.33
N ASP C 354 -19.18 14.58 0.38
CA ASP C 354 -20.04 14.75 -0.79
C ASP C 354 -19.33 15.61 -1.85
N MET C 355 -18.72 14.93 -2.81
CA MET C 355 -17.87 15.60 -3.77
C MET C 355 -18.60 16.67 -4.60
N VAL C 356 -19.86 16.42 -4.94
CA VAL C 356 -20.64 17.41 -5.66
C VAL C 356 -20.79 18.72 -4.86
N LYS C 357 -21.19 18.57 -3.59
CA LYS C 357 -21.34 19.72 -2.72
C LYS C 357 -20.03 20.44 -2.50
N TYR C 358 -18.97 19.66 -2.36
CA TYR C 358 -17.63 20.20 -2.18
C TYR C 358 -17.19 21.04 -3.39
N THR C 359 -17.37 20.52 -4.60
CA THR C 359 -16.98 21.24 -5.81
C THR C 359 -17.84 22.51 -5.99
N MET C 360 -19.11 22.45 -5.64
CA MET C 360 -19.94 23.63 -5.73
C MET C 360 -19.48 24.68 -4.75
N ALA C 361 -19.06 24.26 -3.57
CA ALA C 361 -18.67 25.24 -2.57
C ALA C 361 -17.41 25.99 -3.05
N LEU C 362 -16.46 25.24 -3.59
CA LEU C 362 -15.20 25.81 -4.07
C LEU C 362 -15.43 26.77 -5.26
N ARG C 363 -16.32 26.42 -6.18
CA ARG C 363 -16.66 27.34 -7.27
C ARG C 363 -17.36 28.57 -6.75
N ARG C 364 -18.17 28.39 -5.72
CA ARG C 364 -18.86 29.51 -5.12
C ARG C 364 -17.87 30.53 -4.56
N TYR C 365 -16.74 30.07 -4.03
CA TYR C 365 -15.74 31.00 -3.52
C TYR C 365 -14.99 31.70 -4.66
N GLY C 366 -15.26 31.30 -5.89
CA GLY C 366 -14.61 31.92 -7.03
C GLY C 366 -13.40 31.15 -7.51
N LEU C 367 -13.13 30.02 -6.88
CA LEU C 367 -12.05 29.12 -7.28
C LEU C 367 -12.42 28.35 -8.55
N LEU C 368 -11.39 27.91 -9.27
CA LEU C 368 -11.60 27.14 -10.48
C LEU C 368 -10.96 25.73 -10.36
N PRO C 369 -11.56 24.88 -9.52
CA PRO C 369 -11.09 23.50 -9.45
C PRO C 369 -11.23 22.81 -10.81
N THR C 370 -10.38 21.83 -11.12
CA THR C 370 -10.52 21.12 -12.39
C THR C 370 -10.36 19.62 -12.22
N ARG C 371 -11.13 18.85 -12.99
CA ARG C 371 -11.02 17.40 -12.97
C ARG C 371 -9.72 16.97 -13.64
N ALA C 372 -9.24 15.79 -13.29
CA ALA C 372 -8.09 15.23 -13.98
C ALA C 372 -8.35 15.08 -15.47
N ASP C 373 -9.58 14.69 -15.84
CA ASP C 373 -9.94 14.52 -17.25
C ASP C 373 -10.43 15.82 -17.89
N LYS C 374 -10.25 16.93 -17.20
CA LYS C 374 -10.70 18.24 -17.68
C LYS C 374 -12.17 18.28 -18.13
N GLU C 375 -12.94 17.26 -17.77
CA GLU C 375 -14.36 17.24 -18.10
C GLU C 375 -15.15 17.98 -17.04
N GLU C 376 -16.39 18.33 -17.34
CA GLU C 376 -17.24 19.08 -16.40
C GLU C 376 -17.46 18.28 -15.11
N GLY C 377 -17.21 18.96 -13.98
CA GLY C 377 -17.13 18.37 -12.64
C GLY C 377 -18.26 17.43 -12.29
N PRO C 378 -18.30 16.90 -11.06
CA PRO C 378 -17.55 17.17 -9.82
C PRO C 378 -16.15 16.55 -9.72
N LEU C 379 -15.36 17.07 -8.78
CA LEU C 379 -14.04 16.53 -8.41
C LEU C 379 -14.12 15.07 -7.95
N GLU C 380 -13.14 14.27 -8.32
CA GLU C 380 -13.15 12.88 -7.88
C GLU C 380 -12.30 12.72 -6.62
N ARG C 381 -12.59 11.68 -5.86
CA ARG C 381 -11.72 11.29 -4.76
C ARG C 381 -11.40 9.81 -4.89
N ARG C 382 -10.23 9.40 -4.41
CA ARG C 382 -9.75 8.04 -4.57
C ARG C 382 -9.37 7.49 -3.23
N GLN C 383 -9.21 6.18 -3.13
CA GLN C 383 -8.82 5.59 -1.86
C GLN C 383 -7.35 5.16 -1.85
N THR C 384 -6.58 5.64 -2.81
CA THR C 384 -5.13 5.44 -2.79
C THR C 384 -4.37 6.73 -3.06
N LEU C 385 -3.25 6.90 -2.37
CA LEU C 385 -2.43 8.09 -2.51
C LEU C 385 -1.55 8.05 -3.78
N GLN C 386 -1.14 6.87 -4.21
CA GLN C 386 -0.35 6.79 -5.43
C GLN C 386 -1.09 7.48 -6.57
N GLY C 387 -0.37 8.23 -7.39
CA GLY C 387 -0.97 8.85 -8.55
C GLY C 387 -1.26 10.33 -8.35
N ILE C 388 -1.49 10.69 -7.09
CA ILE C 388 -1.61 12.09 -6.74
C ILE C 388 -0.21 12.67 -6.65
N SER C 389 -0.05 13.92 -7.06
CA SER C 389 1.28 14.52 -7.05
C SER C 389 1.35 15.79 -6.20
N PHE C 390 2.57 16.26 -5.96
CA PHE C 390 2.79 17.42 -5.12
C PHE C 390 4.13 18.04 -5.43
N LEU C 391 4.18 19.37 -5.55
CA LEU C 391 5.40 20.07 -5.98
C LEU C 391 6.02 19.44 -7.23
N ARG C 392 5.17 19.08 -8.18
CA ARG C 392 5.62 18.58 -9.47
C ARG C 392 6.22 17.17 -9.41
N ARG C 393 6.03 16.47 -8.29
CA ARG C 393 6.50 15.09 -8.14
C ARG C 393 5.31 14.17 -7.90
N ALA C 394 5.34 12.98 -8.49
CA ALA C 394 4.36 11.93 -8.19
C ALA C 394 4.68 11.22 -6.88
N ILE C 395 3.64 10.99 -6.09
CA ILE C 395 3.77 10.34 -4.81
C ILE C 395 3.78 8.83 -5.01
N VAL C 396 4.90 8.21 -4.64
CA VAL C 396 5.06 6.77 -4.82
C VAL C 396 5.30 6.05 -3.50
N GLY C 397 4.80 4.83 -3.40
CA GLY C 397 4.97 4.05 -2.20
C GLY C 397 5.37 2.62 -2.49
N ASP C 398 6.37 2.12 -1.74
CA ASP C 398 6.84 0.74 -1.91
C ASP C 398 7.23 0.14 -0.55
N GLN C 399 7.96 -0.97 -0.55
CA GLN C 399 8.32 -1.68 0.68
C GLN C 399 9.03 -0.78 1.67
N PHE C 400 9.71 0.24 1.15
CA PHE C 400 10.54 1.08 1.99
C PHE C 400 9.80 2.31 2.53
N GLY C 401 8.70 2.68 1.90
CA GLY C 401 7.93 3.85 2.30
C GLY C 401 7.47 4.72 1.14
N TRP C 402 7.14 5.98 1.45
CA TRP C 402 6.64 6.90 0.43
C TRP C 402 7.74 7.83 0.00
N TYR C 403 7.61 8.37 -1.20
CA TYR C 403 8.56 9.34 -1.70
C TYR C 403 8.00 10.06 -2.91
N GLY C 404 8.65 11.15 -3.29
CA GLY C 404 8.25 11.92 -4.44
C GLY C 404 9.19 11.67 -5.60
N ARG C 405 8.63 11.38 -6.77
CA ARG C 405 9.41 11.04 -7.93
C ARG C 405 9.01 11.88 -9.14
N LEU C 406 10.02 12.47 -9.76
CA LEU C 406 9.85 13.24 -10.97
C LEU C 406 9.46 12.30 -12.11
N ASP C 407 8.44 12.67 -12.87
CA ASP C 407 7.99 11.84 -13.98
C ASP C 407 9.07 11.80 -15.07
N ARG C 408 8.98 10.80 -15.94
CA ARG C 408 9.97 10.62 -17.00
C ARG C 408 9.97 11.77 -18.01
N ALA C 409 8.78 12.25 -18.37
CA ALA C 409 8.68 13.39 -19.28
C ALA C 409 9.48 14.60 -18.81
N SER C 410 9.47 14.84 -17.49
CA SER C 410 10.17 15.98 -16.91
C SER C 410 11.67 15.71 -16.87
N ILE C 411 12.03 14.45 -16.66
CA ILE C 411 13.44 14.08 -16.66
C ILE C 411 13.96 14.20 -18.08
N ASP C 412 13.18 13.73 -19.04
CA ASP C 412 13.59 13.81 -20.42
C ASP C 412 13.80 15.28 -20.80
N ARG C 413 12.86 16.14 -20.39
CA ARG C 413 12.95 17.58 -20.67
C ARG C 413 14.25 18.22 -20.17
N GLN C 414 14.64 17.91 -18.95
CA GLN C 414 15.84 18.51 -18.40
C GLN C 414 17.09 18.00 -19.11
N LEU C 415 16.90 17.08 -20.05
CA LEU C 415 18.03 16.55 -20.81
C LEU C 415 18.18 17.35 -22.10
N LEU C 416 17.06 17.86 -22.59
CA LEU C 416 17.03 18.59 -23.85
C LEU C 416 17.45 20.02 -23.65
N TRP C 417 17.35 20.49 -22.41
CA TRP C 417 17.57 21.90 -22.10
C TRP C 417 18.52 22.10 -20.95
N THR C 418 19.31 23.16 -21.03
CA THR C 418 20.12 23.57 -19.90
C THR C 418 20.01 25.09 -19.70
N LYS C 419 20.35 25.56 -18.51
CA LYS C 419 20.24 26.98 -18.19
C LYS C 419 21.54 27.70 -18.41
N GLY C 420 21.45 28.87 -19.03
CA GLY C 420 22.63 29.69 -19.22
C GLY C 420 22.26 31.16 -19.22
N PRO C 421 23.14 31.99 -19.78
CA PRO C 421 22.88 33.44 -19.88
C PRO C 421 21.74 33.71 -20.86
N ASN C 422 20.99 34.77 -20.61
CA ASN C 422 19.88 35.10 -21.49
C ASN C 422 20.32 35.25 -22.95
N HIS C 423 19.55 34.63 -23.84
CA HIS C 423 19.78 34.76 -25.26
C HIS C 423 18.45 34.76 -26.02
N GLN C 424 18.50 35.12 -27.29
CA GLN C 424 17.29 35.33 -28.09
C GLN C 424 16.80 34.07 -28.79
N ASN C 425 17.71 33.18 -29.17
CA ASN C 425 17.31 31.97 -29.90
C ASN C 425 17.47 30.70 -29.08
N PRO C 426 16.36 30.16 -28.57
CA PRO C 426 16.41 29.05 -27.62
C PRO C 426 17.06 27.81 -28.20
N PHE C 427 17.13 27.72 -29.53
CA PHE C 427 17.66 26.53 -30.18
C PHE C 427 19.19 26.51 -30.29
N GLU C 428 19.85 27.65 -30.07
CA GLU C 428 21.31 27.67 -29.97
C GLU C 428 21.73 26.63 -28.95
N THR C 429 22.89 26.02 -29.16
CA THR C 429 23.48 25.13 -28.16
C THR C 429 24.41 25.93 -27.27
N LEU C 430 24.44 25.62 -25.99
CA LEU C 430 25.33 26.32 -25.08
C LEU C 430 26.71 25.72 -25.21
N PRO C 431 27.64 26.45 -25.86
CA PRO C 431 28.98 25.92 -26.13
C PRO C 431 29.72 25.45 -24.89
N GLY C 432 30.60 24.46 -25.07
CA GLY C 432 31.41 23.95 -23.98
C GLY C 432 30.63 23.24 -22.88
N HIS C 433 30.91 21.96 -22.70
CA HIS C 433 30.30 21.17 -21.62
C HIS C 433 30.37 21.93 -20.29
N ALA C 434 31.39 21.60 -19.49
CA ALA C 434 31.68 22.31 -18.25
C ALA C 434 30.50 22.41 -17.29
N GLN C 435 29.95 23.63 -17.17
CA GLN C 435 28.92 23.92 -16.19
C GLN C 435 27.69 23.01 -16.27
N ARG C 436 27.56 22.15 -15.27
CA ARG C 436 26.45 21.22 -15.12
C ARG C 436 26.88 20.18 -14.09
N PRO C 437 27.40 20.65 -12.94
CA PRO C 437 28.12 19.79 -11.99
C PRO C 437 27.26 18.70 -11.36
N SER C 438 26.83 18.91 -10.12
CA SER C 438 26.00 17.97 -9.39
C SER C 438 24.53 18.08 -9.81
N GLN C 439 24.28 18.80 -10.90
CA GLN C 439 22.94 18.84 -11.48
C GLN C 439 22.69 17.53 -12.20
N LEU C 440 23.77 16.93 -12.69
CA LEU C 440 23.68 15.65 -13.39
C LEU C 440 23.48 14.49 -12.42
N MET C 441 24.11 14.57 -11.26
CA MET C 441 23.96 13.55 -10.24
C MET C 441 22.49 13.41 -9.81
N ALA C 442 21.86 14.55 -9.50
CA ALA C 442 20.47 14.56 -9.07
C ALA C 442 19.52 14.01 -10.13
N LEU C 443 19.86 14.21 -11.39
CA LEU C 443 18.99 13.74 -12.46
C LEU C 443 19.10 12.23 -12.54
N LEU C 444 20.30 11.74 -12.28
CA LEU C 444 20.57 10.31 -12.23
C LEU C 444 19.77 9.69 -11.08
N GLY C 445 19.74 10.37 -9.94
CA GLY C 445 18.94 9.92 -8.82
C GLY C 445 17.50 9.72 -9.24
N GLU C 446 16.91 10.76 -9.84
CA GLU C 446 15.52 10.72 -10.27
C GLU C 446 15.27 9.56 -11.23
N ALA C 447 16.20 9.32 -12.14
CA ALA C 447 16.00 8.29 -13.15
C ALA C 447 16.07 6.91 -12.51
N ALA C 448 16.85 6.81 -11.43
CA ALA C 448 17.06 5.55 -10.75
C ALA C 448 15.79 5.09 -10.07
N MET C 449 14.98 6.06 -9.63
CA MET C 449 13.70 5.75 -9.01
C MET C 449 12.65 5.22 -9.99
N HIS C 450 12.95 5.25 -11.28
CA HIS C 450 12.06 4.65 -12.27
C HIS C 450 12.51 3.23 -12.65
N GLY C 451 13.51 2.71 -11.96
CA GLY C 451 13.99 1.36 -12.22
C GLY C 451 15.24 1.29 -13.09
N GLU C 452 15.86 0.12 -13.13
CA GLU C 452 17.12 -0.06 -13.85
C GLU C 452 17.00 0.18 -15.36
N LYS C 453 15.93 -0.33 -15.97
CA LYS C 453 15.77 -0.17 -17.41
C LYS C 453 15.81 1.30 -17.85
N TYR C 454 15.09 2.17 -17.14
CA TYR C 454 15.08 3.59 -17.45
C TYR C 454 16.42 4.25 -17.13
N TYR C 455 16.95 4.00 -15.94
CA TYR C 455 18.30 4.46 -15.57
C TYR C 455 19.28 3.77 -16.50
N ARG C 456 20.15 4.52 -17.17
CA ARG C 456 20.86 3.94 -18.31
C ARG C 456 19.84 3.87 -19.43
N THR C 457 20.13 4.63 -20.48
CA THR C 457 19.11 5.29 -21.28
C THR C 457 19.34 6.71 -20.81
N VAL C 458 19.03 6.95 -19.55
CA VAL C 458 19.37 8.22 -18.93
C VAL C 458 20.88 8.27 -18.71
N ALA C 459 21.45 7.13 -18.33
CA ALA C 459 22.91 7.02 -18.31
C ALA C 459 23.42 7.03 -19.75
N SER C 460 24.06 8.14 -20.10
CA SER C 460 24.45 8.49 -21.47
C SER C 460 24.30 10.00 -21.64
N ARG C 461 25.38 10.70 -21.34
CA ARG C 461 25.51 12.15 -21.49
C ARG C 461 26.22 12.53 -22.80
N VAL C 462 27.34 13.25 -22.68
CA VAL C 462 28.15 13.62 -23.84
C VAL C 462 29.61 13.90 -23.46
N SER C 463 29.82 14.20 -22.17
CA SER C 463 31.12 14.66 -21.69
C SER C 463 32.30 13.81 -22.14
N VAL C 474 32.27 7.54 -15.16
CA VAL C 474 31.82 8.47 -14.13
C VAL C 474 30.41 8.12 -13.68
N VAL C 475 29.79 7.18 -14.40
CA VAL C 475 28.41 6.76 -14.14
C VAL C 475 28.33 5.64 -13.11
N PRO C 476 27.78 5.94 -11.92
CA PRO C 476 27.68 4.98 -10.82
C PRO C 476 26.69 3.87 -11.11
N ARG C 477 26.79 2.78 -10.36
CA ARG C 477 25.90 1.64 -10.53
C ARG C 477 24.48 2.04 -10.09
N HIS C 478 23.49 1.52 -10.80
CA HIS C 478 22.09 1.84 -10.50
C HIS C 478 21.76 1.65 -9.03
N ARG C 479 21.89 0.41 -8.55
CA ARG C 479 21.55 0.07 -7.17
C ARG C 479 22.22 1.03 -6.18
N SER C 480 23.44 1.44 -6.49
CA SER C 480 24.14 2.39 -5.64
C SER C 480 23.46 3.77 -5.63
N VAL C 481 23.11 4.28 -6.80
CA VAL C 481 22.48 5.59 -6.87
C VAL C 481 21.11 5.57 -6.20
N LEU C 482 20.37 4.50 -6.45
CA LEU C 482 19.02 4.32 -5.94
C LEU C 482 19.03 4.40 -4.43
N ARG C 483 19.94 3.66 -3.83
CA ARG C 483 20.07 3.60 -2.39
C ARG C 483 20.40 5.00 -1.88
N TRP C 484 21.25 5.71 -2.62
CA TRP C 484 21.60 7.07 -2.24
C TRP C 484 20.40 8.03 -2.25
N VAL C 485 19.63 8.08 -3.33
CA VAL C 485 18.48 9.00 -3.35
C VAL C 485 17.39 8.62 -2.37
N ARG C 486 17.07 7.33 -2.28
CA ARG C 486 16.03 6.89 -1.35
C ARG C 486 16.40 7.04 0.12
N PHE C 487 17.59 6.58 0.51
CA PHE C 487 17.93 6.46 1.93
C PHE C 487 19.09 7.30 2.42
N GLY C 488 19.74 8.04 1.53
CA GLY C 488 20.80 8.97 1.92
C GLY C 488 20.30 10.05 2.87
N THR C 489 21.15 11.00 3.26
CA THR C 489 22.51 11.18 2.74
C THR C 489 22.54 11.65 1.29
N1 RBV D . -21.82 -23.03 -19.42
N2 RBV D . -22.24 -22.76 -18.15
C3 RBV D . -23.01 -23.78 -17.75
N3 RBV D . -24.33 -22.78 -15.79
O3 RBV D . -23.58 -24.98 -15.74
N4 RBV D . -23.08 -24.68 -18.78
C5 RBV D . -22.33 -24.19 -19.81
C6 RBV D . -23.68 -23.91 -16.38
C1' RBV D . -20.94 -22.19 -20.19
C2' RBV D . -20.22 -22.97 -21.27
O2' RBV D . -18.98 -22.34 -21.52
C3' RBV D . -21.15 -22.77 -22.45
O3' RBV D . -20.53 -22.99 -23.71
C4' RBV D . -21.62 -21.34 -22.26
O4' RBV D . -21.71 -21.20 -20.83
C5' RBV D . -22.95 -21.00 -22.88
O5' RBV D . -24.03 -21.27 -21.98
S SO4 E . -24.49 -42.32 -35.29
O1 SO4 E . -23.81 -42.78 -34.07
O2 SO4 E . -23.59 -42.40 -36.43
O3 SO4 E . -25.64 -43.20 -35.52
O4 SO4 E . -24.92 -40.95 -35.09
S SO4 F . -12.12 -28.24 -51.17
O1 SO4 F . -12.49 -29.37 -50.33
O2 SO4 F . -11.13 -27.40 -50.49
O3 SO4 F . -11.53 -28.75 -52.41
O4 SO4 F . -13.31 -27.45 -51.48
S SO4 G . -17.45 -29.21 5.66
O1 SO4 G . -17.27 -30.65 5.47
O2 SO4 G . -16.16 -28.54 5.55
O3 SO4 G . -18.37 -28.69 4.65
O4 SO4 G . -18.01 -28.97 6.99
S SO4 H . -48.81 -27.36 -33.14
O1 SO4 H . -49.38 -28.68 -33.35
O2 SO4 H . -47.37 -27.37 -33.43
O3 SO4 H . -49.41 -26.37 -34.03
O4 SO4 H . -49.05 -26.98 -31.75
S SO4 I . -27.98 -15.26 -15.91
O1 SO4 I . -27.21 -15.27 -14.67
O2 SO4 I . -27.08 -15.54 -17.02
O3 SO4 I . -28.59 -13.95 -16.09
O4 SO4 I . -29.02 -16.29 -15.86
S SO4 J . -39.34 -5.97 -34.68
O1 SO4 J . -38.70 -5.57 -33.43
O2 SO4 J . -38.44 -6.83 -35.44
O3 SO4 J . -39.68 -4.77 -35.44
O4 SO4 J . -40.57 -6.69 -34.36
S SO4 K . -4.75 -17.33 -44.36
O1 SO4 K . -4.57 -17.83 -43.00
O2 SO4 K . -3.62 -17.71 -45.19
O3 SO4 K . -5.98 -17.92 -44.91
O4 SO4 K . -4.88 -15.88 -44.33
S SO4 L . -31.53 -33.26 4.57
O1 SO4 L . -32.07 -33.01 5.91
O2 SO4 L . -30.21 -33.87 4.67
O3 SO4 L . -31.42 -31.99 3.86
O4 SO4 L . -32.44 -34.17 3.85
MG MG M . -22.37 -22.97 -8.18
C1 GOL N . -40.16 -26.24 -36.14
O1 GOL N . -39.47 -27.04 -35.21
C2 GOL N . -39.91 -24.76 -35.82
O2 GOL N . -39.44 -24.64 -34.50
C3 GOL N . -41.20 -23.95 -35.99
O3 GOL N . -41.01 -22.61 -35.55
C1 GOL O . -19.99 -35.28 5.65
O1 GOL O . -18.97 -36.22 5.35
C2 GOL O . -19.62 -34.48 6.90
O2 GOL O . -18.25 -34.62 7.21
C3 GOL O . -20.48 -34.93 8.07
O3 GOL O . -21.84 -34.88 7.71
C1 GOL P . -33.21 -51.59 -7.71
O1 GOL P . -34.44 -50.99 -7.37
C2 GOL P . -32.62 -50.76 -8.84
O2 GOL P . -33.53 -49.70 -9.10
C3 GOL P . -32.45 -51.62 -10.09
O3 GOL P . -31.93 -50.84 -11.15
C1 GOL Q . -23.93 -39.12 -15.23
O1 GOL Q . -24.03 -40.46 -14.84
C2 GOL Q . -24.94 -38.29 -14.45
O2 GOL Q . -24.55 -36.94 -14.40
C3 GOL Q . -25.05 -38.86 -13.04
O3 GOL Q . -26.10 -38.20 -12.37
C1 GOL R . -35.58 -31.50 1.13
O1 GOL R . -34.82 -32.48 1.82
C2 GOL R . -34.70 -30.39 0.55
O2 GOL R . -34.05 -29.75 1.63
C3 GOL R . -35.54 -29.39 -0.25
O3 GOL R . -35.29 -29.41 -1.64
C1 GOL S . -3.78 -15.70 3.67
O1 GOL S . -4.41 -16.59 4.59
C2 GOL S . -4.46 -14.34 3.71
O2 GOL S . -5.62 -14.37 2.90
C3 GOL S . -3.55 -13.21 3.27
O3 GOL S . -4.12 -11.96 3.64
C1 GOL T . -7.10 -27.01 -7.46
O1 GOL T . -6.88 -26.13 -8.54
C2 GOL T . -8.47 -27.66 -7.60
O2 GOL T . -9.45 -26.66 -7.77
C3 GOL T . -8.47 -28.60 -8.80
O3 GOL T . -9.34 -29.68 -8.56
C1 GOL U . 0.61 -34.06 -27.76
O1 GOL U . 1.90 -33.58 -28.07
C2 GOL U . -0.20 -32.96 -27.10
O2 GOL U . 0.65 -32.10 -26.40
C3 GOL U . -1.20 -33.59 -26.13
O3 GOL U . -2.43 -32.91 -26.21
C1 GOL V . -15.26 -32.17 -29.49
O1 GOL V . -16.26 -32.45 -30.46
C2 GOL V . -15.22 -33.23 -28.40
O2 GOL V . -16.39 -33.13 -27.60
C3 GOL V . -13.97 -33.03 -27.56
O3 GOL V . -13.90 -33.95 -26.48
C1 GOL W . -21.91 -4.64 -46.27
O1 GOL W . -21.47 -5.29 -47.45
C2 GOL W . -23.28 -5.20 -45.90
O2 GOL W . -23.84 -4.37 -44.92
C3 GOL W . -24.19 -5.26 -47.13
O3 GOL W . -23.46 -5.77 -48.23
N1 RBV X . 16.29 -6.45 24.98
N2 RBV X . 16.17 -5.12 24.83
C3 RBV X . 15.14 -4.72 25.60
N3 RBV X . 15.22 -2.45 26.75
O3 RBV X . 13.80 -2.84 24.96
N4 RBV X . 14.62 -5.83 26.22
C5 RBV X . 15.35 -6.90 25.80
C6 RBV X . 14.65 -3.28 25.75
C1' RBV X . 17.28 -7.24 24.29
C2' RBV X . 18.54 -6.47 23.94
O2' RBV X . 18.36 -5.65 22.81
C3' RBV X . 19.51 -7.62 23.75
O3' RBV X . 19.27 -8.23 22.49
C4' RBV X . 19.10 -8.59 24.85
O4' RBV X . 17.70 -8.29 25.13
C5' RBV X . 19.90 -8.49 26.12
O5' RBV X . 19.22 -9.09 27.22
S SO4 Y . 50.49 -10.98 21.32
O1 SO4 Y . 49.97 -11.57 22.55
O2 SO4 Y . 51.86 -11.44 21.09
O3 SO4 Y . 49.65 -11.36 20.20
O4 SO4 Y . 50.50 -9.52 21.46
S SO4 Z . 11.11 -11.56 30.88
O1 SO4 Z . 10.77 -12.98 30.86
O2 SO4 Z . 12.47 -11.35 30.38
O3 SO4 Z . 10.16 -10.83 30.05
O4 SO4 Z . 11.02 -11.08 32.27
S SO4 AA . 27.73 0.51 52.18
O1 SO4 AA . 28.10 -0.76 52.81
O2 SO4 AA . 28.23 1.63 52.98
O3 SO4 AA . 26.28 0.62 52.12
O4 SO4 AA . 28.28 0.57 50.83
S SO4 BA . 42.09 -21.33 13.99
O1 SO4 BA . 42.07 -22.44 14.94
O2 SO4 BA . 43.11 -21.57 12.97
O3 SO4 BA . 40.78 -21.19 13.36
O4 SO4 BA . 42.41 -20.10 14.71
S SO4 CA . -0.64 5.86 32.35
O1 SO4 CA . -1.22 4.77 33.15
O2 SO4 CA . 0.63 6.25 32.92
O3 SO4 CA . -0.42 5.42 30.97
O4 SO4 CA . -1.55 7.02 32.36
S SO4 DA . 24.30 -14.37 49.09
O1 SO4 DA . 24.57 -15.25 50.23
O2 SO4 DA . 24.51 -15.14 47.86
O3 SO4 DA . 25.21 -13.22 49.10
O4 SO4 DA . 22.91 -13.92 49.16
S SO4 EA . -4.81 10.14 26.32
O1 SO4 EA . -5.81 9.24 26.91
O2 SO4 EA . -3.49 9.54 26.46
O3 SO4 EA . -5.10 10.34 24.91
O4 SO4 EA . -4.84 11.43 27.02
MG MG FA . 6.21 -4.10 22.42
C1 GOL GA . 15.88 11.06 22.79
O1 GOL GA . 17.16 10.54 22.51
C2 GOL GA . 14.90 9.94 23.06
O2 GOL GA . 13.80 10.40 23.82
C3 GOL GA . 15.60 8.81 23.80
O3 GOL GA . 15.09 7.56 23.39
C1 GOL HA . 5.49 -19.55 1.04
O1 GOL HA . 6.83 -19.35 0.64
C2 GOL HA . 5.12 -21.03 0.93
O2 GOL HA . 6.04 -21.70 0.10
C3 GOL HA . 5.15 -21.68 2.31
O3 GOL HA . 4.36 -20.92 3.23
C1 GOL IA . 29.96 -2.79 44.40
O1 GOL IA . 31.06 -1.97 44.77
C2 GOL IA . 30.29 -4.26 44.57
O2 GOL IA . 30.09 -4.91 43.33
C3 GOL IA . 29.35 -4.89 45.59
O3 GOL IA . 29.79 -6.16 46.02
C1 GOL JA . -4.38 -19.30 6.47
O1 GOL JA . -4.78 -18.86 7.75
C2 GOL JA . -4.12 -20.80 6.52
O2 GOL JA . -3.30 -21.10 7.63
C3 GOL JA . -3.40 -21.21 5.25
O3 GOL JA . -3.51 -22.61 5.12
C1 GOL KA . 10.72 -28.58 8.61
O1 GOL KA . 9.39 -29.06 8.66
C2 GOL KA . 11.28 -28.68 7.19
O2 GOL KA . 10.24 -28.97 6.30
C3 GOL KA . 12.33 -29.79 7.16
O3 GOL KA . 13.17 -29.65 6.03
C1 GOL LA . 6.25 -16.28 34.06
O1 GOL LA . 7.60 -15.87 34.18
C2 GOL LA . 6.08 -17.75 34.42
O2 GOL LA . 7.25 -18.24 35.06
C3 GOL LA . 5.80 -18.58 33.17
O3 GOL LA . 5.92 -19.95 33.51
C1 GOL MA . -2.77 10.40 14.41
O1 GOL MA . -4.04 10.05 14.94
C2 GOL MA . -2.92 10.91 12.98
O2 GOL MA . -3.64 9.96 12.23
C3 GOL MA . -1.54 11.15 12.35
O3 GOL MA . -1.46 12.46 11.81
C1 GOL NA . 29.34 -4.77 3.28
O1 GOL NA . 29.70 -4.37 1.99
C2 GOL NA . 29.81 -3.77 4.33
O2 GOL NA . 30.67 -2.83 3.72
C3 GOL NA . 28.61 -3.06 4.96
O3 GOL NA . 28.82 -2.84 6.35
C1 GOL OA . -3.45 -7.03 1.84
O1 GOL OA . -3.45 -6.16 0.72
C2 GOL OA . -4.61 -8.01 1.72
O2 GOL OA . -4.26 -9.29 2.21
C3 GOL OA . -5.80 -7.48 2.48
O3 GOL OA . -6.71 -8.53 2.68
N1 RBV PA . 3.19 32.08 -7.51
N2 RBV PA . 4.15 32.39 -8.42
C3 RBV PA . 3.51 32.48 -9.60
N3 RBV PA . 4.84 31.78 -11.65
O3 RBV PA . 3.80 33.87 -11.50
N4 RBV PA . 2.19 32.23 -9.42
C5 RBV PA . 2.02 31.99 -8.10
C6 RBV PA . 4.11 32.80 -10.95
C1' RBV PA . 3.32 31.88 -6.09
C2' RBV PA . 1.99 32.04 -5.35
O2' RBV PA . 1.81 33.35 -4.91
C3' RBV PA . 2.07 31.00 -4.25
O3' RBV PA . 2.72 31.57 -3.13
C4' RBV PA . 2.96 29.91 -4.83
O4' RBV PA . 3.75 30.55 -5.88
C5' RBV PA . 2.24 28.72 -5.42
O5' RBV PA . 3.14 27.77 -5.95
S SO4 QA . 15.81 58.14 6.21
O1 SO4 QA . 14.68 57.53 6.91
O2 SO4 QA . 16.97 57.26 6.23
O3 SO4 QA . 15.46 58.43 4.82
O4 SO4 QA . 16.13 59.40 6.90
S SO4 RA . -2.70 28.06 -13.96
O1 SO4 RA . -2.27 27.98 -12.57
O2 SO4 RA . -1.71 27.40 -14.80
O3 SO4 RA . -4.00 27.41 -14.11
O4 SO4 RA . -2.82 29.47 -14.33
MG MG SA . -1.30 18.74 -5.99
S SO4 TA . 5.91 1.93 -10.24
O1 SO4 TA . 7.35 2.09 -10.23
O2 SO4 TA . 5.55 0.81 -9.36
O3 SO4 TA . 5.45 1.63 -11.59
O4 SO4 TA . 5.27 3.14 -9.76
C1 GOL UA . 3.40 1.43 -0.39
O1 GOL UA . 2.42 0.85 -1.23
C2 GOL UA . 2.85 1.63 1.01
O2 GOL UA . 3.88 1.54 1.98
C3 GOL UA . 1.77 0.59 1.29
O3 GOL UA . 1.06 0.95 2.46
S SO4 VA . -5.20 3.35 6.89
O1 SO4 VA . -5.05 2.03 7.48
O2 SO4 VA . -4.39 4.31 7.63
O3 SO4 VA . -4.76 3.31 5.49
O4 SO4 VA . -6.60 3.75 6.94
S SO4 WA . 0.92 56.72 8.81
O1 SO4 WA . 0.94 55.27 8.69
O2 SO4 WA . 1.35 57.10 10.15
O3 SO4 WA . -0.43 57.21 8.56
O4 SO4 WA . 1.82 57.30 7.81
S SO4 XA . 7.28 42.75 -27.88
O1 SO4 XA . 7.08 41.36 -28.26
O2 SO4 XA . 8.66 42.93 -27.44
O3 SO4 XA . 7.01 43.61 -29.03
O4 SO4 XA . 6.37 43.09 -26.80
S SO4 YA . 26.63 36.80 -0.42
O1 SO4 YA . 27.07 35.43 -0.66
O2 SO4 YA . 26.28 36.95 0.99
O3 SO4 YA . 25.45 37.07 -1.24
O4 SO4 YA . 27.69 37.73 -0.76
S SO4 ZA . -9.91 28.35 -19.06
O1 SO4 ZA . -9.53 27.10 -18.39
O2 SO4 ZA . -8.83 29.32 -18.95
O3 SO4 ZA . -10.17 28.07 -20.47
O4 SO4 ZA . -11.12 28.88 -18.43
S SO4 AB . -21.19 19.36 -10.38
O1 SO4 AB . -20.91 18.93 -9.02
O2 SO4 AB . -19.99 19.93 -10.98
O3 SO4 AB . -21.62 18.22 -11.18
O4 SO4 AB . -22.26 20.36 -10.36
S SO4 BB . -10.42 14.33 -10.32
O1 SO4 BB . -10.24 13.14 -9.48
O2 SO4 BB . -9.28 15.22 -10.15
O3 SO4 BB . -10.51 13.91 -11.72
O4 SO4 BB . -11.64 15.03 -9.94
S SO4 CB . -14.12 6.50 -3.83
O1 SO4 CB . -13.61 7.34 -2.76
O2 SO4 CB . -13.03 5.74 -4.44
O3 SO4 CB . -15.11 5.57 -3.28
O4 SO4 CB . -14.75 7.35 -4.84
S SO4 DB . 6.07 8.46 -15.43
O1 SO4 DB . 6.46 7.07 -15.61
O2 SO4 DB . 7.26 9.30 -15.36
O3 SO4 DB . 5.25 8.90 -16.56
O4 SO4 DB . 5.32 8.62 -14.18
C1 GOL EB . -2.72 3.18 1.89
O1 GOL EB . -1.79 3.03 2.95
C2 GOL EB . -2.90 4.67 1.59
O2 GOL EB . -3.84 5.26 2.46
C3 GOL EB . -3.32 4.85 0.14
O3 GOL EB . -2.45 4.16 -0.71
C1 GOL FB . -10.11 54.97 -20.73
O1 GOL FB . -8.68 54.97 -20.78
C2 GOL FB . -10.63 56.37 -20.38
O2 GOL FB . -11.18 56.36 -19.08
C3 GOL FB . -11.72 56.77 -21.38
O3 GOL FB . -11.18 56.86 -22.69
C1 GOL GB . 14.79 17.90 -2.82
O1 GOL GB . 14.70 16.96 -1.78
C2 GOL GB . 15.12 19.23 -2.15
O2 GOL GB . 15.99 18.93 -1.06
C3 GOL GB . 13.84 19.86 -1.61
O3 GOL GB . 12.78 19.76 -2.55
C1 GOL HB . 18.55 41.29 -21.38
O1 GOL HB . 19.50 40.67 -20.53
C2 GOL HB . 17.13 40.89 -20.95
O2 GOL HB . 17.20 39.70 -20.17
C3 GOL HB . 16.25 40.62 -22.16
O3 GOL HB . 15.96 41.79 -22.89
C1 GOL IB . 11.35 52.91 -0.47
O1 GOL IB . 11.41 51.60 -1.01
C2 GOL IB . 12.73 53.32 0.06
O2 GOL IB . 12.83 52.85 1.38
C3 GOL IB . 12.99 54.82 -0.05
O3 GOL IB . 13.70 55.11 -1.25
C1 GOL JB . -5.60 19.20 9.61
O1 GOL JB . -5.12 20.54 9.52
C2 GOL JB . -4.47 18.23 9.32
O2 GOL JB . -4.13 17.55 10.51
C3 GOL JB . -3.30 19.06 8.80
O3 GOL JB . -2.64 18.35 7.77
#